data_7DQG
# 
_entry.id   7DQG 
# 
_audit_conform.dict_name       mmcif_pdbx.dic 
_audit_conform.dict_version    5.380 
_audit_conform.dict_location   http://mmcif.pdb.org/dictionaries/ascii/mmcif_pdbx.dic 
# 
loop_
_database_2.database_id 
_database_2.database_code 
_database_2.pdbx_database_accession 
_database_2.pdbx_DOI 
PDB   7DQG         pdb_00007dqg 10.2210/pdb7dqg/pdb 
WWPDB D_1300019844 ?            ?                   
# 
_pdbx_database_status.status_code                     REL 
_pdbx_database_status.status_code_sf                  REL 
_pdbx_database_status.status_code_mr                  ? 
_pdbx_database_status.entry_id                        7DQG 
_pdbx_database_status.recvd_initial_deposition_date   2020-12-23 
_pdbx_database_status.SG_entry                        N 
_pdbx_database_status.deposit_site                    PDBJ 
_pdbx_database_status.process_site                    PDBJ 
_pdbx_database_status.status_code_cs                  ? 
_pdbx_database_status.status_code_nmr_data            ? 
_pdbx_database_status.methods_development_category    ? 
_pdbx_database_status.pdb_format_compatible           Y 
# 
loop_
_audit_author.name 
_audit_author.pdbx_ordinal 
_audit_author.identifier_ORCID 
'Hyun, Y.'  1 ? 
'Ha, N.-C.' 2 ? 
# 
_citation.abstract                  ? 
_citation.abstract_id_CAS           ? 
_citation.book_id_ISBN              ? 
_citation.book_publisher            ? 
_citation.book_publisher_city       ? 
_citation.book_title                ? 
_citation.coordinate_linkage        ? 
_citation.country                   ? 
_citation.database_id_Medline       ? 
_citation.details                   ? 
_citation.id                        primary 
_citation.journal_abbrev            'To Be Published' 
_citation.journal_id_ASTM           ? 
_citation.journal_id_CSD            0353 
_citation.journal_id_ISSN           ? 
_citation.journal_full              ? 
_citation.journal_issue             ? 
_citation.journal_volume            ? 
_citation.language                  ? 
_citation.page_first                ? 
_citation.page_last                 ? 
_citation.title                     'Crystal structure of the phage-encoded N-acetyltransferase in complex with acetyl-CoA' 
_citation.year                      ? 
_citation.database_id_CSD           ? 
_citation.pdbx_database_id_DOI      ? 
_citation.pdbx_database_id_PubMed   ? 
_citation.unpublished_flag          ? 
# 
loop_
_citation_author.citation_id 
_citation_author.name 
_citation_author.ordinal 
_citation_author.identifier_ORCID 
primary 'Hyun, Y.'  1 ? 
primary 'Oh, H.-M.' 2 ? 
primary 'Ha, N.-C.' 3 ? 
# 
_cell.angle_alpha                  90.000 
_cell.angle_alpha_esd              ? 
_cell.angle_beta                   90.000 
_cell.angle_beta_esd               ? 
_cell.angle_gamma                  120.000 
_cell.angle_gamma_esd              ? 
_cell.entry_id                     7DQG 
_cell.details                      ? 
_cell.formula_units_Z              ? 
_cell.length_a                     68.458 
_cell.length_a_esd                 ? 
_cell.length_b                     68.458 
_cell.length_b_esd                 ? 
_cell.length_c                     218.964 
_cell.length_c_esd                 ? 
_cell.volume                       888693.009 
_cell.volume_esd                   ? 
_cell.Z_PDB                        12 
_cell.reciprocal_angle_alpha       ? 
_cell.reciprocal_angle_beta        ? 
_cell.reciprocal_angle_gamma       ? 
_cell.reciprocal_angle_alpha_esd   ? 
_cell.reciprocal_angle_beta_esd    ? 
_cell.reciprocal_angle_gamma_esd   ? 
_cell.reciprocal_length_a          ? 
_cell.reciprocal_length_b          ? 
_cell.reciprocal_length_c          ? 
_cell.reciprocal_length_a_esd      ? 
_cell.reciprocal_length_b_esd      ? 
_cell.reciprocal_length_c_esd      ? 
_cell.pdbx_unique_axis             ? 
# 
_symmetry.entry_id                         7DQG 
_symmetry.cell_setting                     ? 
_symmetry.Int_Tables_number                178 
_symmetry.space_group_name_Hall            'P 61 2 (x,y,z+5/12)' 
_symmetry.space_group_name_H-M             'P 61 2 2' 
_symmetry.pdbx_full_space_group_name_H-M   ? 
# 
loop_
_entity.id 
_entity.type 
_entity.src_method 
_entity.pdbx_description 
_entity.formula_weight 
_entity.pdbx_number_of_molecules 
_entity.pdbx_ec 
_entity.pdbx_mutation 
_entity.pdbx_fragment 
_entity.details 
1 polymer     man 'Putative acetyltransferase' 21631.705 1  ? ? ? ? 
2 non-polymer syn 'ACETYL COENZYME *A'         809.571   1  ? ? ? ? 
3 water       nat water                        18.015    63 ? ? ? ? 
# 
_entity_poly.entity_id                      1 
_entity_poly.type                           'polypeptide(L)' 
_entity_poly.nstd_linkage                   no 
_entity_poly.nstd_monomer                   no 
_entity_poly.pdbx_seq_one_letter_code       
;MASMTGGQQMGRGSEFELMLVINVVEDKIPANVYPELVEWVRDLNSIREEPIKLTMFVEDDIVRGIMAWEPGHLVYMVVP
EESRRGGVGRFMLKYLQQNSDRKHVSCRVHPTNIPALGFFHQQGFQIDRWYIAADGQRYFRMTNYNVISSHTPPEEKLLT
HYAESVPIFLSMAEGQFVLEHHHHHH
;
_entity_poly.pdbx_seq_one_letter_code_can   
;MASMTGGQQMGRGSEFELMLVINVVEDKIPANVYPELVEWVRDLNSIREEPIKLTMFVEDDIVRGIMAWEPGHLVYMVVP
EESRRGGVGRFMLKYLQQNSDRKHVSCRVHPTNIPALGFFHQQGFQIDRWYIAADGQRYFRMTNYNVISSHTPPEEKLLT
HYAESVPIFLSMAEGQFVLEHHHHHH
;
_entity_poly.pdbx_strand_id                 A 
_entity_poly.pdbx_target_identifier         ? 
# 
loop_
_entity_poly_seq.entity_id 
_entity_poly_seq.num 
_entity_poly_seq.mon_id 
_entity_poly_seq.hetero 
1 1   MET n 
1 2   ALA n 
1 3   SER n 
1 4   MET n 
1 5   THR n 
1 6   GLY n 
1 7   GLY n 
1 8   GLN n 
1 9   GLN n 
1 10  MET n 
1 11  GLY n 
1 12  ARG n 
1 13  GLY n 
1 14  SER n 
1 15  GLU n 
1 16  PHE n 
1 17  GLU n 
1 18  LEU n 
1 19  MET n 
1 20  LEU n 
1 21  VAL n 
1 22  ILE n 
1 23  ASN n 
1 24  VAL n 
1 25  VAL n 
1 26  GLU n 
1 27  ASP n 
1 28  LYS n 
1 29  ILE n 
1 30  PRO n 
1 31  ALA n 
1 32  ASN n 
1 33  VAL n 
1 34  TYR n 
1 35  PRO n 
1 36  GLU n 
1 37  LEU n 
1 38  VAL n 
1 39  GLU n 
1 40  TRP n 
1 41  VAL n 
1 42  ARG n 
1 43  ASP n 
1 44  LEU n 
1 45  ASN n 
1 46  SER n 
1 47  ILE n 
1 48  ARG n 
1 49  GLU n 
1 50  GLU n 
1 51  PRO n 
1 52  ILE n 
1 53  LYS n 
1 54  LEU n 
1 55  THR n 
1 56  MET n 
1 57  PHE n 
1 58  VAL n 
1 59  GLU n 
1 60  ASP n 
1 61  ASP n 
1 62  ILE n 
1 63  VAL n 
1 64  ARG n 
1 65  GLY n 
1 66  ILE n 
1 67  MET n 
1 68  ALA n 
1 69  TRP n 
1 70  GLU n 
1 71  PRO n 
1 72  GLY n 
1 73  HIS n 
1 74  LEU n 
1 75  VAL n 
1 76  TYR n 
1 77  MET n 
1 78  VAL n 
1 79  VAL n 
1 80  PRO n 
1 81  GLU n 
1 82  GLU n 
1 83  SER n 
1 84  ARG n 
1 85  ARG n 
1 86  GLY n 
1 87  GLY n 
1 88  VAL n 
1 89  GLY n 
1 90  ARG n 
1 91  PHE n 
1 92  MET n 
1 93  LEU n 
1 94  LYS n 
1 95  TYR n 
1 96  LEU n 
1 97  GLN n 
1 98  GLN n 
1 99  ASN n 
1 100 SER n 
1 101 ASP n 
1 102 ARG n 
1 103 LYS n 
1 104 HIS n 
1 105 VAL n 
1 106 SER n 
1 107 CYS n 
1 108 ARG n 
1 109 VAL n 
1 110 HIS n 
1 111 PRO n 
1 112 THR n 
1 113 ASN n 
1 114 ILE n 
1 115 PRO n 
1 116 ALA n 
1 117 LEU n 
1 118 GLY n 
1 119 PHE n 
1 120 PHE n 
1 121 HIS n 
1 122 GLN n 
1 123 GLN n 
1 124 GLY n 
1 125 PHE n 
1 126 GLN n 
1 127 ILE n 
1 128 ASP n 
1 129 ARG n 
1 130 TRP n 
1 131 TYR n 
1 132 ILE n 
1 133 ALA n 
1 134 ALA n 
1 135 ASP n 
1 136 GLY n 
1 137 GLN n 
1 138 ARG n 
1 139 TYR n 
1 140 PHE n 
1 141 ARG n 
1 142 MET n 
1 143 THR n 
1 144 ASN n 
1 145 TYR n 
1 146 ASN n 
1 147 VAL n 
1 148 ILE n 
1 149 SER n 
1 150 SER n 
1 151 HIS n 
1 152 THR n 
1 153 PRO n 
1 154 PRO n 
1 155 GLU n 
1 156 GLU n 
1 157 LYS n 
1 158 LEU n 
1 159 LEU n 
1 160 THR n 
1 161 HIS n 
1 162 TYR n 
1 163 ALA n 
1 164 GLU n 
1 165 SER n 
1 166 VAL n 
1 167 PRO n 
1 168 ILE n 
1 169 PHE n 
1 170 LEU n 
1 171 SER n 
1 172 MET n 
1 173 ALA n 
1 174 GLU n 
1 175 GLY n 
1 176 GLN n 
1 177 PHE n 
1 178 VAL n 
1 179 LEU n 
1 180 GLU n 
1 181 HIS n 
1 182 HIS n 
1 183 HIS n 
1 184 HIS n 
1 185 HIS n 
1 186 HIS n 
# 
_entity_src_gen.entity_id                          1 
_entity_src_gen.pdbx_src_id                        1 
_entity_src_gen.pdbx_alt_source_flag               sample 
_entity_src_gen.pdbx_seq_type                      'Biological sequence' 
_entity_src_gen.pdbx_beg_seq_num                   1 
_entity_src_gen.pdbx_end_seq_num                   186 
_entity_src_gen.gene_src_common_name               ? 
_entity_src_gen.gene_src_genus                     ? 
_entity_src_gen.pdbx_gene_src_gene                 SPN3US_0088 
_entity_src_gen.gene_src_species                   ? 
_entity_src_gen.gene_src_strain                    ? 
_entity_src_gen.gene_src_tissue                    ? 
_entity_src_gen.gene_src_tissue_fraction           ? 
_entity_src_gen.gene_src_details                   ? 
_entity_src_gen.pdbx_gene_src_fragment             ? 
_entity_src_gen.pdbx_gene_src_scientific_name      'Salmonella phage SPN3US' 
_entity_src_gen.pdbx_gene_src_ncbi_taxonomy_id     1090134 
_entity_src_gen.pdbx_gene_src_variant              ? 
_entity_src_gen.pdbx_gene_src_cell_line            ? 
_entity_src_gen.pdbx_gene_src_atcc                 ? 
_entity_src_gen.pdbx_gene_src_organ                ? 
_entity_src_gen.pdbx_gene_src_organelle            ? 
_entity_src_gen.pdbx_gene_src_cell                 ? 
_entity_src_gen.pdbx_gene_src_cellular_location    ? 
_entity_src_gen.host_org_common_name               ? 
_entity_src_gen.pdbx_host_org_scientific_name      'Escherichia coli BL21(DE3)' 
_entity_src_gen.pdbx_host_org_ncbi_taxonomy_id     469008 
_entity_src_gen.host_org_genus                     ? 
_entity_src_gen.pdbx_host_org_gene                 ? 
_entity_src_gen.pdbx_host_org_organ                ? 
_entity_src_gen.host_org_species                   ? 
_entity_src_gen.pdbx_host_org_tissue               ? 
_entity_src_gen.pdbx_host_org_tissue_fraction      ? 
_entity_src_gen.pdbx_host_org_strain               'BL21(DE3)' 
_entity_src_gen.pdbx_host_org_variant              ? 
_entity_src_gen.pdbx_host_org_cell_line            ? 
_entity_src_gen.pdbx_host_org_atcc                 ? 
_entity_src_gen.pdbx_host_org_culture_collection   ? 
_entity_src_gen.pdbx_host_org_cell                 ? 
_entity_src_gen.pdbx_host_org_organelle            ? 
_entity_src_gen.pdbx_host_org_cellular_location    ? 
_entity_src_gen.pdbx_host_org_vector_type          ? 
_entity_src_gen.pdbx_host_org_vector               ? 
_entity_src_gen.host_org_details                   ? 
_entity_src_gen.expression_system_id               ? 
_entity_src_gen.plasmid_name                       ? 
_entity_src_gen.plasmid_details                    ? 
_entity_src_gen.pdbx_description                   ? 
# 
_struct_ref.id                         1 
_struct_ref.db_name                    UNP 
_struct_ref.db_code                    G5DEI1_9CAUD 
_struct_ref.pdbx_db_accession          G5DEI1 
_struct_ref.pdbx_db_isoform            ? 
_struct_ref.entity_id                  1 
_struct_ref.pdbx_seq_one_letter_code   
;MLVINVVEDKIPANVYPELVEWVRDLNSIREEPIKLTMFVEDDIVRGIMAWEPGHLVYMVVPEESRRGGVGRFMLKYLQQ
NSDRKHVSCRVHPTNIPALGFFHQQGFQIDRWYIAADGQRYFRMTNYNVISSHTPPEEKLLTHYAESVPIFLSMAEGQFV

;
_struct_ref.pdbx_align_begin           1 
# 
_struct_ref_seq.align_id                      1 
_struct_ref_seq.ref_id                        1 
_struct_ref_seq.pdbx_PDB_id_code              7DQG 
_struct_ref_seq.pdbx_strand_id                A 
_struct_ref_seq.seq_align_beg                 19 
_struct_ref_seq.pdbx_seq_align_beg_ins_code   ? 
_struct_ref_seq.seq_align_end                 178 
_struct_ref_seq.pdbx_seq_align_end_ins_code   ? 
_struct_ref_seq.pdbx_db_accession             G5DEI1 
_struct_ref_seq.db_align_beg                  1 
_struct_ref_seq.pdbx_db_align_beg_ins_code    ? 
_struct_ref_seq.db_align_end                  160 
_struct_ref_seq.pdbx_db_align_end_ins_code    ? 
_struct_ref_seq.pdbx_auth_seq_align_beg       1 
_struct_ref_seq.pdbx_auth_seq_align_end       160 
# 
loop_
_struct_ref_seq_dif.align_id 
_struct_ref_seq_dif.pdbx_pdb_id_code 
_struct_ref_seq_dif.mon_id 
_struct_ref_seq_dif.pdbx_pdb_strand_id 
_struct_ref_seq_dif.seq_num 
_struct_ref_seq_dif.pdbx_pdb_ins_code 
_struct_ref_seq_dif.pdbx_seq_db_name 
_struct_ref_seq_dif.pdbx_seq_db_accession_code 
_struct_ref_seq_dif.db_mon_id 
_struct_ref_seq_dif.pdbx_seq_db_seq_num 
_struct_ref_seq_dif.details 
_struct_ref_seq_dif.pdbx_auth_seq_num 
_struct_ref_seq_dif.pdbx_ordinal 
1 7DQG MET A 1   ? UNP G5DEI1 ? ? 'initiating methionine' -17 1  
1 7DQG ALA A 2   ? UNP G5DEI1 ? ? 'expression tag'        -16 2  
1 7DQG SER A 3   ? UNP G5DEI1 ? ? 'expression tag'        -15 3  
1 7DQG MET A 4   ? UNP G5DEI1 ? ? 'expression tag'        -14 4  
1 7DQG THR A 5   ? UNP G5DEI1 ? ? 'expression tag'        -13 5  
1 7DQG GLY A 6   ? UNP G5DEI1 ? ? 'expression tag'        -12 6  
1 7DQG GLY A 7   ? UNP G5DEI1 ? ? 'expression tag'        -11 7  
1 7DQG GLN A 8   ? UNP G5DEI1 ? ? 'expression tag'        -10 8  
1 7DQG GLN A 9   ? UNP G5DEI1 ? ? 'expression tag'        -9  9  
1 7DQG MET A 10  ? UNP G5DEI1 ? ? 'expression tag'        -8  10 
1 7DQG GLY A 11  ? UNP G5DEI1 ? ? 'expression tag'        -7  11 
1 7DQG ARG A 12  ? UNP G5DEI1 ? ? 'expression tag'        -6  12 
1 7DQG GLY A 13  ? UNP G5DEI1 ? ? 'expression tag'        -5  13 
1 7DQG SER A 14  ? UNP G5DEI1 ? ? 'expression tag'        -4  14 
1 7DQG GLU A 15  ? UNP G5DEI1 ? ? 'expression tag'        -3  15 
1 7DQG PHE A 16  ? UNP G5DEI1 ? ? 'expression tag'        -2  16 
1 7DQG GLU A 17  ? UNP G5DEI1 ? ? 'expression tag'        -1  17 
1 7DQG LEU A 18  ? UNP G5DEI1 ? ? 'expression tag'        0   18 
1 7DQG LEU A 179 ? UNP G5DEI1 ? ? 'expression tag'        161 19 
1 7DQG GLU A 180 ? UNP G5DEI1 ? ? 'expression tag'        162 20 
1 7DQG HIS A 181 ? UNP G5DEI1 ? ? 'expression tag'        163 21 
1 7DQG HIS A 182 ? UNP G5DEI1 ? ? 'expression tag'        164 22 
1 7DQG HIS A 183 ? UNP G5DEI1 ? ? 'expression tag'        165 23 
1 7DQG HIS A 184 ? UNP G5DEI1 ? ? 'expression tag'        166 24 
1 7DQG HIS A 185 ? UNP G5DEI1 ? ? 'expression tag'        167 25 
1 7DQG HIS A 186 ? UNP G5DEI1 ? ? 'expression tag'        168 26 
# 
loop_
_chem_comp.id 
_chem_comp.type 
_chem_comp.mon_nstd_flag 
_chem_comp.name 
_chem_comp.pdbx_synonyms 
_chem_comp.formula 
_chem_comp.formula_weight 
ACO non-polymer         . 'ACETYL COENZYME *A' ? 'C23 H38 N7 O17 P3 S' 809.571 
ALA 'L-peptide linking' y ALANINE              ? 'C3 H7 N O2'          89.093  
ARG 'L-peptide linking' y ARGININE             ? 'C6 H15 N4 O2 1'      175.209 
ASN 'L-peptide linking' y ASPARAGINE           ? 'C4 H8 N2 O3'         132.118 
ASP 'L-peptide linking' y 'ASPARTIC ACID'      ? 'C4 H7 N O4'          133.103 
CYS 'L-peptide linking' y CYSTEINE             ? 'C3 H7 N O2 S'        121.158 
GLN 'L-peptide linking' y GLUTAMINE            ? 'C5 H10 N2 O3'        146.144 
GLU 'L-peptide linking' y 'GLUTAMIC ACID'      ? 'C5 H9 N O4'          147.129 
GLY 'peptide linking'   y GLYCINE              ? 'C2 H5 N O2'          75.067  
HIS 'L-peptide linking' y HISTIDINE            ? 'C6 H10 N3 O2 1'      156.162 
HOH non-polymer         . WATER                ? 'H2 O'                18.015  
ILE 'L-peptide linking' y ISOLEUCINE           ? 'C6 H13 N O2'         131.173 
LEU 'L-peptide linking' y LEUCINE              ? 'C6 H13 N O2'         131.173 
LYS 'L-peptide linking' y LYSINE               ? 'C6 H15 N2 O2 1'      147.195 
MET 'L-peptide linking' y METHIONINE           ? 'C5 H11 N O2 S'       149.211 
PHE 'L-peptide linking' y PHENYLALANINE        ? 'C9 H11 N O2'         165.189 
PRO 'L-peptide linking' y PROLINE              ? 'C5 H9 N O2'          115.130 
SER 'L-peptide linking' y SERINE               ? 'C3 H7 N O3'          105.093 
THR 'L-peptide linking' y THREONINE            ? 'C4 H9 N O3'          119.119 
TRP 'L-peptide linking' y TRYPTOPHAN           ? 'C11 H12 N2 O2'       204.225 
TYR 'L-peptide linking' y TYROSINE             ? 'C9 H11 N O3'         181.189 
VAL 'L-peptide linking' y VALINE               ? 'C5 H11 N O2'         117.146 
# 
_exptl.absorpt_coefficient_mu     ? 
_exptl.absorpt_correction_T_max   ? 
_exptl.absorpt_correction_T_min   ? 
_exptl.absorpt_correction_type    ? 
_exptl.absorpt_process_details    ? 
_exptl.entry_id                   7DQG 
_exptl.crystals_number            1 
_exptl.details                    ? 
_exptl.method                     'X-RAY DIFFRACTION' 
_exptl.method_details             ? 
# 
_exptl_crystal.colour                      ? 
_exptl_crystal.density_diffrn              ? 
_exptl_crystal.density_Matthews            3.42 
_exptl_crystal.density_method              ? 
_exptl_crystal.density_percent_sol         64.07 
_exptl_crystal.description                 ? 
_exptl_crystal.F_000                       ? 
_exptl_crystal.id                          1 
_exptl_crystal.preparation                 ? 
_exptl_crystal.size_max                    ? 
_exptl_crystal.size_mid                    ? 
_exptl_crystal.size_min                    ? 
_exptl_crystal.size_rad                    ? 
_exptl_crystal.colour_lustre               ? 
_exptl_crystal.colour_modifier             ? 
_exptl_crystal.colour_primary              ? 
_exptl_crystal.density_meas                ? 
_exptl_crystal.density_meas_esd            ? 
_exptl_crystal.density_meas_gt             ? 
_exptl_crystal.density_meas_lt             ? 
_exptl_crystal.density_meas_temp           ? 
_exptl_crystal.density_meas_temp_esd       ? 
_exptl_crystal.density_meas_temp_gt        ? 
_exptl_crystal.density_meas_temp_lt        ? 
_exptl_crystal.pdbx_crystal_image_url      ? 
_exptl_crystal.pdbx_crystal_image_format   ? 
_exptl_crystal.pdbx_mosaicity              ? 
_exptl_crystal.pdbx_mosaicity_esd          ? 
# 
_exptl_crystal_grow.apparatus       ? 
_exptl_crystal_grow.atmosphere      ? 
_exptl_crystal_grow.crystal_id      1 
_exptl_crystal_grow.details         ? 
_exptl_crystal_grow.method          'VAPOR DIFFUSION, HANGING DROP' 
_exptl_crystal_grow.method_ref      ? 
_exptl_crystal_grow.pH              ? 
_exptl_crystal_grow.pressure        ? 
_exptl_crystal_grow.pressure_esd    ? 
_exptl_crystal_grow.seeding         ? 
_exptl_crystal_grow.seeding_ref     ? 
_exptl_crystal_grow.temp            287.15 
_exptl_crystal_grow.temp_details    ? 
_exptl_crystal_grow.temp_esd        ? 
_exptl_crystal_grow.time            ? 
_exptl_crystal_grow.pdbx_details    '0.4 M sodium malonate pH 6.0, 0.1 M MES monohydrate pH 6.0, 0.5% (w/v) PEG 10000' 
_exptl_crystal_grow.pdbx_pH_range   ? 
# 
_diffrn.ambient_environment              ? 
_diffrn.ambient_temp                     100.15 
_diffrn.ambient_temp_details             ? 
_diffrn.ambient_temp_esd                 ? 
_diffrn.crystal_id                       1 
_diffrn.crystal_support                  ? 
_diffrn.crystal_treatment                ? 
_diffrn.details                          ? 
_diffrn.id                               1 
_diffrn.ambient_pressure                 ? 
_diffrn.ambient_pressure_esd             ? 
_diffrn.ambient_pressure_gt              ? 
_diffrn.ambient_pressure_lt              ? 
_diffrn.ambient_temp_gt                  ? 
_diffrn.ambient_temp_lt                  ? 
_diffrn.pdbx_serial_crystal_experiment   N 
# 
_diffrn_detector.details                      ? 
_diffrn_detector.detector                     PIXEL 
_diffrn_detector.diffrn_id                    1 
_diffrn_detector.type                         'DECTRIS PILATUS 6M' 
_diffrn_detector.area_resol_mean              ? 
_diffrn_detector.dtime                        ? 
_diffrn_detector.pdbx_frames_total            ? 
_diffrn_detector.pdbx_collection_time_total   ? 
_diffrn_detector.pdbx_collection_date         2019-10-31 
_diffrn_detector.pdbx_frequency               ? 
# 
_diffrn_radiation.collimation                      ? 
_diffrn_radiation.diffrn_id                        1 
_diffrn_radiation.filter_edge                      ? 
_diffrn_radiation.inhomogeneity                    ? 
_diffrn_radiation.monochromator                    ? 
_diffrn_radiation.polarisn_norm                    ? 
_diffrn_radiation.polarisn_ratio                   ? 
_diffrn_radiation.probe                            ? 
_diffrn_radiation.type                             ? 
_diffrn_radiation.xray_symbol                      ? 
_diffrn_radiation.wavelength_id                    1 
_diffrn_radiation.pdbx_monochromatic_or_laue_m_l   M 
_diffrn_radiation.pdbx_wavelength_list             ? 
_diffrn_radiation.pdbx_wavelength                  ? 
_diffrn_radiation.pdbx_diffrn_protocol             'SINGLE WAVELENGTH' 
_diffrn_radiation.pdbx_analyzer                    ? 
_diffrn_radiation.pdbx_scattering_type             x-ray 
# 
_diffrn_radiation_wavelength.id           1 
_diffrn_radiation_wavelength.wavelength   0.97941 
_diffrn_radiation_wavelength.wt           1.0 
# 
_diffrn_source.current                     ? 
_diffrn_source.details                     ? 
_diffrn_source.diffrn_id                   1 
_diffrn_source.power                       ? 
_diffrn_source.size                        ? 
_diffrn_source.source                      SYNCHROTRON 
_diffrn_source.target                      ? 
_diffrn_source.type                        'PAL/PLS BEAMLINE 11C' 
_diffrn_source.voltage                     ? 
_diffrn_source.take-off_angle              ? 
_diffrn_source.pdbx_wavelength_list        0.97941 
_diffrn_source.pdbx_wavelength             ? 
_diffrn_source.pdbx_synchrotron_beamline   11C 
_diffrn_source.pdbx_synchrotron_site       PAL/PLS 
# 
_reflns.B_iso_Wilson_estimate            28.62 
_reflns.entry_id                         7DQG 
_reflns.data_reduction_details           ? 
_reflns.data_reduction_method            ? 
_reflns.d_resolution_high                2.2 
_reflns.d_resolution_low                 50 
_reflns.details                          ? 
_reflns.limit_h_max                      ? 
_reflns.limit_h_min                      ? 
_reflns.limit_k_max                      ? 
_reflns.limit_k_min                      ? 
_reflns.limit_l_max                      ? 
_reflns.limit_l_min                      ? 
_reflns.number_all                       ? 
_reflns.number_obs                       15793 
_reflns.observed_criterion               ? 
_reflns.observed_criterion_F_max         ? 
_reflns.observed_criterion_F_min         ? 
_reflns.observed_criterion_I_max         ? 
_reflns.observed_criterion_I_min         ? 
_reflns.observed_criterion_sigma_F       ? 
_reflns.observed_criterion_sigma_I       ? 
_reflns.percent_possible_obs             98.7 
_reflns.R_free_details                   ? 
_reflns.Rmerge_F_all                     ? 
_reflns.Rmerge_F_obs                     ? 
_reflns.Friedel_coverage                 ? 
_reflns.number_gt                        ? 
_reflns.threshold_expression             ? 
_reflns.pdbx_redundancy                  21.1 
_reflns.pdbx_Rmerge_I_obs                0.077 
_reflns.pdbx_Rmerge_I_all                ? 
_reflns.pdbx_Rsym_value                  ? 
_reflns.pdbx_netI_over_av_sigmaI         ? 
_reflns.pdbx_netI_over_sigmaI            36.7 
_reflns.pdbx_res_netI_over_av_sigmaI_2   ? 
_reflns.pdbx_res_netI_over_sigmaI_2      ? 
_reflns.pdbx_chi_squared                 ? 
_reflns.pdbx_scaling_rejects             ? 
_reflns.pdbx_d_res_high_opt              ? 
_reflns.pdbx_d_res_low_opt               ? 
_reflns.pdbx_d_res_opt_method            ? 
_reflns.phase_calculation_details        ? 
_reflns.pdbx_Rrim_I_all                  0.091 
_reflns.pdbx_Rpim_I_all                  0.017 
_reflns.pdbx_d_opt                       ? 
_reflns.pdbx_number_measured_all         ? 
_reflns.pdbx_diffrn_id                   1 
_reflns.pdbx_ordinal                     1 
_reflns.pdbx_CC_half                     0.994 
_reflns.pdbx_CC_star                     0.999 
_reflns.pdbx_R_split                     ? 
# 
_reflns_shell.d_res_high                  2.2 
_reflns_shell.d_res_low                   2.24 
_reflns_shell.meanI_over_sigI_all         ? 
_reflns_shell.meanI_over_sigI_obs         ? 
_reflns_shell.number_measured_all         ? 
_reflns_shell.number_measured_obs         ? 
_reflns_shell.number_possible             ? 
_reflns_shell.number_unique_all           ? 
_reflns_shell.number_unique_obs           718 
_reflns_shell.percent_possible_all        ? 
_reflns_shell.percent_possible_obs        ? 
_reflns_shell.Rmerge_F_all                ? 
_reflns_shell.Rmerge_F_obs                ? 
_reflns_shell.Rmerge_I_all                ? 
_reflns_shell.Rmerge_I_obs                0.324 
_reflns_shell.meanI_over_sigI_gt          ? 
_reflns_shell.meanI_over_uI_all           ? 
_reflns_shell.meanI_over_uI_gt            ? 
_reflns_shell.number_measured_gt          ? 
_reflns_shell.number_unique_gt            ? 
_reflns_shell.percent_possible_gt         ? 
_reflns_shell.Rmerge_F_gt                 ? 
_reflns_shell.Rmerge_I_gt                 ? 
_reflns_shell.pdbx_redundancy             ? 
_reflns_shell.pdbx_Rsym_value             ? 
_reflns_shell.pdbx_chi_squared            ? 
_reflns_shell.pdbx_netI_over_sigmaI_all   ? 
_reflns_shell.pdbx_netI_over_sigmaI_obs   ? 
_reflns_shell.pdbx_Rrim_I_all             0.283 
_reflns_shell.pdbx_Rpim_I_all             0.067 
_reflns_shell.pdbx_rejects                ? 
_reflns_shell.pdbx_ordinal                1 
_reflns_shell.pdbx_diffrn_id              1 
_reflns_shell.pdbx_CC_half                0.959 
_reflns_shell.pdbx_CC_star                0.989 
_reflns_shell.pdbx_R_split                ? 
# 
_refine.aniso_B[1][1]                            ? 
_refine.aniso_B[1][2]                            ? 
_refine.aniso_B[1][3]                            ? 
_refine.aniso_B[2][2]                            ? 
_refine.aniso_B[2][3]                            ? 
_refine.aniso_B[3][3]                            ? 
_refine.B_iso_max                                ? 
_refine.B_iso_mean                               32.29 
_refine.B_iso_min                                ? 
_refine.correlation_coeff_Fo_to_Fc               ? 
_refine.correlation_coeff_Fo_to_Fc_free          ? 
_refine.details                                  ? 
_refine.diff_density_max                         ? 
_refine.diff_density_max_esd                     ? 
_refine.diff_density_min                         ? 
_refine.diff_density_min_esd                     ? 
_refine.diff_density_rms                         ? 
_refine.diff_density_rms_esd                     ? 
_refine.entry_id                                 7DQG 
_refine.pdbx_refine_id                           'X-RAY DIFFRACTION' 
_refine.ls_abs_structure_details                 ? 
_refine.ls_abs_structure_Flack                   ? 
_refine.ls_abs_structure_Flack_esd               ? 
_refine.ls_abs_structure_Rogers                  ? 
_refine.ls_abs_structure_Rogers_esd              ? 
_refine.ls_d_res_high                            2.21 
_refine.ls_d_res_low                             40.22 
_refine.ls_extinction_coef                       ? 
_refine.ls_extinction_coef_esd                   ? 
_refine.ls_extinction_expression                 ? 
_refine.ls_extinction_method                     ? 
_refine.ls_goodness_of_fit_all                   ? 
_refine.ls_goodness_of_fit_all_esd               ? 
_refine.ls_goodness_of_fit_obs                   ? 
_refine.ls_goodness_of_fit_obs_esd               ? 
_refine.ls_hydrogen_treatment                    ? 
_refine.ls_matrix_type                           ? 
_refine.ls_number_constraints                    ? 
_refine.ls_number_parameters                     ? 
_refine.ls_number_reflns_all                     ? 
_refine.ls_number_reflns_obs                     15769 
_refine.ls_number_reflns_R_free                  795 
_refine.ls_number_reflns_R_work                  14974 
_refine.ls_number_restraints                     ? 
_refine.ls_percent_reflns_obs                    97.98 
_refine.ls_percent_reflns_R_free                 5.04 
_refine.ls_R_factor_all                          ? 
_refine.ls_R_factor_obs                          0.2095 
_refine.ls_R_factor_R_free                       0.2249 
_refine.ls_R_factor_R_free_error                 ? 
_refine.ls_R_factor_R_free_error_details         ? 
_refine.ls_R_factor_R_work                       0.2087 
_refine.ls_R_Fsqd_factor_obs                     ? 
_refine.ls_R_I_factor_obs                        ? 
_refine.ls_redundancy_reflns_all                 ? 
_refine.ls_redundancy_reflns_obs                 ? 
_refine.ls_restrained_S_all                      ? 
_refine.ls_restrained_S_obs                      ? 
_refine.ls_shift_over_esd_max                    ? 
_refine.ls_shift_over_esd_mean                   ? 
_refine.ls_structure_factor_coef                 ? 
_refine.ls_weighting_details                     ? 
_refine.ls_weighting_scheme                      ? 
_refine.ls_wR_factor_all                         ? 
_refine.ls_wR_factor_obs                         ? 
_refine.ls_wR_factor_R_free                      ? 
_refine.ls_wR_factor_R_work                      ? 
_refine.occupancy_max                            ? 
_refine.occupancy_min                            ? 
_refine.solvent_model_details                    'FLAT BULK SOLVENT MODEL' 
_refine.solvent_model_param_bsol                 ? 
_refine.solvent_model_param_ksol                 ? 
_refine.pdbx_R_complete                          ? 
_refine.ls_R_factor_gt                           ? 
_refine.ls_goodness_of_fit_gt                    ? 
_refine.ls_goodness_of_fit_ref                   ? 
_refine.ls_shift_over_su_max                     ? 
_refine.ls_shift_over_su_max_lt                  ? 
_refine.ls_shift_over_su_mean                    ? 
_refine.ls_shift_over_su_mean_lt                 ? 
_refine.pdbx_ls_sigma_I                          ? 
_refine.pdbx_ls_sigma_F                          1.79 
_refine.pdbx_ls_sigma_Fsqd                       ? 
_refine.pdbx_data_cutoff_high_absF               ? 
_refine.pdbx_data_cutoff_high_rms_absF           ? 
_refine.pdbx_data_cutoff_low_absF                ? 
_refine.pdbx_isotropic_thermal_model             ? 
_refine.pdbx_ls_cross_valid_method               'FREE R-VALUE' 
_refine.pdbx_method_to_determine_struct          'MOLECULAR REPLACEMENT' 
_refine.pdbx_starting_model                      5HGZ 
_refine.pdbx_stereochemistry_target_values       'GeoStd + Monomer Library + CDL v1.2' 
_refine.pdbx_R_Free_selection_details            ? 
_refine.pdbx_stereochem_target_val_spec_case     ? 
_refine.pdbx_overall_ESU_R                       ? 
_refine.pdbx_overall_ESU_R_Free                  ? 
_refine.pdbx_solvent_vdw_probe_radii             1.1100 
_refine.pdbx_solvent_ion_probe_radii             ? 
_refine.pdbx_solvent_shrinkage_radii             0.9000 
_refine.pdbx_real_space_R                        ? 
_refine.pdbx_density_correlation                 ? 
_refine.pdbx_pd_number_of_powder_patterns        ? 
_refine.pdbx_pd_number_of_points                 ? 
_refine.pdbx_pd_meas_number_of_points            ? 
_refine.pdbx_pd_proc_ls_prof_R_factor            ? 
_refine.pdbx_pd_proc_ls_prof_wR_factor           ? 
_refine.pdbx_pd_Marquardt_correlation_coeff      ? 
_refine.pdbx_pd_Fsqrd_R_factor                   ? 
_refine.pdbx_pd_ls_matrix_band_width             ? 
_refine.pdbx_overall_phase_error                 20.1898 
_refine.pdbx_overall_SU_R_free_Cruickshank_DPI   ? 
_refine.pdbx_overall_SU_R_free_Blow_DPI          ? 
_refine.pdbx_overall_SU_R_Blow_DPI               ? 
_refine.pdbx_TLS_residual_ADP_flag               ? 
_refine.pdbx_diffrn_id                           1 
_refine.overall_SU_B                             ? 
_refine.overall_SU_ML                            0.2629 
_refine.overall_SU_R_Cruickshank_DPI             ? 
_refine.overall_SU_R_free                        ? 
_refine.overall_FOM_free_R_set                   ? 
_refine.overall_FOM_work_R_set                   ? 
_refine.pdbx_average_fsc_overall                 ? 
_refine.pdbx_average_fsc_work                    ? 
_refine.pdbx_average_fsc_free                    ? 
# 
_refine_hist.pdbx_refine_id                   'X-RAY DIFFRACTION' 
_refine_hist.cycle_id                         LAST 
_refine_hist.details                          ? 
_refine_hist.d_res_high                       2.21 
_refine_hist.d_res_low                        40.22 
_refine_hist.number_atoms_solvent             63 
_refine_hist.number_atoms_total               1435 
_refine_hist.number_reflns_all                ? 
_refine_hist.number_reflns_obs                ? 
_refine_hist.number_reflns_R_free             ? 
_refine_hist.number_reflns_R_work             ? 
_refine_hist.R_factor_all                     ? 
_refine_hist.R_factor_obs                     ? 
_refine_hist.R_factor_R_free                  ? 
_refine_hist.R_factor_R_work                  ? 
_refine_hist.pdbx_number_residues_total       ? 
_refine_hist.pdbx_B_iso_mean_ligand           ? 
_refine_hist.pdbx_B_iso_mean_solvent          ? 
_refine_hist.pdbx_number_atoms_protein        1321 
_refine_hist.pdbx_number_atoms_nucleic_acid   0 
_refine_hist.pdbx_number_atoms_ligand         51 
_refine_hist.pdbx_number_atoms_lipid          ? 
_refine_hist.pdbx_number_atoms_carb           ? 
_refine_hist.pdbx_pseudo_atom_details         ? 
# 
loop_
_refine_ls_restr.pdbx_refine_id 
_refine_ls_restr.criterion 
_refine_ls_restr.dev_ideal 
_refine_ls_restr.dev_ideal_target 
_refine_ls_restr.number 
_refine_ls_restr.rejects 
_refine_ls_restr.type 
_refine_ls_restr.weight 
_refine_ls_restr.pdbx_restraint_function 
'X-RAY DIFFRACTION' ? 0.0030  ? 1410 ? f_bond_d           ? ? 
'X-RAY DIFFRACTION' ? 0.6471  ? 1921 ? f_angle_d          ? ? 
'X-RAY DIFFRACTION' ? 0.0471  ? 202  ? f_chiral_restr     ? ? 
'X-RAY DIFFRACTION' ? 0.0043  ? 243  ? f_plane_restr      ? ? 
'X-RAY DIFFRACTION' ? 12.4348 ? 189  ? f_dihedral_angle_d ? ? 
# 
loop_
_refine_ls_shell.pdbx_refine_id 
_refine_ls_shell.d_res_high 
_refine_ls_shell.d_res_low 
_refine_ls_shell.number_reflns_all 
_refine_ls_shell.number_reflns_obs 
_refine_ls_shell.number_reflns_R_free 
_refine_ls_shell.number_reflns_R_work 
_refine_ls_shell.percent_reflns_obs 
_refine_ls_shell.percent_reflns_R_free 
_refine_ls_shell.R_factor_all 
_refine_ls_shell.R_factor_obs 
_refine_ls_shell.R_factor_R_free 
_refine_ls_shell.R_factor_R_free_error 
_refine_ls_shell.R_factor_R_work 
_refine_ls_shell.redundancy_reflns_all 
_refine_ls_shell.redundancy_reflns_obs 
_refine_ls_shell.wR_factor_all 
_refine_ls_shell.wR_factor_obs 
_refine_ls_shell.wR_factor_R_free 
_refine_ls_shell.wR_factor_R_work 
_refine_ls_shell.pdbx_R_complete 
_refine_ls_shell.pdbx_total_number_of_bins_used 
_refine_ls_shell.pdbx_phase_error 
_refine_ls_shell.pdbx_fsc_work 
_refine_ls_shell.pdbx_fsc_free 
'X-RAY DIFFRACTION' 2.21 2.35  . . 117 2233 91.09 . . . 0.3050 . 0.2658 . . . . . . . . . . . 
'X-RAY DIFFRACTION' 2.35 2.53  . . 121 2453 98.39 . . . 0.3279 . 0.2469 . . . . . . . . . . . 
'X-RAY DIFFRACTION' 2.53 2.78  . . 134 2468 99.54 . . . 0.2297 . 0.2364 . . . . . . . . . . . 
'X-RAY DIFFRACTION' 2.78 3.19  . . 125 2530 99.74 . . . 0.2420 . 0.2222 . . . . . . . . . . . 
'X-RAY DIFFRACTION' 3.19 4.01  . . 140 2569 99.89 . . . 0.2249 . 0.1907 . . . . . . . . . . . 
'X-RAY DIFFRACTION' 4.01 40.22 . . 158 2721 98.97 . . . 0.1777 . 0.1820 . . . . . . . . . . . 
# 
_struct.entry_id                     7DQG 
_struct.title                        'Crystal structure of Salmonella phage acetyltransferase' 
_struct.pdbx_model_details           ? 
_struct.pdbx_formula_weight          ? 
_struct.pdbx_formula_weight_method   ? 
_struct.pdbx_model_type_details      ? 
_struct.pdbx_CASP_flag               N 
# 
_struct_keywords.entry_id        7DQG 
_struct_keywords.text            'Salmonella phage, SPN3US, acetyltransferase, acetyl-CoA complex, TRANSFERASE' 
_struct_keywords.pdbx_keywords   TRANSFERASE 
# 
loop_
_struct_asym.id 
_struct_asym.pdbx_blank_PDB_chainid_flag 
_struct_asym.pdbx_modified 
_struct_asym.entity_id 
_struct_asym.details 
A N N 1 ? 
B N N 2 ? 
C N N 3 ? 
# 
loop_
_struct_conf.conf_type_id 
_struct_conf.id 
_struct_conf.pdbx_PDB_helix_id 
_struct_conf.beg_label_comp_id 
_struct_conf.beg_label_asym_id 
_struct_conf.beg_label_seq_id 
_struct_conf.pdbx_beg_PDB_ins_code 
_struct_conf.end_label_comp_id 
_struct_conf.end_label_asym_id 
_struct_conf.end_label_seq_id 
_struct_conf.pdbx_end_PDB_ins_code 
_struct_conf.beg_auth_comp_id 
_struct_conf.beg_auth_asym_id 
_struct_conf.beg_auth_seq_id 
_struct_conf.end_auth_comp_id 
_struct_conf.end_auth_asym_id 
_struct_conf.end_auth_seq_id 
_struct_conf.pdbx_PDB_helix_class 
_struct_conf.details 
_struct_conf.pdbx_PDB_helix_length 
HELX_P HELX_P1 AA1 VAL A 25  ? ILE A 29  ? VAL A 7   ILE A 11  5 ? 5  
HELX_P HELX_P2 AA2 TYR A 34  ? SER A 46  ? TYR A 16  SER A 28  1 ? 13 
HELX_P HELX_P3 AA3 PRO A 80  ? ARG A 84  ? PRO A 62  ARG A 66  5 ? 5  
HELX_P HELX_P4 AA4 GLY A 87  ? ASN A 99  ? GLY A 69  ASN A 81  1 ? 13 
HELX_P HELX_P5 AA5 SER A 100 ? HIS A 104 ? SER A 82  HIS A 86  5 ? 5  
HELX_P HELX_P6 AA6 ASN A 113 ? GLN A 123 ? ASN A 95  GLN A 105 1 ? 11 
HELX_P HELX_P7 AA7 PRO A 153 ? VAL A 166 ? PRO A 135 VAL A 148 1 ? 14 
# 
_struct_conf_type.id          HELX_P 
_struct_conf_type.criteria    ? 
_struct_conf_type.reference   ? 
# 
loop_
_struct_sheet.id 
_struct_sheet.type 
_struct_sheet.number_strands 
_struct_sheet.details 
AA1 ? 4 ? 
AA2 ? 3 ? 
# 
loop_
_struct_sheet_order.sheet_id 
_struct_sheet_order.range_id_1 
_struct_sheet_order.range_id_2 
_struct_sheet_order.offset 
_struct_sheet_order.sense 
AA1 1 2 ? anti-parallel 
AA1 2 3 ? anti-parallel 
AA1 3 4 ? anti-parallel 
AA2 1 2 ? anti-parallel 
AA2 2 3 ? anti-parallel 
# 
loop_
_struct_sheet_range.sheet_id 
_struct_sheet_range.id 
_struct_sheet_range.beg_label_comp_id 
_struct_sheet_range.beg_label_asym_id 
_struct_sheet_range.beg_label_seq_id 
_struct_sheet_range.pdbx_beg_PDB_ins_code 
_struct_sheet_range.end_label_comp_id 
_struct_sheet_range.end_label_asym_id 
_struct_sheet_range.end_label_seq_id 
_struct_sheet_range.pdbx_end_PDB_ins_code 
_struct_sheet_range.beg_auth_comp_id 
_struct_sheet_range.beg_auth_asym_id 
_struct_sheet_range.beg_auth_seq_id 
_struct_sheet_range.end_auth_comp_id 
_struct_sheet_range.end_auth_asym_id 
_struct_sheet_range.end_auth_seq_id 
AA1 1 LEU A 20  ? ASN A 23  ? LEU A 2   ASN A 5   
AA1 2 LYS A 53  ? GLU A 59  ? LYS A 35  GLU A 41  
AA1 3 ILE A 62  ? GLU A 70  ? ILE A 44  GLU A 52  
AA1 4 HIS A 73  ? VAL A 78  ? HIS A 55  VAL A 60  
AA2 1 SER A 106 ? VAL A 109 ? SER A 88  VAL A 91  
AA2 2 ARG A 138 ? THR A 143 ? ARG A 120 THR A 125 
AA2 3 GLN A 126 ? ILE A 132 ? GLN A 108 ILE A 114 
# 
loop_
_pdbx_struct_sheet_hbond.sheet_id 
_pdbx_struct_sheet_hbond.range_id_1 
_pdbx_struct_sheet_hbond.range_id_2 
_pdbx_struct_sheet_hbond.range_1_label_atom_id 
_pdbx_struct_sheet_hbond.range_1_label_comp_id 
_pdbx_struct_sheet_hbond.range_1_label_asym_id 
_pdbx_struct_sheet_hbond.range_1_label_seq_id 
_pdbx_struct_sheet_hbond.range_1_PDB_ins_code 
_pdbx_struct_sheet_hbond.range_1_auth_atom_id 
_pdbx_struct_sheet_hbond.range_1_auth_comp_id 
_pdbx_struct_sheet_hbond.range_1_auth_asym_id 
_pdbx_struct_sheet_hbond.range_1_auth_seq_id 
_pdbx_struct_sheet_hbond.range_2_label_atom_id 
_pdbx_struct_sheet_hbond.range_2_label_comp_id 
_pdbx_struct_sheet_hbond.range_2_label_asym_id 
_pdbx_struct_sheet_hbond.range_2_label_seq_id 
_pdbx_struct_sheet_hbond.range_2_PDB_ins_code 
_pdbx_struct_sheet_hbond.range_2_auth_atom_id 
_pdbx_struct_sheet_hbond.range_2_auth_comp_id 
_pdbx_struct_sheet_hbond.range_2_auth_asym_id 
_pdbx_struct_sheet_hbond.range_2_auth_seq_id 
AA1 1 2 N LEU A 20  ? N LEU A 2   O VAL A 58  ? O VAL A 40  
AA1 2 3 N GLU A 59  ? N GLU A 41  O ILE A 62  ? O ILE A 44  
AA1 3 4 N ALA A 68  ? N ALA A 50  O TYR A 76  ? O TYR A 58  
AA2 1 2 N VAL A 109 ? N VAL A 91  O PHE A 140 ? O PHE A 122 
AA2 2 3 O ARG A 141 ? O ARG A 123 N ARG A 129 ? N ARG A 111 
# 
_struct_site.id                   AC1 
_struct_site.pdbx_evidence_code   Software 
_struct_site.pdbx_auth_asym_id    A 
_struct_site.pdbx_auth_comp_id    ACO 
_struct_site.pdbx_auth_seq_id     201 
_struct_site.pdbx_auth_ins_code   ? 
_struct_site.pdbx_num_residues    23 
_struct_site.details              'binding site for residue ACO A 201' 
# 
loop_
_struct_site_gen.id 
_struct_site_gen.site_id 
_struct_site_gen.pdbx_num_res 
_struct_site_gen.label_comp_id 
_struct_site_gen.label_asym_id 
_struct_site_gen.label_seq_id 
_struct_site_gen.pdbx_auth_ins_code 
_struct_site_gen.auth_comp_id 
_struct_site_gen.auth_asym_id 
_struct_site_gen.auth_seq_id 
_struct_site_gen.label_atom_id 
_struct_site_gen.label_alt_id 
_struct_site_gen.symmetry 
_struct_site_gen.details 
1  AC1 23 LEU A 74  ? LEU A 56  . ? 1_555  ? 
2  AC1 23 TYR A 76  ? TYR A 58  . ? 1_555  ? 
3  AC1 23 MET A 77  ? MET A 59  . ? 1_555  ? 
4  AC1 23 VAL A 78  ? VAL A 60  . ? 1_555  ? 
5  AC1 23 VAL A 79  ? VAL A 61  . ? 1_555  ? 
6  AC1 23 ARG A 84  ? ARG A 66  . ? 1_555  ? 
7  AC1 23 ARG A 85  ? ARG A 67  . ? 1_555  ? 
8  AC1 23 GLY A 86  ? GLY A 68  . ? 1_555  ? 
9  AC1 23 GLY A 87  ? GLY A 69  . ? 1_555  ? 
10 AC1 23 VAL A 88  ? VAL A 70  . ? 1_555  ? 
11 AC1 23 GLY A 89  ? GLY A 71  . ? 1_555  ? 
12 AC1 23 ARG A 90  ? ARG A 72  . ? 1_555  ? 
13 AC1 23 ARG A 108 ? ARG A 90  . ? 1_555  ? 
14 AC1 23 ASN A 113 ? ASN A 95  . ? 1_555  ? 
15 AC1 23 PRO A 115 ? PRO A 97  . ? 1_555  ? 
16 AC1 23 PHE A 119 ? PHE A 101 . ? 1_555  ? 
17 AC1 23 GLN A 122 ? GLN A 104 . ? 1_555  ? 
18 AC1 23 GLN A 123 ? GLN A 105 . ? 1_555  ? 
19 AC1 23 GLU A 156 ? GLU A 138 . ? 10_665 ? 
20 AC1 23 HOH C .   ? HOH A 303 . ? 1_555  ? 
21 AC1 23 HOH C .   ? HOH A 309 . ? 1_555  ? 
22 AC1 23 HOH C .   ? HOH A 319 . ? 1_555  ? 
23 AC1 23 HOH C .   ? HOH A 327 . ? 1_555  ? 
# 
_atom_sites.entry_id                    7DQG 
_atom_sites.Cartn_transf_matrix[1][1]   ? 
_atom_sites.Cartn_transf_matrix[1][2]   ? 
_atom_sites.Cartn_transf_matrix[1][3]   ? 
_atom_sites.Cartn_transf_matrix[2][1]   ? 
_atom_sites.Cartn_transf_matrix[2][2]   ? 
_atom_sites.Cartn_transf_matrix[2][3]   ? 
_atom_sites.Cartn_transf_matrix[3][1]   ? 
_atom_sites.Cartn_transf_matrix[3][2]   ? 
_atom_sites.Cartn_transf_matrix[3][3]   ? 
_atom_sites.Cartn_transf_vector[1]      ? 
_atom_sites.Cartn_transf_vector[2]      ? 
_atom_sites.Cartn_transf_vector[3]      ? 
_atom_sites.fract_transf_matrix[1][1]   0.00686733 
_atom_sites.fract_transf_matrix[1][2]   -0.01486604 
_atom_sites.fract_transf_matrix[1][3]   -0.00404195 
_atom_sites.fract_transf_matrix[2][1]   0.01350419 
_atom_sites.fract_transf_matrix[2][2]   -0.00561550 
_atom_sites.fract_transf_matrix[2][3]   0.00840231 
_atom_sites.fract_transf_matrix[3][1]   -0.00273614 
_atom_sites.fract_transf_matrix[3][2]   -0.00208139 
_atom_sites.fract_transf_matrix[3][3]   0.00300647 
_atom_sites.fract_transf_vector[1]      0.473752 
_atom_sites.fract_transf_vector[2]      0.548619 
_atom_sites.fract_transf_vector[3]      0.461788 
_atom_sites.solution_primary            ? 
_atom_sites.solution_secondary          ? 
_atom_sites.solution_hydrogens          ? 
_atom_sites.special_details             ? 
# 
loop_
_atom_type.symbol 
_atom_type.scat_dispersion_real 
_atom_type.scat_dispersion_imag 
_atom_type.scat_Cromer_Mann_a1 
_atom_type.scat_Cromer_Mann_a2 
_atom_type.scat_Cromer_Mann_a3 
_atom_type.scat_Cromer_Mann_a4 
_atom_type.scat_Cromer_Mann_b1 
_atom_type.scat_Cromer_Mann_b2 
_atom_type.scat_Cromer_Mann_b3 
_atom_type.scat_Cromer_Mann_b4 
_atom_type.scat_Cromer_Mann_c 
_atom_type.scat_source 
_atom_type.scat_dispersion_source 
C   ? ? 3.54356 2.42580 ? ? 25.62398 1.50364  ? ? 0.0 
;2-Gaussian fit: Grosse-Kunstleve RW, Sauter NK, Adams PD: Newsletter of the IUCr Commission on Crystallographic Computing 2004, 3, 22-31.
;
? 
N   ? ? 4.01032 2.96436 ? ? 19.97189 1.75589  ? ? 0.0 
;2-Gaussian fit: Grosse-Kunstleve RW, Sauter NK, Adams PD: Newsletter of the IUCr Commission on Crystallographic Computing 2004, 3, 22-31.
;
? 
O   ? ? 4.49882 3.47563 ? ? 15.80542 1.70748  ? ? 0.0 
;2-Gaussian fit: Grosse-Kunstleve RW, Sauter NK, Adams PD: Newsletter of the IUCr Commission on Crystallographic Computing 2004, 3, 22-31.
;
? 
O1- ? ? 5.12366 3.84317 ? ? 3.49406  27.47979 ? ? 0.0 
;2-Gaussian fit: Grosse-Kunstleve RW, Sauter NK, Adams PD: Newsletter of the IUCr Commission on Crystallographic Computing 2004, 3, 22-31.
;
? 
P   ? ? 9.51135 5.44231 ? ? 1.42069  35.72801 ? ? 0.0 
;2-Gaussian fit: Grosse-Kunstleve RW, Sauter NK, Adams PD: Newsletter of the IUCr Commission on Crystallographic Computing 2004, 3, 22-31.
;
? 
S   ? ? 9.55732 6.39887 ? ? 1.23737  29.19336 ? ? 0.0 
;2-Gaussian fit: Grosse-Kunstleve RW, Sauter NK, Adams PD: Newsletter of the IUCr Commission on Crystallographic Computing 2004, 3, 22-31.
;
? 
# 
loop_
_atom_site.group_PDB 
_atom_site.id 
_atom_site.type_symbol 
_atom_site.label_atom_id 
_atom_site.label_alt_id 
_atom_site.label_comp_id 
_atom_site.label_asym_id 
_atom_site.label_entity_id 
_atom_site.label_seq_id 
_atom_site.pdbx_PDB_ins_code 
_atom_site.Cartn_x 
_atom_site.Cartn_y 
_atom_site.Cartn_z 
_atom_site.occupancy 
_atom_site.B_iso_or_equiv 
_atom_site.pdbx_formal_charge 
_atom_site.auth_seq_id 
_atom_site.auth_comp_id 
_atom_site.auth_asym_id 
_atom_site.auth_atom_id 
_atom_site.pdbx_PDB_model_num 
ATOM   1    N N   . LEU A 1 18  ? 1.93247   -1.51422  22.55308  1.000 47.41133  ?  0   LEU A N   1 
ATOM   2    C CA  . LEU A 1 18  ? 1.03331   -0.69538  23.35879  1.000 53.76843  ?  0   LEU A CA  1 
ATOM   3    C C   . LEU A 1 18  ? -0.24843  -0.35878  22.59487  1.000 53.05233  ?  0   LEU A C   1 
ATOM   4    O O   . LEU A 1 18  ? -1.26667  -0.01385  23.19474  1.000 51.56481  ?  0   LEU A O   1 
ATOM   5    C CB  . LEU A 1 18  ? 1.73567   0.59034   23.80008  1.000 56.17365  ?  0   LEU A CB  1 
ATOM   6    C CG  . LEU A 1 18  ? 1.31488   1.20000   25.13870  1.000 68.56018  ?  0   LEU A CG  1 
ATOM   7    C CD1 . LEU A 1 18  ? 2.06313   0.53875   26.28763  1.000 56.27984  ?  0   LEU A CD1 1 
ATOM   8    C CD2 . LEU A 1 18  ? 1.54214   2.70629   25.13209  1.000 65.43566  ?  0   LEU A CD2 1 
ATOM   9    N N   . MET A 1 19  ? -0.19055  -0.46537  21.26992  1.000 49.41110  ?  1   MET A N   1 
ATOM   10   C CA  . MET A 1 19  ? -1.34763  -0.16443  20.43633  1.000 38.91659  ?  1   MET A CA  1 
ATOM   11   C C   . MET A 1 19  ? -2.42222  -1.23653  20.59320  1.000 37.06229  ?  1   MET A C   1 
ATOM   12   O O   . MET A 1 19  ? -2.12563  -2.43290  20.66044  1.000 40.11601  ?  1   MET A O   1 
ATOM   13   C CB  . MET A 1 19  ? -0.92290  -0.05099  18.97113  1.000 39.19422  ?  1   MET A CB  1 
ATOM   14   C CG  . MET A 1 19  ? -2.00546  0.46373   18.03809  1.000 37.46250  ?  1   MET A CG  1 
ATOM   15   S SD  . MET A 1 19  ? -1.37273  1.64707   16.83054  1.000 40.59586  ?  1   MET A SD  1 
ATOM   16   C CE  . MET A 1 19  ? -0.36570  0.58625   15.80007  1.000 28.74740  ?  1   MET A CE  1 
ATOM   17   N N   . LEU A 1 20  ? -3.67971  -0.80083  20.64708  1.000 35.04654  ?  2   LEU A N   1 
ATOM   18   C CA  . LEU A 1 20  ? -4.80891  -1.70913  20.79749  1.000 33.50382  ?  2   LEU A CA  1 
ATOM   19   C C   . LEU A 1 20  ? -5.32108  -2.14360  19.42962  1.000 35.46991  ?  2   LEU A C   1 
ATOM   20   O O   . LEU A 1 20  ? -5.54614  -1.30873  18.54635  1.000 30.60308  ?  2   LEU A O   1 
ATOM   21   C CB  . LEU A 1 20  ? -5.93033  -1.04981  21.60047  1.000 35.40322  ?  2   LEU A CB  1 
ATOM   22   C CG  . LEU A 1 20  ? -5.56004  -0.65135  23.03204  1.000 51.03695  ?  2   LEU A CG  1 
ATOM   23   C CD1 . LEU A 1 20  ? -6.78158  -0.16379  23.79669  1.000 57.50943  ?  2   LEU A CD1 1 
ATOM   24   C CD2 . LEU A 1 20  ? -4.88938  -1.81065  23.76164  1.000 47.60076  ?  2   LEU A CD2 1 
ATOM   25   N N   . VAL A 1 21  ? -5.50478  -3.45004  19.26362  1.000 30.05891  ?  3   VAL A N   1 
ATOM   26   C CA  . VAL A 1 21  ? -5.97276  -4.04509  18.01730  1.000 28.50182  ?  3   VAL A CA  1 
ATOM   27   C C   . VAL A 1 21  ? -7.34111  -4.65105  18.29427  1.000 34.39289  ?  3   VAL A C   1 
ATOM   28   O O   . VAL A 1 21  ? -7.45607  -5.62344  19.05014  1.000 33.32625  ?  3   VAL A O   1 
ATOM   29   C CB  . VAL A 1 21  ? -4.98904  -5.09842  17.48938  1.000 27.13743  ?  3   VAL A CB  1 
ATOM   30   C CG1 . VAL A 1 21  ? -5.54564  -5.78772  16.25717  1.000 22.87279  ?  3   VAL A CG1 1 
ATOM   31   C CG2 . VAL A 1 21  ? -3.64101  -4.45876  17.19143  1.000 29.32265  ?  3   VAL A CG2 1 
ATOM   32   N N   . ILE A 1 22  ? -8.38541  -4.07980  17.69664  1.000 25.62745  ?  4   ILE A N   1 
ATOM   33   C CA  . ILE A 1 22  ? -9.75516  -4.50420  17.95811  1.000 36.95436  ?  4   ILE A CA  1 
ATOM   34   C C   . ILE A 1 22  ? -10.44852 -4.80948  16.63804  1.000 31.26514  ?  4   ILE A C   1 
ATOM   35   O O   . ILE A 1 22  ? -10.28899 -4.07908  15.65313  1.000 29.64252  ?  4   ILE A O   1 
ATOM   36   C CB  . ILE A 1 22  ? -10.54132 -3.44548  18.76472  1.000 36.85987  ?  4   ILE A CB  1 
ATOM   37   C CG1 . ILE A 1 22  ? -10.63937 -2.12475  18.00004  1.000 29.71077  ?  4   ILE A CG1 1 
ATOM   38   C CG2 . ILE A 1 22  ? -9.88593  -3.21520  20.11964  1.000 39.84971  ?  4   ILE A CG2 1 
ATOM   39   C CD1 . ILE A 1 22  ? -11.25764 -0.99926  18.80765  1.000 31.48231  ?  4   ILE A CD1 1 
ATOM   40   N N   . ASN A 1 23  ? -11.20913 -5.90068  16.61904  1.000 27.59141  ?  5   ASN A N   1 
ATOM   41   C CA  . ASN A 1 23  ? -11.98896 -6.28311  15.45209  1.000 34.33829  ?  5   ASN A CA  1 
ATOM   42   C C   . ASN A 1 23  ? -13.39837 -5.72381  15.57109  1.000 29.15282  ?  5   ASN A C   1 
ATOM   43   O O   . ASN A 1 23  ? -13.98302 -5.70774  16.65723  1.000 29.96447  ?  5   ASN A O   1 
ATOM   44   C CB  . ASN A 1 23  ? -12.04292 -7.80555  15.30719  1.000 34.87168  ?  5   ASN A CB  1 
ATOM   45   C CG  . ASN A 1 23  ? -10.68782 -8.41110  15.00086  1.000 44.12954  ?  5   ASN A CG  1 
ATOM   46   O OD1 . ASN A 1 23  ? -10.03078 -8.03381  14.02982  1.000 39.85510  ?  5   ASN A OD1 1 
ATOM   47   N ND2 . ASN A 1 23  ? -10.25996 -9.35502  15.83296  1.000 45.42562  ?  5   ASN A ND2 1 
ATOM   48   N N   . VAL A 1 24  ? -13.93914 -5.26456  14.44952  1.000 28.00336  ?  6   VAL A N   1 
ATOM   49   C CA  . VAL A 1 24  ? -15.28804 -4.71426  14.40943  1.000 26.18217  ?  6   VAL A CA  1 
ATOM   50   C C   . VAL A 1 24  ? -16.27193 -5.85786  14.19924  1.000 31.31579  ?  6   VAL A C   1 
ATOM   51   O O   . VAL A 1 24  ? -16.17946 -6.59331  13.21043  1.000 30.21267  ?  6   VAL A O   1 
ATOM   52   C CB  . VAL A 1 24  ? -15.42565 -3.65818  13.30337  1.000 22.91121  ?  6   VAL A CB  1 
ATOM   53   C CG1 . VAL A 1 24  ? -16.87210 -3.20894  13.17960  1.000 22.93535  ?  6   VAL A CG1 1 
ATOM   54   C CG2 . VAL A 1 24  ? -14.51686 -2.47206  13.58770  1.000 25.69107  ?  6   VAL A CG2 1 
ATOM   55   N N   . VAL A 1 25  ? -17.20703 -6.01575  15.13381  1.000 30.56469  ?  7   VAL A N   1 
ATOM   56   C CA  . VAL A 1 25  ? -18.29827 -6.97166  14.96582  1.000 31.81026  ?  7   VAL A CA  1 
ATOM   57   C C   . VAL A 1 25  ? -19.23006 -6.41967  13.89159  1.000 30.86755  ?  7   VAL A C   1 
ATOM   58   O O   . VAL A 1 25  ? -19.97153 -5.46276  14.13154  1.000 34.99281  ?  7   VAL A O   1 
ATOM   59   C CB  . VAL A 1 25  ? -19.04312 -7.21790  16.28174  1.000 35.23243  ?  7   VAL A CB  1 
ATOM   60   C CG1 . VAL A 1 25  ? -20.06165 -8.33429  16.11276  1.000 30.10436  ?  7   VAL A CG1 1 
ATOM   61   C CG2 . VAL A 1 25  ? -18.05887 -7.54972  17.38929  1.000 27.70786  ?  7   VAL A CG2 1 
ATOM   62   N N   . GLU A 1 26  ? -19.19719 -7.02709  12.70395  1.000 30.05592  ?  8   GLU A N   1 
ATOM   63   C CA  . GLU A 1 26  ? -19.80445 -6.39963  11.53465  1.000 37.16002  ?  8   GLU A CA  1 
ATOM   64   C C   . GLU A 1 26  ? -21.32473 -6.34130  11.62682  1.000 35.24794  ?  8   GLU A C   1 
ATOM   65   O O   . GLU A 1 26  ? -21.93577 -5.40638  11.09559  1.000 33.13656  ?  8   GLU A O   1 
ATOM   66   C CB  . GLU A 1 26  ? -19.36425 -7.13294  10.26808  1.000 37.81339  ?  8   GLU A CB  1 
ATOM   67   C CG  . GLU A 1 26  ? -17.99175 -6.69392  9.77706   1.000 39.83262  ?  8   GLU A CG  1 
ATOM   68   C CD  . GLU A 1 26  ? -17.19570 -7.81653  9.13664   1.000 47.76990  ?  8   GLU A CD  1 
ATOM   69   O OE1 . GLU A 1 26  ? -17.80947 -8.75585  8.58593   1.000 41.73179  ?  8   GLU A OE1 1 
ATOM   70   O OE2 . GLU A 1 26  ? -15.94952 -7.75380  9.18502   1.000 38.41464  ?  8   GLU A OE2 1 
ATOM   71   N N   . ASP A 1 27  ? -21.95415 -7.30993  12.29269  1.000 35.52378  ?  9   ASP A N   1 
ATOM   72   C CA  . ASP A 1 27  ? -23.40714 -7.29410  12.41316  1.000 38.95481  ?  9   ASP A CA  1 
ATOM   73   C C   . ASP A 1 27  ? -23.90828 -6.30726  13.46088  1.000 43.55601  ?  9   ASP A C   1 
ATOM   74   O O   . ASP A 1 27  ? -25.10642 -6.00373  13.47642  1.000 39.34031  ?  9   ASP A O   1 
ATOM   75   C CB  . ASP A 1 27  ? -23.93327 -8.69752  12.73280  1.000 43.25127  ?  9   ASP A CB  1 
ATOM   76   C CG  . ASP A 1 27  ? -23.14500 -9.38265  13.83032  1.000 54.31558  ?  9   ASP A CG  1 
ATOM   77   O OD1 . ASP A 1 27  ? -21.92275 -9.57540  13.65503  1.000 64.76606  ?  9   ASP A OD1 1 
ATOM   78   O OD2 . ASP A 1 27  ? -23.74926 -9.73254  14.86662  1.000 52.60796  ?  9   ASP A OD2 1 
ATOM   79   N N   . LYS A 1 28  ? -23.03324 -5.79547  14.32528  1.000 35.40806  ?  10  LYS A N   1 
ATOM   80   C CA  . LYS A 1 28  ? -23.41700 -4.81203  15.32835  1.000 36.83483  ?  10  LYS A CA  1 
ATOM   81   C C   . LYS A 1 28  ? -23.05768 -3.38663  14.92428  1.000 39.27813  ?  10  LYS A C   1 
ATOM   82   O O   . LYS A 1 28  ? -23.22252 -2.46564  15.73085  1.000 41.09491  ?  10  LYS A O   1 
ATOM   83   C CB  . LYS A 1 28  ? -22.78027 -5.15352  16.67672  1.000 31.47501  ?  10  LYS A CB  1 
ATOM   84   C CG  . LYS A 1 28  ? -23.26735 -6.46947  17.26600  1.000 47.04894  ?  10  LYS A CG  1 
ATOM   85   C CD  . LYS A 1 28  ? -23.35243 -6.40668  18.78213  1.000 49.26842  ?  10  LYS A CD  1 
ATOM   86   C CE  . LYS A 1 28  ? -23.51660 -7.79517  19.38459  1.000 53.84872  ?  10  LYS A CE  1 
ATOM   87   N NZ  . LYS A 1 28  ? -22.21207 -8.50558  19.52421  1.000 49.86075  ?  10  LYS A NZ  1 
ATOM   88   N N   . ILE A 1 29  ? -22.57018 -3.18383  13.70356  1.000 33.94912  ?  11  ILE A N   1 
ATOM   89   C CA  . ILE A 1 29  ? -22.32549 -1.83986  13.18685  1.000 32.71856  ?  11  ILE A CA  1 
ATOM   90   C C   . ILE A 1 29  ? -23.66830 -1.12764  13.07441  1.000 39.34201  ?  11  ILE A C   1 
ATOM   91   O O   . ILE A 1 29  ? -24.57348 -1.62333  12.38657  1.000 33.48420  ?  11  ILE A O   1 
ATOM   92   C CB  . ILE A 1 29  ? -21.60139 -1.87616  11.83194  1.000 29.50713  ?  11  ILE A CB  1 
ATOM   93   C CG1 . ILE A 1 29  ? -20.25773 -2.59463  11.95627  1.000 28.94338  ?  11  ILE A CG1 1 
ATOM   94   C CG2 . ILE A 1 29  ? -21.40238 -0.46508  11.29514  1.000 22.90760  ?  11  ILE A CG2 1 
ATOM   95   C CD1 . ILE A 1 29  ? -19.46740 -2.62260  10.66505  1.000 26.32771  ?  11  ILE A CD1 1 
ATOM   96   N N   . PRO A 1 30  ? -23.84921 0.02199   13.73234  1.000 38.54718  ?  12  PRO A N   1 
ATOM   97   C CA  . PRO A 1 30  ? -25.14784 0.70963   13.67568  1.000 38.09694  ?  12  PRO A CA  1 
ATOM   98   C C   . PRO A 1 30  ? -25.50403 1.16242   12.26841  1.000 36.64662  ?  12  PRO A C   1 
ATOM   99   O O   . PRO A 1 30  ? -24.90719 2.10546   11.73875  1.000 36.44326  ?  12  PRO A O   1 
ATOM   100  C CB  . PRO A 1 30  ? -24.95824 1.90128   14.62472  1.000 36.97691  ?  12  PRO A CB  1 
ATOM   101  C CG  . PRO A 1 30  ? -23.47900 2.10370   14.69735  1.000 37.36564  ?  12  PRO A CG  1 
ATOM   102  C CD  . PRO A 1 30  ? -22.87219 0.74014   14.56787  1.000 37.16311  ?  12  PRO A CD  1 
ATOM   103  N N   . ALA A 1 31  ? -26.48471 0.48902   11.65803  1.000 37.81052  ?  13  ALA A N   1 
ATOM   104  C CA  . ALA A 1 31  ? -26.84002 0.77804   10.27228  1.000 31.98177  ?  13  ALA A CA  1 
ATOM   105  C C   . ALA A 1 31  ? -27.44352 2.16711   10.11495  1.000 35.67019  ?  13  ALA A C   1 
ATOM   106  O O   . ALA A 1 31  ? -27.35475 2.75941   9.03337   1.000 38.13902  ?  13  ALA A O   1 
ATOM   107  C CB  . ALA A 1 31  ? -27.80832 -0.28097  9.74750   1.000 38.43838  ?  13  ALA A CB  1 
ATOM   108  N N   . ASN A 1 32  ? -28.05926 2.70261   11.17119  1.000 36.38764  ?  14  ASN A N   1 
ATOM   109  C CA  . ASN A 1 32  ? -28.63603 4.03941   11.08317  1.000 32.21026  ?  14  ASN A CA  1 
ATOM   110  C C   . ASN A 1 32  ? -27.55924 5.11252   10.97520  1.000 37.87564  ?  14  ASN A C   1 
ATOM   111  O O   . ASN A 1 32  ? -27.81302 6.18871   10.42133  1.000 35.95592  ?  14  ASN A O   1 
ATOM   112  C CB  . ASN A 1 32  ? -29.53295 4.30441   12.29240  1.000 33.91327  ?  14  ASN A CB  1 
ATOM   113  C CG  . ASN A 1 32  ? -28.84547 3.99369   13.60949  1.000 42.17313  ?  14  ASN A CG  1 
ATOM   114  O OD1 . ASN A 1 32  ? -28.10530 3.01561   13.72346  1.000 47.49587  ?  14  ASN A OD1 1 
ATOM   115  N ND2 . ASN A 1 32  ? -29.08897 4.82770   14.61409  1.000 40.97108  ?  14  ASN A ND2 1 
ATOM   116  N N   . VAL A 1 33  ? -26.36054 4.84025   11.48238  1.000 33.95075  ?  15  VAL A N   1 
ATOM   117  C CA  . VAL A 1 33  ? -25.27230 5.80878   11.47565  1.000 30.77632  ?  15  VAL A CA  1 
ATOM   118  C C   . VAL A 1 33  ? -24.33476 5.59894   10.29195  1.000 31.17293  ?  15  VAL A C   1 
ATOM   119  O O   . VAL A 1 33  ? -23.89239 6.56628   9.67199   1.000 29.14431  ?  15  VAL A O   1 
ATOM   120  C CB  . VAL A 1 33  ? -24.50101 5.75318   12.81303  1.000 31.51693  ?  15  VAL A CB  1 
ATOM   121  C CG1 . VAL A 1 33  ? -23.35756 6.75506   12.81253  1.000 29.66730  ?  15  VAL A CG1 1 
ATOM   122  C CG2 . VAL A 1 33  ? -25.43950 6.01571   13.98093  1.000 24.13884  ?  15  VAL A CG2 1 
ATOM   123  N N   . TYR A 1 34  ? -24.02385 4.34566   9.95453   1.000 24.35943  ?  16  TYR A N   1 
ATOM   124  C CA  . TYR A 1 34  ? -23.07595 4.02119   8.88962   1.000 30.14324  ?  16  TYR A CA  1 
ATOM   125  C C   . TYR A 1 34  ? -23.74395 3.13059   7.84533   1.000 35.33424  ?  16  TYR A C   1 
ATOM   126  O O   . TYR A 1 34  ? -23.38539 1.95429   7.69861   1.000 29.58914  ?  16  TYR A O   1 
ATOM   127  C CB  . TYR A 1 34  ? -21.83135 3.34323   9.45920   1.000 27.13855  ?  16  TYR A CB  1 
ATOM   128  C CG  . TYR A 1 34  ? -21.19258 4.11202   10.59167  1.000 25.87522  ?  16  TYR A CG  1 
ATOM   129  C CD1 . TYR A 1 34  ? -20.53447 5.31151   10.35503  1.000 25.57250  ?  16  TYR A CD1 1 
ATOM   130  C CD2 . TYR A 1 34  ? -21.25683 3.64507   11.89734  1.000 23.47042  ?  16  TYR A CD2 1 
ATOM   131  C CE1 . TYR A 1 34  ? -19.95104 6.02134   11.38391  1.000 26.65849  ?  16  TYR A CE1 1 
ATOM   132  C CE2 . TYR A 1 34  ? -20.67724 4.34813   12.93500  1.000 25.95685  ?  16  TYR A CE2 1 
ATOM   133  C CZ  . TYR A 1 34  ? -20.02529 5.53598   12.67216  1.000 28.24457  ?  16  TYR A CZ  1 
ATOM   134  O OH  . TYR A 1 34  ? -19.44697 6.24332   13.70054  1.000 19.93943  ?  16  TYR A OH  1 
ATOM   135  N N   . PRO A 1 35  ? -24.70218 3.67078   7.07739   1.000 29.83166  ?  17  PRO A N   1 
ATOM   136  C CA  . PRO A 1 35  ? -25.42431 2.83675   6.10516   1.000 33.46618  ?  17  PRO A CA  1 
ATOM   137  C C   . PRO A 1 35  ? -24.53303 2.32760   4.98295   1.000 32.40521  ?  17  PRO A C   1 
ATOM   138  O O   . PRO A 1 35  ? -24.57029 1.13927   4.64709   1.000 34.86557  ?  17  PRO A O   1 
ATOM   139  C CB  . PRO A 1 35  ? -26.51325 3.77828   5.56622   1.000 30.86270  ?  17  PRO A CB  1 
ATOM   140  C CG  . PRO A 1 35  ? -26.51617 4.96962   6.48248   1.000 30.99076  ?  17  PRO A CG  1 
ATOM   141  C CD  . PRO A 1 35  ? -25.12701 5.07741   7.01112   1.000 34.67744  ?  17  PRO A CD  1 
ATOM   142  N N   . GLU A 1 36  ? -23.72536 3.21712   4.39873   1.000 32.66067  ?  18  GLU A N   1 
ATOM   143  C CA  . GLU A 1 36  ? -22.88569 2.82336   3.27047   1.000 33.19064  ?  18  GLU A CA  1 
ATOM   144  C C   . GLU A 1 36  ? -21.82133 1.81527   3.68858   1.000 35.66078  ?  18  GLU A C   1 
ATOM   145  O O   . GLU A 1 36  ? -21.54847 0.85616   2.95679   1.000 35.24362  ?  18  GLU A O   1 
ATOM   146  C CB  . GLU A 1 36  ? -22.23777 4.05536   2.64156   1.000 36.09735  ?  18  GLU A CB  1 
ATOM   147  C CG  . GLU A 1 36  ? -23.21204 5.17116   2.31168   1.000 41.95541  ?  18  GLU A CG  1 
ATOM   148  C CD  . GLU A 1 36  ? -22.98448 6.40702   3.15810   1.000 59.75317  ?  18  GLU A CD  1 
ATOM   149  O OE1 . GLU A 1 36  ? -23.11175 6.31357   4.40021   1.000 41.30700  ?  18  GLU A OE1 1 
ATOM   150  O OE2 . GLU A 1 36  ? -22.67326 7.47018   2.57953   1.000 64.41948  ?  18  GLU A OE2 1 
ATOM   151  N N   . LEU A 1 37  ? -21.20392 2.01594   4.85617   1.000 33.45068  ?  19  LEU A N   1 
ATOM   152  C CA  . LEU A 1 37  ? -20.20292 1.06388   5.32761   1.000 27.79740  ?  19  LEU A CA  1 
ATOM   153  C C   . LEU A 1 37  ? -20.81758 -0.31119  5.55577   1.000 29.79317  ?  19  LEU A C   1 
ATOM   154  O O   . LEU A 1 37  ? -20.20158 -1.33528  5.23616   1.000 27.06133  ?  19  LEU A O   1 
ATOM   155  C CB  . LEU A 1 37  ? -19.54593 1.57498   6.61036   1.000 25.74095  ?  19  LEU A CB  1 
ATOM   156  C CG  . LEU A 1 37  ? -18.58922 0.58709   7.28336   1.000 22.79235  ?  19  LEU A CG  1 
ATOM   157  C CD1 . LEU A 1 37  ? -17.37364 0.34216   6.40599   1.000 21.70962  ?  19  LEU A CD1 1 
ATOM   158  C CD2 . LEU A 1 37  ? -18.17253 1.06897   8.66468   1.000 21.95135  ?  19  LEU A CD2 1 
ATOM   159  N N   . VAL A 1 38  ? -22.03271 -0.35360  6.10995   1.000 27.43189  ?  20  VAL A N   1 
ATOM   160  C CA  . VAL A 1 38  ? -22.71598 -1.62858  6.31376   1.000 31.30992  ?  20  VAL A CA  1 
ATOM   161  C C   . VAL A 1 38  ? -22.97430 -2.30994  4.97578   1.000 33.44193  ?  20  VAL A C   1 
ATOM   162  O O   . VAL A 1 38  ? -22.80102 -3.52739  4.83652   1.000 32.21551  ?  20  VAL A O   1 
ATOM   163  C CB  . VAL A 1 38  ? -24.02027 -1.41428  7.10717   1.000 32.25869  ?  20  VAL A CB  1 
ATOM   164  C CG1 . VAL A 1 38  ? -24.91979 -2.64058  7.01458   1.000 31.43827  ?  20  VAL A CG1 1 
ATOM   165  C CG2 . VAL A 1 38  ? -23.71124 -1.09732  8.55872   1.000 27.30007  ?  20  VAL A CG2 1 
ATOM   166  N N   . GLU A 1 39  ? -23.37500 -1.53322  3.96611   1.000 30.89678  ?  21  GLU A N   1 
ATOM   167  C CA  . GLU A 1 39  ? -23.61453 -2.10226  2.64452   1.000 34.34742  ?  21  GLU A CA  1 
ATOM   168  C C   . GLU A 1 39  ? -22.31850 -2.59116  2.00808   1.000 38.59517  ?  21  GLU A C   1 
ATOM   169  O O   . GLU A 1 39  ? -22.28112 -3.68036  1.42312   1.000 36.43224  ?  21  GLU A O   1 
ATOM   170  C CB  . GLU A 1 39  ? -24.30164 -1.07056  1.74913   1.000 36.27082  ?  21  GLU A CB  1 
ATOM   171  C CG  . GLU A 1 39  ? -24.37028 -1.46265  0.27929   1.000 49.28319  ?  21  GLU A CG  1 
ATOM   172  C CD  . GLU A 1 39  ? -25.12130 -2.76382  0.05139   1.000 59.21129  ?  21  GLU A CD  1 
ATOM   173  O OE1 . GLU A 1 39  ? -26.09030 -3.03565  0.79253   1.000 59.21838  ?  21  GLU A OE1 1 
ATOM   174  O OE2 . GLU A 1 39  ? -24.74061 -3.51661  -0.87043  1.000 61.15228  ?  21  GLU A OE2 1 
ATOM   175  N N   . TRP A 1 40  ? -21.24573 -1.80205  2.11560   1.000 31.03023  ?  22  TRP A N   1 
ATOM   176  C CA  . TRP A 1 40  ? -19.96928 -2.19749  1.52749   1.000 27.91726  ?  22  TRP A CA  1 
ATOM   177  C C   . TRP A 1 40  ? -19.45954 -3.49673  2.13739   1.000 31.49547  ?  22  TRP A C   1 
ATOM   178  O O   . TRP A 1 40  ? -18.95761 -4.37192  1.42262   1.000 32.81463  ?  22  TRP A O   1 
ATOM   179  C CB  . TRP A 1 40  ? -18.94389 -1.07658  1.70634   1.000 28.92855  ?  22  TRP A CB  1 
ATOM   180  C CG  . TRP A 1 40  ? -17.59856 -1.36435  1.10536   1.000 29.31265  ?  22  TRP A CG  1 
ATOM   181  C CD1 . TRP A 1 40  ? -17.28973 -1.42742  -0.22230  1.000 29.39464  ?  22  TRP A CD1 1 
ATOM   182  C CD2 . TRP A 1 40  ? -16.37657 -1.61416  1.81283   1.000 32.33333  ?  22  TRP A CD2 1 
ATOM   183  N NE1 . TRP A 1 40  ? -15.95400 -1.70630  -0.38580  1.000 28.97055  ?  22  TRP A NE1 1 
ATOM   184  C CE2 . TRP A 1 40  ? -15.37112 -1.82598  0.84822   1.000 31.55081  ?  22  TRP A CE2 1 
ATOM   185  C CE3 . TRP A 1 40  ? -16.03622 -1.68248  3.16754   1.000 30.64200  ?  22  TRP A CE3 1 
ATOM   186  C CZ2 . TRP A 1 40  ? -14.04949 -2.10109  1.19495   1.000 31.21851  ?  22  TRP A CZ2 1 
ATOM   187  C CZ3 . TRP A 1 40  ? -14.72303 -1.95555  3.50950   1.000 25.68977  ?  22  TRP A CZ3 1 
ATOM   188  C CH2 . TRP A 1 40  ? -13.74643 -2.16116  2.52762   1.000 27.71875  ?  22  TRP A CH2 1 
ATOM   189  N N   . VAL A 1 41  ? -19.58808 -3.64500  3.45707   1.000 32.80960  ?  23  VAL A N   1 
ATOM   190  C CA  . VAL A 1 41  ? -19.14520 -4.87265  4.11028   1.000 35.27735  ?  23  VAL A CA  1 
ATOM   191  C C   . VAL A 1 41  ? -20.03609 -6.04325  3.70968   1.000 37.48500  ?  23  VAL A C   1 
ATOM   192  O O   . VAL A 1 41  ? -19.55387 -7.16245  3.49490   1.000 36.10612  ?  23  VAL A O   1 
ATOM   193  C CB  . VAL A 1 41  ? -19.10777 -4.67910  5.63765   1.000 34.25113  ?  23  VAL A CB  1 
ATOM   194  C CG1 . VAL A 1 41  ? -18.83970 -6.00399  6.34011   1.000 31.39160  ?  23  VAL A CG1 1 
ATOM   195  C CG2 . VAL A 1 41  ? -18.05157 -3.64976  6.01465   1.000 31.38957  ?  23  VAL A CG2 1 
ATOM   196  N N   . ARG A 1 42  ? -21.34622 -5.80550  3.59504   1.000 36.53504  ?  24  ARG A N   1 
ATOM   197  C CA  . ARG A 1 42  ? -22.25956 -6.87365  3.19926   1.000 39.75353  ?  24  ARG A CA  1 
ATOM   198  C C   . ARG A 1 42  ? -21.95863 -7.36335  1.78807   1.000 44.36119  ?  24  ARG A C   1 
ATOM   199  O O   . ARG A 1 42  ? -21.94989 -8.57363  1.53063   1.000 37.54554  ?  24  ARG A O   1 
ATOM   200  C CB  . ARG A 1 42  ? -23.70781 -6.39386  3.30084   1.000 42.09182  ?  24  ARG A CB  1 
ATOM   201  C CG  . ARG A 1 42  ? -24.73809 -7.44847  2.91905   1.000 37.69535  ?  24  ARG A CG  1 
ATOM   202  C CD  . ARG A 1 42  ? -25.97332 -6.82166  2.28804   1.000 45.07931  ?  24  ARG A CD  1 
ATOM   203  N NE  . ARG A 1 42  ? -25.65320 -6.07302  1.07545   1.000 55.82869  ?  24  ARG A NE  1 
ATOM   204  C CZ  . ARG A 1 42  ? -25.49118 -6.62419  -0.12399  1.000 60.82845  ?  24  ARG A CZ  1 
ATOM   205  N NH1 . ARG A 1 42  ? -25.61839 -7.93564  -0.27803  1.000 53.00509  ?  24  ARG A NH1 1 
ATOM   206  N NH2 . ARG A 1 42  ? -25.20049 -5.86402  -1.17124  1.000 61.63508  ?  24  ARG A NH2 1 
ATOM   207  N N   . ASP A 1 43  ? -21.70756 -6.43671  0.85952   1.000 40.95210  ?  25  ASP A N   1 
ATOM   208  C CA  . ASP A 1 43  ? -21.38738 -6.83249  -0.50729  1.000 43.64596  ?  25  ASP A CA  1 
ATOM   209  C C   . ASP A 1 43  ? -20.07648 -7.60540  -0.57465  1.000 42.38435  ?  25  ASP A C   1 
ATOM   210  O O   . ASP A 1 43  ? -19.93241 -8.50894  -1.40574  1.000 45.40231  ?  25  ASP A O   1 
ATOM   211  C CB  . ASP A 1 43  ? -21.33091 -5.60116  -1.41086  1.000 44.20445  ?  25  ASP A CB  1 
ATOM   212  C CG  . ASP A 1 43  ? -21.15898 -5.96106  -2.87380  1.000 70.31933  ?  25  ASP A CG  1 
ATOM   213  O OD1 . ASP A 1 43  ? -22.03522 -6.66480  -3.42155  1.000 70.50082  ?  25  ASP A OD1 1 
ATOM   214  O OD2 . ASP A 1 43  ? -20.14702 -5.54177  -3.47545  1.000 77.01083  ?  25  ASP A OD2 1 
ATOM   215  N N   . LEU A 1 44  ? -19.11380 -7.27140  0.28901   1.000 39.43216  ?  26  LEU A N   1 
ATOM   216  C CA  . LEU A 1 44  ? -17.86649 -8.02823  0.33158   1.000 37.07999  ?  26  LEU A CA  1 
ATOM   217  C C   . LEU A 1 44  ? -18.10256 -9.45173  0.81991   1.000 38.91222  ?  26  LEU A C   1 
ATOM   218  O O   . LEU A 1 44  ? -17.48832 -10.39862 0.31417   1.000 38.15955  ?  26  LEU A O   1 
ATOM   219  C CB  . LEU A 1 44  ? -16.84988 -7.32192  1.22933   1.000 40.83804  ?  26  LEU A CB  1 
ATOM   220  C CG  . LEU A 1 44  ? -16.18661 -6.04627  0.70697   1.000 36.30171  ?  26  LEU A CG  1 
ATOM   221  C CD1 . LEU A 1 44  ? -15.26310 -5.46210  1.76658   1.000 34.77897  ?  26  LEU A CD1 1 
ATOM   222  C CD2 . LEU A 1 44  ? -15.42598 -6.31589  -0.58130  1.000 25.68933  ?  26  LEU A CD2 1 
ATOM   223  N N   . ASN A 1 45  ? -18.98842 -9.62214  1.80151   1.000 37.46097  ?  27  ASN A N   1 
ATOM   224  C CA  . ASN A 1 45  ? -19.24992 -10.93344 2.37890   1.000 41.00942  ?  27  ASN A CA  1 
ATOM   225  C C   . ASN A 1 45  ? -20.24629 -11.75761 1.57269   1.000 39.93949  ?  27  ASN A C   1 
ATOM   226  O O   . ASN A 1 45  ? -20.38232 -12.95794 1.83374   1.000 44.83706  ?  27  ASN A O   1 
ATOM   227  C CB  . ASN A 1 45  ? -19.75704 -10.77855 3.81504   1.000 37.94859  ?  27  ASN A CB  1 
ATOM   228  C CG  . ASN A 1 45  ? -18.68899 -10.25746 4.75749   1.000 41.47246  ?  27  ASN A CG  1 
ATOM   229  O OD1 . ASN A 1 45  ? -17.50126 -10.53939 4.58794   1.000 36.59297  ?  27  ASN A OD1 1 
ATOM   230  N ND2 . ASN A 1 45  ? -19.10773 -9.49408  5.76051   1.000 31.09098  ?  27  ASN A ND2 1 
ATOM   231  N N   . SER A 1 46  ? -20.94027 -11.15279 0.60536   1.000 36.34052  ?  28  SER A N   1 
ATOM   232  C CA  . SER A 1 46  ? -21.92371 -11.89061 -0.17926  1.000 42.00123  ?  28  SER A CA  1 
ATOM   233  C C   . SER A 1 46  ? -21.28262 -12.92662 -1.09380  1.000 45.12023  ?  28  SER A C   1 
ATOM   234  O O   . SER A 1 46  ? -21.95443 -13.88567 -1.48828  1.000 43.45781  ?  28  SER A O   1 
ATOM   235  C CB  . SER A 1 46  ? -22.77111 -10.92233 -1.00686  1.000 37.99772  ?  28  SER A CB  1 
ATOM   236  O OG  . SER A 1 46  ? -21.96182 -10.14659 -1.87279  1.000 39.36710  ?  28  SER A OG  1 
ATOM   237  N N   . ILE A 1 47  ? -20.00870 -12.75946 -1.43516  1.000 44.26651  ?  29  ILE A N   1 
ATOM   238  C CA  . ILE A 1 47  ? -19.30005 -13.68202 -2.31038  1.000 41.08050  ?  29  ILE A CA  1 
ATOM   239  C C   . ILE A 1 47  ? -18.26876 -14.50050 -1.53521  1.000 43.63894  ?  29  ILE A C   1 
ATOM   240  O O   . ILE A 1 47  ? -17.33746 -15.04225 -2.12750  1.000 45.46886  ?  29  ILE A O   1 
ATOM   241  C CB  . ILE A 1 47  ? -18.64394 -12.93870 -3.48550  1.000 42.40150  ?  29  ILE A CB  1 
ATOM   242  C CG1 . ILE A 1 47  ? -17.65479 -11.89284 -2.96411  1.000 44.09596  ?  29  ILE A CG1 1 
ATOM   243  C CG2 . ILE A 1 47  ? -19.69996 -12.28623 -4.36393  1.000 40.75111  ?  29  ILE A CG2 1 
ATOM   244  C CD1 . ILE A 1 47  ? -17.09160 -10.98847 -4.04047  1.000 45.37505  ?  29  ILE A CD1 1 
ATOM   245  N N   . ARG A 1 48  ? -18.42206 -14.60383 -0.21709  1.000 40.91818  ?  30  ARG A N   1 
ATOM   246  C CA  . ARG A 1 48  ? -17.41026 -15.21257 0.63354   1.000 44.04205  ?  30  ARG A CA  1 
ATOM   247  C C   . ARG A 1 48  ? -18.03426 -16.24194 1.56175   1.000 46.99851  ?  30  ARG A C   1 
ATOM   248  O O   . ARG A 1 48  ? -19.15787 -16.06352 2.04184   1.000 48.55959  ?  30  ARG A O   1 
ATOM   249  C CB  . ARG A 1 48  ? -16.68026 -14.15448 1.46902   1.000 43.27235  ?  30  ARG A CB  1 
ATOM   250  C CG  . ARG A 1 48  ? -15.56422 -13.44208 0.73150   1.000 47.25686  ?  30  ARG A CG  1 
ATOM   251  C CD  . ARG A 1 48  ? -14.87862 -12.42169 1.62641   1.000 39.97287  ?  30  ARG A CD  1 
ATOM   252  N NE  . ARG A 1 48  ? -13.61717 -11.96067 1.05523   1.000 30.96240  ?  30  ARG A NE  1 
ATOM   253  C CZ  . ARG A 1 48  ? -13.52522 -11.03679 0.10434   1.000 33.95498  ?  30  ARG A CZ  1 
ATOM   254  N NH1 . ARG A 1 48  ? -14.62335 -10.47475 -0.38482  1.000 27.60747  ?  30  ARG A NH1 1 
ATOM   255  N NH2 . ARG A 1 48  ? -12.33621 -10.67586 -0.35942  1.000 29.69179  ?  30  ARG A NH2 1 
ATOM   256  N N   . GLU A 1 49  ? -17.29120 -17.32003 1.81249   1.000 42.90333  ?  31  GLU A N   1 
ATOM   257  C CA  . GLU A 1 49  ? -17.67974 -18.27464 2.84375   1.000 44.95682  ?  31  GLU A CA  1 
ATOM   258  C C   . GLU A 1 49  ? -17.33734 -17.73384 4.22666   1.000 44.84196  ?  31  GLU A C   1 
ATOM   259  O O   . GLU A 1 49  ? -18.21935 -17.54416 5.07082   1.000 46.84294  ?  31  GLU A O   1 
ATOM   260  C CB  . GLU A 1 49  ? -16.99038 -19.62065 2.60173   1.000 49.82834  ?  31  GLU A CB  1 
ATOM   261  C CG  . GLU A 1 49  ? -17.70146 -20.51093 1.59679   1.000 53.31672  ?  31  GLU A CG  1 
ATOM   262  C CD  . GLU A 1 49  ? -19.05909 -20.96833 2.09038   1.000 64.45991  ?  31  GLU A CD  1 
ATOM   263  O OE1 . GLU A 1 49  ? -19.12166 -21.58266 3.17720   1.000 58.12205  ?  31  GLU A OE1 1 
ATOM   264  O OE2 . GLU A 1 49  ? -20.06361 -20.70884 1.39420   1.000 70.67489  ?  31  GLU A OE2 1 
ATOM   265  N N   . GLU A 1 50  ? -16.05835 -17.47854 4.46803   1.000 46.32863  ?  32  GLU A N   1 
ATOM   266  C CA  . GLU A 1 50  ? -15.62376 -16.84916 5.70770   1.000 43.54215  ?  32  GLU A CA  1 
ATOM   267  C C   . GLU A 1 50  ? -15.75985 -15.33552 5.58468   1.000 44.86455  ?  32  GLU A C   1 
ATOM   268  O O   . GLU A 1 50  ? -15.32217 -14.76180 4.58190   1.000 41.14209  ?  32  GLU A O   1 
ATOM   269  C CB  . GLU A 1 50  ? -14.17784 -17.22616 6.01772   1.000 42.07417  ?  32  GLU A CB  1 
ATOM   270  C CG  . GLU A 1 50  ? -13.69309 -16.78495 7.38683   1.000 49.90476  ?  32  GLU A CG  1 
ATOM   271  C CD  . GLU A 1 50  ? -14.31165 -17.59195 8.50951   1.000 55.98212  ?  32  GLU A CD  1 
ATOM   272  O OE1 . GLU A 1 50  ? -14.73861 -18.73813 8.25354   1.000 59.33643  ?  32  GLU A OE1 1 
ATOM   273  O OE2 . GLU A 1 50  ? -14.37050 -17.07996 9.64745   1.000 53.69850  ?  32  GLU A OE2 1 
ATOM   274  N N   . PRO A 1 51  ? -16.35756 -14.66139 6.56530   1.000 42.43083  ?  33  PRO A N   1 
ATOM   275  C CA  . PRO A 1 51  ? -16.56274 -13.21492 6.44037   1.000 38.67376  ?  33  PRO A CA  1 
ATOM   276  C C   . PRO A 1 51  ? -15.24943 -12.44954 6.48869   1.000 35.76515  ?  33  PRO A C   1 
ATOM   277  O O   . PRO A 1 51  ? -14.25249 -12.90329 7.05670   1.000 30.18564  ?  33  PRO A O   1 
ATOM   278  C CB  . PRO A 1 51  ? -17.44666 -12.87680 7.64692   1.000 37.77469  ?  33  PRO A CB  1 
ATOM   279  C CG  . PRO A 1 51  ? -17.12291 -13.93549 8.64748   1.000 39.07988  ?  33  PRO A CG  1 
ATOM   280  C CD  . PRO A 1 51  ? -16.86776 -15.18441 7.84429   1.000 43.25009  ?  33  PRO A CD  1 
ATOM   281  N N   . ILE A 1 52  ? -15.26096 -11.26716 5.86974   1.000 33.67929  ?  34  ILE A N   1 
ATOM   282  C CA  . ILE A 1 52  ? -14.09119 -10.40325 5.91902   1.000 37.01603  ?  34  ILE A CA  1 
ATOM   283  C C   . ILE A 1 52  ? -13.84856 -9.94341  7.35700   1.000 30.55572  ?  34  ILE A C   1 
ATOM   284  O O   . ILE A 1 52  ? -14.73718 -9.98630  8.21613   1.000 35.21615  ?  34  ILE A O   1 
ATOM   285  C CB  . ILE A 1 52  ? -14.25765 -9.20115  4.97476   1.000 36.58319  ?  34  ILE A CB  1 
ATOM   286  C CG1 . ILE A 1 52  ? -12.90915 -8.79723  4.38024   1.000 34.91140  ?  34  ILE A CG1 1 
ATOM   287  C CG2 . ILE A 1 52  ? -14.91299 -8.02597  5.69415   1.000 33.77557  ?  34  ILE A CG2 1 
ATOM   288  C CD1 . ILE A 1 52  ? -12.35302 -9.81115  3.41158   1.000 39.25009  ?  34  ILE A CD1 1 
ATOM   289  N N   . LYS A 1 53  ? -12.61842 -9.51675  7.62013   1.000 26.36450  ?  35  LYS A N   1 
ATOM   290  C CA  . LYS A 1 53  ? -12.24238 -8.94879  8.90419   1.000 30.25673  ?  35  LYS A CA  1 
ATOM   291  C C   . LYS A 1 53  ? -12.06812 -7.44239  8.76292   1.000 30.90869  ?  35  LYS A C   1 
ATOM   292  O O   . LYS A 1 53  ? -11.52251 -6.96150  7.76444   1.000 25.69515  ?  35  LYS A O   1 
ATOM   293  C CB  . LYS A 1 53  ? -10.95170 -9.58316  9.43179   1.000 27.24905  ?  35  LYS A CB  1 
ATOM   294  C CG  . LYS A 1 53  ? -11.15855 -10.92783 10.11720  1.000 38.71409  ?  35  LYS A CG  1 
ATOM   295  C CD  . LYS A 1 53  ? -10.24937 -11.08024 11.32863  1.000 41.85282  ?  35  LYS A CD  1 
ATOM   296  C CE  . LYS A 1 53  ? -10.63750 -12.28841 12.16800  1.000 48.63475  ?  35  LYS A CE  1 
ATOM   297  N NZ  . LYS A 1 53  ? -9.83278  -12.37751 13.42105  1.000 58.86001  ?  35  LYS A NZ  1 
ATOM   298  N N   . LEU A 1 54  ? -12.55029 -6.70049  9.75785   1.000 29.24933  ?  36  LEU A N   1 
ATOM   299  C CA  . LEU A 1 54  ? -12.40764 -5.24782  9.81180   1.000 24.54055  ?  36  LEU A CA  1 
ATOM   300  C C   . LEU A 1 54  ? -11.73632 -4.89949  11.13352  1.000 24.84323  ?  36  LEU A C   1 
ATOM   301  O O   . LEU A 1 54  ? -12.34893 -5.02789  12.19961  1.000 24.82895  ?  36  LEU A O   1 
ATOM   302  C CB  . LEU A 1 54  ? -13.76110 -4.55277  9.67399   1.000 24.35203  ?  36  LEU A CB  1 
ATOM   303  C CG  . LEU A 1 54  ? -13.73225 -3.03063  9.51233   1.000 24.61741  ?  36  LEU A CG  1 
ATOM   304  C CD1 . LEU A 1 54  ? -12.93691 -2.63155  8.27646   1.000 24.58890  ?  36  LEU A CD1 1 
ATOM   305  C CD2 . LEU A 1 54  ? -15.14279 -2.47103  9.44675   1.000 19.09775  ?  36  LEU A CD2 1 
ATOM   306  N N   . THR A 1 55  ? -10.48277 -4.45983  11.06343  1.000 21.70335  ?  37  THR A N   1 
ATOM   307  C CA  . THR A 1 55  ? -9.64547  -4.26758  12.23895  1.000 27.29290  ?  37  THR A CA  1 
ATOM   308  C C   . THR A 1 55  ? -9.22449  -2.80967  12.35078  1.000 25.17180  ?  37  THR A C   1 
ATOM   309  O O   . THR A 1 55  ? -8.81060  -2.19934  11.35923  1.000 28.12064  ?  37  THR A O   1 
ATOM   310  C CB  . THR A 1 55  ? -8.40725  -5.16521  12.17450  1.000 26.60877  ?  37  THR A CB  1 
ATOM   311  O OG1 . THR A 1 55  ? -8.81021  -6.52298  11.95156  1.000 25.91256  ?  37  THR A OG1 1 
ATOM   312  C CG2 . THR A 1 55  ? -7.62191  -5.07963  13.46985  1.000 22.36299  ?  37  THR A CG2 1 
ATOM   313  N N   . MET A 1 56  ? -9.32693  -2.26045  13.55713  1.000 25.69662  ?  38  MET A N   1 
ATOM   314  C CA  . MET A 1 56  ? -8.86540  -0.91491  13.85700  1.000 23.06468  ?  38  MET A CA  1 
ATOM   315  C C   . MET A 1 56  ? -7.63824  -0.98065  14.75703  1.000 23.54699  ?  38  MET A C   1 
ATOM   316  O O   . MET A 1 56  ? -7.50234  -1.88526  15.58688  1.000 21.50075  ?  38  MET A O   1 
ATOM   317  C CB  . MET A 1 56  ? -9.96467  -0.08562  14.53011  1.000 19.79815  ?  38  MET A CB  1 
ATOM   318  C CG  . MET A 1 56  ? -11.10650 0.30455   13.60264  1.000 24.23109  ?  38  MET A CG  1 
ATOM   319  S SD  . MET A 1 56  ? -12.26054 1.47188   14.35566  1.000 24.62790  ?  38  MET A SD  1 
ATOM   320  C CE  . MET A 1 56  ? -12.76153 0.55983   15.81247  1.000 24.80527  ?  38  MET A CE  1 
ATOM   321  N N   . PHE A 1 57  ? -6.73908  -0.01518  14.57514  1.000 19.87963  ?  39  PHE A N   1 
ATOM   322  C CA  . PHE A 1 57  ? -5.50611  0.08823   15.35045  1.000 25.13124  ?  39  PHE A CA  1 
ATOM   323  C C   . PHE A 1 57  ? -5.55319  1.41290   16.09940  1.000 28.15338  ?  39  PHE A C   1 
ATOM   324  O O   . PHE A 1 57  ? -5.47262  2.48259   15.48421  1.000 22.71837  ?  39  PHE A O   1 
ATOM   325  C CB  . PHE A 1 57  ? -4.27639  -0.01044  14.44636  1.000 22.80852  ?  39  PHE A CB  1 
ATOM   326  C CG  . PHE A 1 57  ? -4.12872  -1.34824  13.77078  1.000 24.63921  ?  39  PHE A CG  1 
ATOM   327  C CD1 . PHE A 1 57  ? -4.95626  -1.70546  12.71560  1.000 25.32223  ?  39  PHE A CD1 1 
ATOM   328  C CD2 . PHE A 1 57  ? -3.16788  -2.25162  14.19461  1.000 24.90792  ?  39  PHE A CD2 1 
ATOM   329  C CE1 . PHE A 1 57  ? -4.82658  -2.93779  12.09667  1.000 23.95004  ?  39  PHE A CE1 1 
ATOM   330  C CE2 . PHE A 1 57  ? -3.03317  -3.48496  13.57929  1.000 22.28146  ?  39  PHE A CE2 1 
ATOM   331  C CZ  . PHE A 1 57  ? -3.86341  -3.82751  12.52959  1.000 23.60234  ?  39  PHE A CZ  1 
ATOM   332  N N   . VAL A 1 58  ? -5.68981  1.33979   17.42181  1.000 28.36432  ?  40  VAL A N   1 
ATOM   333  C CA  . VAL A 1 58  ? -6.06011  2.48219   18.24880  1.000 23.54178  ?  40  VAL A CA  1 
ATOM   334  C C   . VAL A 1 58  ? -4.90097  2.84033   19.16722  1.000 29.23971  ?  40  VAL A C   1 
ATOM   335  O O   . VAL A 1 58  ? -4.30046  1.96118   19.79804  1.000 30.39178  ?  40  VAL A O   1 
ATOM   336  C CB  . VAL A 1 58  ? -7.33108  2.18838   19.06429  1.000 26.57759  ?  40  VAL A CB  1 
ATOM   337  C CG1 . VAL A 1 58  ? -7.72950  3.40386   19.88879  1.000 24.06478  ?  40  VAL A CG1 1 
ATOM   338  C CG2 . VAL A 1 58  ? -8.46477  1.76554   18.14204  1.000 22.33310  ?  40  VAL A CG2 1 
ATOM   339  N N   . GLU A 1 59  ? -4.59367  4.13381   19.24205  1.000 28.29045  ?  41  GLU A N   1 
ATOM   340  C CA  . GLU A 1 59  ? -3.64519  4.67820   20.20645  1.000 26.65118  ?  41  GLU A CA  1 
ATOM   341  C C   . GLU A 1 59  ? -4.34955  5.78919   20.97040  1.000 27.70076  ?  41  GLU A C   1 
ATOM   342  O O   . GLU A 1 59  ? -4.77166  6.78303   20.36808  1.000 19.66236  ?  41  GLU A O   1 
ATOM   343  C CB  . GLU A 1 59  ? -2.38604  5.20563   19.51177  1.000 25.72205  ?  41  GLU A CB  1 
ATOM   344  C CG  . GLU A 1 59  ? -1.37360  5.84334   20.44839  1.000 40.11293  ?  41  GLU A CG  1 
ATOM   345  C CD  . GLU A 1 59  ? -0.21203  6.47903   19.70473  1.000 50.36558  ?  41  GLU A CD  1 
ATOM   346  O OE1 . GLU A 1 59  ? 0.03331   6.09485   18.54110  1.000 45.25641  ?  41  GLU A OE1 1 
ATOM   347  O OE2 . GLU A 1 59  ? 0.45477   7.36349   20.28375  1.000 51.15288  ?  41  GLU A OE2 1 
ATOM   348  N N   . ASP A 1 60  ? -4.48898  5.61132   22.28743  1.000 21.41381  ?  42  ASP A N   1 
ATOM   349  C CA  . ASP A 1 60  ? -5.21826  6.54909   23.13702  1.000 23.89373  ?  42  ASP A CA  1 
ATOM   350  C C   . ASP A 1 60  ? -6.66338  6.68697   22.66827  1.000 26.22962  ?  42  ASP A C   1 
ATOM   351  O O   . ASP A 1 60  ? -7.44385  5.73398   22.76455  1.000 24.33294  ?  42  ASP A O   1 
ATOM   352  C CB  . ASP A 1 60  ? -4.52156  7.91450   23.16240  1.000 25.27235  ?  42  ASP A CB  1 
ATOM   353  C CG  . ASP A 1 60  ? -3.20206  7.88138   23.91491  1.000 34.80785  ?  42  ASP A CG  1 
ATOM   354  O OD1 . ASP A 1 60  ? -3.00818  6.95844   24.73617  1.000 32.03804  ?  42  ASP A OD1 1 
ATOM   355  O OD2 . ASP A 1 60  ? -2.36158  8.77827   23.68775  1.000 32.74510  ?  42  ASP A OD2 1 
ATOM   356  N N   . ASP A 1 61  ? -7.03180  7.86526   22.16064  1.000 22.86876  ?  43  ASP A N   1 
ATOM   357  C CA  . ASP A 1 61  ? -8.35421  8.09028   21.58841  1.000 25.05720  ?  43  ASP A CA  1 
ATOM   358  C C   . ASP A 1 61  ? -8.29632  8.32129   20.08132  1.000 22.88338  ?  43  ASP A C   1 
ATOM   359  O O   . ASP A 1 61  ? -9.19838  8.94713   19.51573  1.000 22.17834  ?  43  ASP A O   1 
ATOM   360  C CB  . ASP A 1 61  ? -9.04823  9.26486   22.28169  1.000 25.94475  ?  43  ASP A CB  1 
ATOM   361  C CG  . ASP A 1 61  ? -8.30999  10.58003  22.09482  1.000 31.01921  ?  43  ASP A CG  1 
ATOM   362  O OD1 . ASP A 1 61  ? -7.13647  10.56031  21.66556  1.000 32.41138  ?  43  ASP A OD1 1 
ATOM   363  O OD2 . ASP A 1 61  ? -8.90902  11.63851  22.37846  1.000 30.06026  ?  43  ASP A OD2 1 
ATOM   364  N N   . ILE A 1 62  ? -7.25294  7.82614   19.42165  1.000 22.78583  ?  44  ILE A N   1 
ATOM   365  C CA  . ILE A 1 62  ? -7.05107  8.01472   17.99117  1.000 24.98741  ?  44  ILE A CA  1 
ATOM   366  C C   . ILE A 1 62  ? -7.01704  6.64872   17.32420  1.000 22.54148  ?  44  ILE A C   1 
ATOM   367  O O   . ILE A 1 62  ? -6.22739  5.78083   17.71502  1.000 20.81628  ?  44  ILE A O   1 
ATOM   368  C CB  . ILE A 1 62  ? -5.75208  8.78784   17.69525  1.000 30.30878  ?  44  ILE A CB  1 
ATOM   369  C CG1 . ILE A 1 62  ? -5.76290  10.15384  18.38517  1.000 25.77096  ?  44  ILE A CG1 1 
ATOM   370  C CG2 . ILE A 1 62  ? -5.54909  8.93758   16.19108  1.000 18.77357  ?  44  ILE A CG2 1 
ATOM   371  C CD1 . ILE A 1 62  ? -4.39279  10.78432  18.49293  1.000 19.82423  ?  44  ILE A CD1 1 
ATOM   372  N N   . VAL A 1 63  ? -7.87150  6.45782   16.32134  1.000 22.39884  ?  45  VAL A N   1 
ATOM   373  C CA  . VAL A 1 63  ? -7.77132  5.28934   15.45166  1.000 22.01516  ?  45  VAL A CA  1 
ATOM   374  C C   . VAL A 1 63  ? -6.66857  5.59581   14.44217  1.000 22.73313  ?  45  VAL A C   1 
ATOM   375  O O   . VAL A 1 63  ? -6.87044  6.35494   13.49204  1.000 21.33608  ?  45  VAL A O   1 
ATOM   376  C CB  . VAL A 1 63  ? -9.09935  4.96082   14.76778  1.000 22.27627  ?  45  VAL A CB  1 
ATOM   377  C CG1 . VAL A 1 63  ? -8.93500  3.75279   13.85313  1.000 18.81047  ?  45  VAL A CG1 1 
ATOM   378  C CG2 . VAL A 1 63  ? -10.17419 4.69726   15.81210  1.000 17.62386  ?  45  VAL A CG2 1 
ATOM   379  N N   . ARG A 1 64  ? -5.48394  5.02211   14.66548  1.000 21.58349  ?  46  ARG A N   1 
ATOM   380  C CA  . ARG A 1 64  ? -4.34256  5.31026   13.80453  1.000 23.29141  ?  46  ARG A CA  1 
ATOM   381  C C   . ARG A 1 64  ? -4.51707  4.70764   12.41822  1.000 25.36929  ?  46  ARG A C   1 
ATOM   382  O O   . ARG A 1 64  ? -3.96267  5.22772   11.44370  1.000 28.79239  ?  46  ARG A O   1 
ATOM   383  C CB  . ARG A 1 64  ? -3.05804  4.79069   14.44965  1.000 23.71613  ?  46  ARG A CB  1 
ATOM   384  C CG  . ARG A 1 64  ? -2.64082  5.54200   15.70103  1.000 25.29818  ?  46  ARG A CG  1 
ATOM   385  C CD  . ARG A 1 64  ? -2.22197  6.96256   15.37245  1.000 29.22062  ?  46  ARG A CD  1 
ATOM   386  N NE  . ARG A 1 64  ? -1.62458  7.63191   16.52314  1.000 35.37631  ?  46  ARG A NE  1 
ATOM   387  C CZ  . ARG A 1 64  ? -1.31557  8.92367   16.55619  1.000 39.20428  ?  46  ARG A CZ  1 
ATOM   388  N NH1 . ARG A 1 64  ? -1.54992  9.68934   15.49907  1.000 32.23167  ?  46  ARG A NH1 1 
ATOM   389  N NH2 . ARG A 1 64  ? -0.77532  9.45070   17.64662  1.000 38.85696  ?  46  ARG A NH2 1 
ATOM   390  N N   . GLY A 1 65  ? -5.27319  3.61942   12.31047  1.000 21.05848  ?  47  GLY A N   1 
ATOM   391  C CA  . GLY A 1 65  ? -5.51321  2.98601   11.03095  1.000 22.60820  ?  47  GLY A CA  1 
ATOM   392  C C   . GLY A 1 65  ? -6.61533  1.95011   11.08878  1.000 21.97214  ?  47  GLY A C   1 
ATOM   393  O O   . GLY A 1 65  ? -6.86124  1.35245   12.14114  1.000 24.22110  ?  47  GLY A O   1 
ATOM   394  N N   . ILE A 1 66  ? -7.29225  1.73815   9.96355   1.000 16.31304  ?  48  ILE A N   1 
ATOM   395  C CA  . ILE A 1 66  ? -8.33757  0.73110   9.84092   1.000 22.01665  ?  48  ILE A CA  1 
ATOM   396  C C   . ILE A 1 66  ? -8.05468  -0.08904  8.58873   1.000 26.99969  ?  48  ILE A C   1 
ATOM   397  O O   . ILE A 1 66  ? -7.57080  0.44375   7.58324   1.000 22.24474  ?  48  ILE A O   1 
ATOM   398  C CB  . ILE A 1 66  ? -9.74318  1.37029   9.79461   1.000 17.25684  ?  48  ILE A CB  1 
ATOM   399  C CG1 . ILE A 1 66  ? -10.83178 0.29423   9.76606   1.000 18.86288  ?  48  ILE A CG1 1 
ATOM   400  C CG2 . ILE A 1 66  ? -9.86909  2.31784   8.61436   1.000 15.57351  ?  48  ILE A CG2 1 
ATOM   401  C CD1 . ILE A 1 66  ? -12.22715 0.83092   10.00945  1.000 19.71010  ?  48  ILE A CD1 1 
ATOM   402  N N   . MET A 1 67  ? -8.34023  -1.38884  8.65353   1.000 21.58194  ?  49  MET A N   1 
ATOM   403  C CA  . MET A 1 67  ? -7.91001  -2.32251  7.61980   1.000 22.42789  ?  49  MET A CA  1 
ATOM   404  C C   . MET A 1 67  ? -8.96419  -3.40165  7.42946   1.000 27.04367  ?  49  MET A C   1 
ATOM   405  O O   . MET A 1 67  ? -9.33088  -4.09035  8.38697   1.000 21.42861  ?  49  MET A O   1 
ATOM   406  C CB  . MET A 1 67  ? -6.56135  -2.94743  7.99241   1.000 21.19219  ?  49  MET A CB  1 
ATOM   407  C CG  . MET A 1 67  ? -6.07732  -4.03189  7.05191   1.000 27.39277  ?  49  MET A CG  1 
ATOM   408  S SD  . MET A 1 67  ? -4.40258  -4.56068  7.45932   1.000 24.10437  ?  49  MET A SD  1 
ATOM   409  C CE  . MET A 1 67  ? -4.68885  -5.50254  8.95551   1.000 24.40976  ?  49  MET A CE  1 
ATOM   410  N N   . ALA A 1 68  ? -9.45011  -3.54187  6.19755   1.000 21.69685  ?  50  ALA A N   1 
ATOM   411  C CA  . ALA A 1 68  ? -10.32457 -4.64174  5.80793   1.000 25.49511  ?  50  ALA A CA  1 
ATOM   412  C C   . ALA A 1 68  ? -9.47060  -5.70813  5.13323   1.000 27.94737  ?  50  ALA A C   1 
ATOM   413  O O   . ALA A 1 68  ? -8.77668  -5.41987  4.15156   1.000 25.92748  ?  50  ALA A O   1 
ATOM   414  C CB  . ALA A 1 68  ? -11.43173 -4.15879  4.87261   1.000 18.95660  ?  50  ALA A CB  1 
ATOM   415  N N   . TRP A 1 69  ? -9.51439  -6.93131  5.65545   1.000 24.81637  ?  51  TRP A N   1 
ATOM   416  C CA  . TRP A 1 69  ? -8.55180  -7.93920  5.23444   1.000 20.34523  ?  51  TRP A CA  1 
ATOM   417  C C   . TRP A 1 69  ? -9.10629  -9.33492  5.47785   1.000 30.11576  ?  51  TRP A C   1 
ATOM   418  O O   . TRP A 1 69  ? -10.12818 -9.52337  6.14242   1.000 27.26930  ?  51  TRP A O   1 
ATOM   419  C CB  . TRP A 1 69  ? -7.22330  -7.77075  5.97504   1.000 22.38517  ?  51  TRP A CB  1 
ATOM   420  C CG  . TRP A 1 69  ? -7.34581  -8.00489  7.45612   1.000 29.03497  ?  51  TRP A CG  1 
ATOM   421  C CD1 . TRP A 1 69  ? -7.86869  -7.14683  8.38037   1.000 29.58489  ?  51  TRP A CD1 1 
ATOM   422  C CD2 . TRP A 1 69  ? -6.94551  -9.17643  8.18015   1.000 28.91327  ?  51  TRP A CD2 1 
ATOM   423  N NE1 . TRP A 1 69  ? -7.81550  -7.70880  9.63288   1.000 25.42315  ?  51  TRP A NE1 1 
ATOM   424  C CE2 . TRP A 1 69  ? -7.25309  -8.95424  9.53719   1.000 27.72520  ?  51  TRP A CE2 1 
ATOM   425  C CE3 . TRP A 1 69  ? -6.35795  -10.39074 7.81275   1.000 28.63988  ?  51  TRP A CE3 1 
ATOM   426  C CZ2 . TRP A 1 69  ? -6.98972  -9.89903  10.52640  1.000 27.42789  ?  51  TRP A CZ2 1 
ATOM   427  C CZ3 . TRP A 1 69  ? -6.09535  -11.32602 8.79587   1.000 27.66315  ?  51  TRP A CZ3 1 
ATOM   428  C CH2 . TRP A 1 69  ? -6.41180  -11.07569 10.13636  1.000 32.43620  ?  51  TRP A CH2 1 
ATOM   429  N N   . GLU A 1 70  ? -8.39980  -10.31027 4.91943   1.000 23.29364  ?  52  GLU A N   1 
ATOM   430  C CA  . GLU A 1 70  ? -8.57389  -11.72713 5.19713   1.000 25.47612  ?  52  GLU A CA  1 
ATOM   431  C C   . GLU A 1 70  ? -7.20600  -12.37811 5.07450   1.000 24.96806  ?  52  GLU A C   1 
ATOM   432  O O   . GLU A 1 70  ? -6.29303  -11.79243 4.48060   1.000 22.99904  ?  52  GLU A O   1 
ATOM   433  C CB  . GLU A 1 70  ? -9.58143  -12.37375 4.23423   1.000 26.32669  ?  52  GLU A CB  1 
ATOM   434  C CG  . GLU A 1 70  ? -9.23334  -12.22434 2.76052   1.000 29.34161  ?  52  GLU A CG  1 
ATOM   435  C CD  . GLU A 1 70  ? -10.43164 -12.44870 1.85566   1.000 33.42038  ?  52  GLU A CD  1 
ATOM   436  O OE1 . GLU A 1 70  ? -11.46003 -12.96345 2.34473   1.000 41.48485  ?  52  GLU A OE1 1 
ATOM   437  O OE2 . GLU A 1 70  ? -10.34803 -12.10648 0.65657   1.000 31.89917  ?  52  GLU A OE2 1 
ATOM   438  N N   . PRO A 1 71  ? -7.01464  -13.57364 5.65429   1.000 29.05768  ?  53  PRO A N   1 
ATOM   439  C CA  . PRO A 1 71  ? -5.69854  -14.22305 5.55594   1.000 28.79785  ?  53  PRO A CA  1 
ATOM   440  C C   . PRO A 1 71  ? -5.20415  -14.33899 4.12093   1.000 27.17352  ?  53  PRO A C   1 
ATOM   441  O O   . PRO A 1 71  ? -5.82994  -14.99854 3.28544   1.000 22.79245  ?  53  PRO A O   1 
ATOM   442  C CB  . PRO A 1 71  ? -5.94165  -15.59979 6.18474   1.000 27.59567  ?  53  PRO A CB  1 
ATOM   443  C CG  . PRO A 1 71  ? -7.03577  -15.36123 7.16343   1.000 25.78890  ?  53  PRO A CG  1 
ATOM   444  C CD  . PRO A 1 71  ? -7.93226  -14.32806 6.52842   1.000 25.92296  ?  53  PRO A CD  1 
ATOM   445  N N   . GLY A 1 72  ? -4.09173  -13.66777 3.82264   1.000 27.28791  ?  54  GLY A N   1 
ATOM   446  C CA  . GLY A 1 72  ? -3.48063  -13.72323 2.51427   1.000 24.44622  ?  54  GLY A CA  1 
ATOM   447  C C   . GLY A 1 72  ? -3.90553  -12.64131 1.54305   1.000 28.42053  ?  54  GLY A C   1 
ATOM   448  O O   . GLY A 1 72  ? -3.32829  -12.55608 0.45123   1.000 25.69000  ?  54  GLY A O   1 
ATOM   449  N N   . HIS A 1 73  ? -4.88714  -11.81014 1.89294   1.000 25.97015  ?  55  HIS A N   1 
ATOM   450  C CA  . HIS A 1 73  ? -5.38066  -10.79306 0.97217   1.000 26.42232  ?  55  HIS A CA  1 
ATOM   451  C C   . HIS A 1 73  ? -5.76084  -9.52685  1.72493   1.000 24.92346  ?  55  HIS A C   1 
ATOM   452  O O   . HIS A 1 73  ? -6.50238  -9.58245  2.71017   1.000 24.72546  ?  55  HIS A O   1 
ATOM   453  C CB  . HIS A 1 73  ? -6.58733  -11.30508 0.17671   1.000 24.69434  ?  55  HIS A CB  1 
ATOM   454  C CG  . HIS A 1 73  ? -7.11055  -10.31986 -0.82224  1.000 24.67538  ?  55  HIS A CG  1 
ATOM   455  N ND1 . HIS A 1 73  ? -6.35029  -9.84925  -1.87173  1.000 22.89028  ?  55  HIS A ND1 1 
ATOM   456  C CD2 . HIS A 1 73  ? -8.31492  -9.70972  -0.92694  1.000 22.39365  ?  55  HIS A CD2 1 
ATOM   457  C CE1 . HIS A 1 73  ? -7.06529  -8.99488  -2.58203  1.000 26.91128  ?  55  HIS A CE1 1 
ATOM   458  N NE2 . HIS A 1 73  ? -8.26122  -8.89262  -2.03007  1.000 22.99489  ?  55  HIS A NE2 1 
ATOM   459  N N   . LEU A 1 74  ? -5.26235  -8.39027  1.24558   1.000 23.59541  ?  56  LEU A N   1 
ATOM   460  C CA  . LEU A 1 74  ? -5.62994  -7.07777  1.76157   1.000 20.70125  ?  56  LEU A CA  1 
ATOM   461  C C   . LEU A 1 74  ? -6.71748  -6.49143  0.86836   1.000 20.14924  ?  56  LEU A C   1 
ATOM   462  O O   . LEU A 1 74  ? -6.52813  -6.37090  -0.34680  1.000 20.67824  ?  56  LEU A O   1 
ATOM   463  C CB  . LEU A 1 74  ? -4.41312  -6.15233  1.80944   1.000 17.25178  ?  56  LEU A CB  1 
ATOM   464  C CG  . LEU A 1 74  ? -4.66886  -4.65194  1.96684   1.000 22.92077  ?  56  LEU A CG  1 
ATOM   465  C CD1 . LEU A 1 74  ? -5.37650  -4.35334  3.28346   1.000 19.96246  ?  56  LEU A CD1 1 
ATOM   466  C CD2 . LEU A 1 74  ? -3.36044  -3.88199  1.86966   1.000 18.37113  ?  56  LEU A CD2 1 
ATOM   467  N N   . VAL A 1 75  ? -7.85453  -6.13863  1.46506   1.000 16.97393  ?  57  VAL A N   1 
ATOM   468  C CA  . VAL A 1 75  ? -8.95809  -5.55679  0.70921   1.000 19.23181  ?  57  VAL A CA  1 
ATOM   469  C C   . VAL A 1 75  ? -8.75630  -4.05051  0.61988   1.000 26.56385  ?  57  VAL A C   1 
ATOM   470  O O   . VAL A 1 75  ? -8.66897  -3.49058  -0.47901  1.000 23.48283  ?  57  VAL A O   1 
ATOM   471  C CB  . VAL A 1 75  ? -10.31945 -5.90042  1.33893   1.000 20.93669  ?  57  VAL A CB  1 
ATOM   472  C CG1 . VAL A 1 75  ? -11.44154 -5.22406  0.56976   1.000 21.74315  ?  57  VAL A CG1 1 
ATOM   473  C CG2 . VAL A 1 75  ? -10.52073 -7.40654  1.36776   1.000 23.96036  ?  57  VAL A CG2 1 
ATOM   474  N N   . TYR A 1 76  ? -8.68009  -3.38553  1.77118   1.000 21.78038  ?  58  TYR A N   1 
ATOM   475  C CA  . TYR A 1 76  ? -8.38290  -1.96058  1.79636   1.000 22.23818  ?  58  TYR A CA  1 
ATOM   476  C C   . TYR A 1 76  ? -7.84811  -1.57670  3.16745   1.000 22.70942  ?  58  TYR A C   1 
ATOM   477  O O   . TYR A 1 76  ? -8.19681  -2.18687  4.18099   1.000 24.32348  ?  58  TYR A O   1 
ATOM   478  C CB  . TYR A 1 76  ? -9.61022  -1.11048  1.45248   1.000 21.86663  ?  58  TYR A CB  1 
ATOM   479  C CG  . TYR A 1 76  ? -9.25719  0.20150   0.78439   1.000 26.66776  ?  58  TYR A CG  1 
ATOM   480  C CD1 . TYR A 1 76  ? -9.06584  0.27233   -0.58858  1.000 21.18126  ?  58  TYR A CD1 1 
ATOM   481  C CD2 . TYR A 1 76  ? -9.10614  1.36685   1.52852   1.000 24.88575  ?  58  TYR A CD2 1 
ATOM   482  C CE1 . TYR A 1 76  ? -8.74090  1.46654   -1.20520  1.000 31.71639  ?  58  TYR A CE1 1 
ATOM   483  C CE2 . TYR A 1 76  ? -8.78068  2.56947   0.91958   1.000 26.97847  ?  58  TYR A CE2 1 
ATOM   484  C CZ  . TYR A 1 76  ? -8.59849  2.61187   -0.44780  1.000 32.97885  ?  58  TYR A CZ  1 
ATOM   485  O OH  . TYR A 1 76  ? -8.27333  3.79981   -1.06489  1.000 35.11535  ?  58  TYR A OH  1 
ATOM   486  N N   . MET A 1 77  ? -6.99293  -0.55669  3.17839   1.000 24.02205  ?  59  MET A N   1 
ATOM   487  C CA  . MET A 1 77  ? -6.45521  0.01611   4.40194   1.000 22.61181  ?  59  MET A CA  1 
ATOM   488  C C   . MET A 1 77  ? -6.30343  1.51633   4.20410   1.000 28.66420  ?  59  MET A C   1 
ATOM   489  O O   . MET A 1 77  ? -6.07631  1.98966   3.08636   1.000 23.02509  ?  59  MET A O   1 
ATOM   490  C CB  . MET A 1 77  ? -5.10328  -0.60999  4.78394   1.000 18.30276  ?  59  MET A CB  1 
ATOM   491  C CG  . MET A 1 77  ? -3.90410  0.00981   4.07474   1.000 28.95225  ?  59  MET A CG  1 
ATOM   492  S SD  . MET A 1 77  ? -2.35180  -0.88494  4.30880   1.000 33.33677  ?  59  MET A SD  1 
ATOM   493  C CE  . MET A 1 77  ? -1.94378  -0.46194  5.99129   1.000 29.46310  ?  59  MET A CE  1 
ATOM   494  N N   . VAL A 1 78  ? -6.44427  2.26618   5.29284   1.000 21.62333  ?  60  VAL A N   1 
ATOM   495  C CA  . VAL A 1 78  ? -6.24234  3.71022   5.23721   1.000 26.72896  ?  60  VAL A CA  1 
ATOM   496  C C   . VAL A 1 78  ? -5.72646  4.18911   6.58614   1.000 23.76650  ?  60  VAL A C   1 
ATOM   497  O O   . VAL A 1 78  ? -6.24565  3.80353   7.63802   1.000 24.61179  ?  60  VAL A O   1 
ATOM   498  C CB  . VAL A 1 78  ? -7.52853  4.46244   4.83110   1.000 26.16631  ?  60  VAL A CB  1 
ATOM   499  C CG1 . VAL A 1 78  ? -8.72213  3.96596   5.62038   1.000 27.99329  ?  60  VAL A CG1 1 
ATOM   500  C CG2 . VAL A 1 78  ? -7.34932  5.96705   5.00801   1.000 28.29568  ?  60  VAL A CG2 1 
ATOM   501  N N   . VAL A 1 79  ? -4.67865  5.00127   6.54679   1.000 21.29123  ?  61  VAL A N   1 
ATOM   502  C CA  . VAL A 1 79  ? -4.21288  5.76705   7.69822   1.000 24.25797  ?  61  VAL A CA  1 
ATOM   503  C C   . VAL A 1 79  ? -4.71865  7.19392   7.52334   1.000 21.64753  ?  61  VAL A C   1 
ATOM   504  O O   . VAL A 1 79  ? -4.43381  7.80988   6.48563   1.000 23.46465  ?  61  VAL A O   1 
ATOM   505  C CB  . VAL A 1 79  ? -2.68116  5.74486   7.81125   1.000 25.01359  ?  61  VAL A CB  1 
ATOM   506  C CG1 . VAL A 1 79  ? -2.21753  6.66157   8.93322   1.000 19.69550  ?  61  VAL A CG1 1 
ATOM   507  C CG2 . VAL A 1 79  ? -2.17655  4.32885   8.02253   1.000 22.45111  ?  61  VAL A CG2 1 
ATOM   508  N N   . PRO A 1 80  ? -5.48011  7.74099   8.47107   1.000 27.85900  ?  62  PRO A N   1 
ATOM   509  C CA  . PRO A 1 80  ? -5.89766  9.14259   8.35106   1.000 25.55909  ?  62  PRO A CA  1 
ATOM   510  C C   . PRO A 1 80  ? -4.68838  10.04900  8.17985   1.000 24.27430  ?  62  PRO A C   1 
ATOM   511  O O   . PRO A 1 80  ? -3.60569  9.77766   8.70377   1.000 22.59251  ?  62  PRO A O   1 
ATOM   512  C CB  . PRO A 1 80  ? -6.62943  9.41108   9.67041   1.000 26.57078  ?  62  PRO A CB  1 
ATOM   513  C CG  . PRO A 1 80  ? -7.12288  8.06250   10.09534  1.000 26.13907  ?  62  PRO A CG  1 
ATOM   514  C CD  . PRO A 1 80  ? -6.05759  7.08981   9.65919   1.000 23.60776  ?  62  PRO A CD  1 
ATOM   515  N N   . GLU A 1 81  ? -4.88683  11.12870  7.41697   1.000 24.21978  ?  63  GLU A N   1 
ATOM   516  C CA  . GLU A 1 81  ? -3.76996  11.96008  6.97270   1.000 26.56315  ?  63  GLU A CA  1 
ATOM   517  C C   . GLU A 1 81  ? -2.89258  12.41511  8.13337   1.000 27.30272  ?  63  GLU A C   1 
ATOM   518  O O   . GLU A 1 81  ? -1.66158  12.42962  8.02172   1.000 26.58424  ?  63  GLU A O   1 
ATOM   519  C CB  . GLU A 1 81  ? -4.29910  13.16959  6.20167   1.000 30.91125  ?  63  GLU A CB  1 
ATOM   520  C CG  . GLU A 1 81  ? -3.24304  13.89059  5.38155   1.000 38.95035  ?  63  GLU A CG  1 
ATOM   521  C CD  . GLU A 1 81  ? -3.84606  14.77203  4.30425   1.000 57.30916  ?  63  GLU A CD  1 
ATOM   522  O OE1 . GLU A 1 81  ? -3.14985  15.69510  3.83114   1.000 60.93868  ?  63  GLU A OE1 1 
ATOM   523  O OE2 . GLU A 1 81  ? -5.01629  14.54118  3.93024   1.000 55.59343  ?  63  GLU A OE2 1 
ATOM   524  N N   . GLU A 1 82  ? -3.50581  12.77580  9.26148   1.000 26.38393  ?  64  GLU A N   1 
ATOM   525  C CA  . GLU A 1 82  ? -2.75497  13.27221  10.40926  1.000 27.11559  ?  64  GLU A CA  1 
ATOM   526  C C   . GLU A 1 82  ? -1.87758  12.20949  11.06134  1.000 29.17307  ?  64  GLU A C   1 
ATOM   527  O O   . GLU A 1 82  ? -1.03234  12.55807  11.89208  1.000 27.92434  ?  64  GLU A O   1 
ATOM   528  C CB  . GLU A 1 82  ? -3.71714  13.85315  11.44891  1.000 26.89459  ?  64  GLU A CB  1 
ATOM   529  C CG  . GLU A 1 82  ? -4.70918  12.84778  12.02132  1.000 37.61522  ?  64  GLU A CG  1 
ATOM   530  C CD  . GLU A 1 82  ? -5.97513  12.71640  11.18650  1.000 49.84181  ?  64  GLU A CD  1 
ATOM   531  O OE1 . GLU A 1 82  ? -6.99809  12.24832  11.73253  1.000 53.58904  ?  64  GLU A OE1 1 
ATOM   532  O OE2 . GLU A 1 82  ? -5.94909  13.07563  9.98855   1.000 50.72523  ?  64  GLU A OE2 1 
ATOM   533  N N   . SER A 1 83  ? -2.04682  10.93492  10.71245  1.000 24.68232  ?  65  SER A N   1 
ATOM   534  C CA  . SER A 1 83  ? -1.26830  9.85534   11.30683  1.000 25.81342  ?  65  SER A CA  1 
ATOM   535  C C   . SER A 1 83  ? -0.29202  9.22001   10.32238  1.000 24.34567  ?  65  SER A C   1 
ATOM   536  O O   . SER A 1 83  ? 0.32120   8.19772   10.64653  1.000 20.20882  ?  65  SER A O   1 
ATOM   537  C CB  . SER A 1 83  ? -2.20388  8.78548   11.87743  1.000 28.76391  ?  65  SER A CB  1 
ATOM   538  O OG  . SER A 1 83  ? -2.86976  9.24780   13.04139  1.000 29.19949  ?  65  SER A OG  1 
ATOM   539  N N   . ARG A 1 84  ? -0.11947  9.80521   9.13966   1.000 20.95174  ?  66  ARG A N   1 
ATOM   540  C CA  . ARG A 1 84  ? 0.65477   9.16559   8.08741   1.000 26.97034  ?  66  ARG A CA  1 
ATOM   541  C C   . ARG A 1 84  ? 2.15383   9.39327   8.28475   1.000 27.58882  ?  66  ARG A C   1 
ATOM   542  O O   . ARG A 1 84  ? 2.59021   10.24931  9.06051   1.000 27.19413  ?  66  ARG A O   1 
ATOM   543  C CB  . ARG A 1 84  ? 0.20935   9.67401   6.71612   1.000 19.49143  ?  66  ARG A CB  1 
ATOM   544  C CG  . ARG A 1 84  ? -1.00483  8.94273   6.17327   1.000 23.27406  ?  66  ARG A CG  1 
ATOM   545  C CD  . ARG A 1 84  ? -1.57869  9.61142   4.93626   1.000 23.57422  ?  66  ARG A CD  1 
ATOM   546  N NE  . ARG A 1 84  ? -2.98165  9.25204   4.75215   1.000 22.67685  ?  66  ARG A NE  1 
ATOM   547  C CZ  . ARG A 1 84  ? -3.77745  9.77470   3.82611   1.000 23.13402  ?  66  ARG A CZ  1 
ATOM   548  N NH1 . ARG A 1 84  ? -3.31171  10.68652  2.98471   1.000 27.59249  ?  66  ARG A NH1 1 
ATOM   549  N NH2 . ARG A 1 84  ? -5.04277  9.38593   3.74466   1.000 21.62716  ?  66  ARG A NH2 1 
ATOM   550  N N   . ARG A 1 85  ? 2.94402   8.59502   7.56088   1.000 23.88368  ?  67  ARG A N   1 
ATOM   551  C CA  . ARG A 1 85  ? 4.40781   8.67147   7.58406   1.000 29.68641  ?  67  ARG A CA  1 
ATOM   552  C C   . ARG A 1 85  ? 4.95871   8.48042   8.99723   1.000 30.07396  ?  67  ARG A C   1 
ATOM   553  O O   . ARG A 1 85  ? 5.93954   9.11297   9.39280   1.000 29.01090  ?  67  ARG A O   1 
ATOM   554  C CB  . ARG A 1 85  ? 4.90663   9.98651   6.97696   1.000 24.01001  ?  67  ARG A CB  1 
ATOM   555  C CG  . ARG A 1 85  ? 4.36871   10.28125  5.58008   1.000 27.93415  ?  67  ARG A CG  1 
ATOM   556  C CD  . ARG A 1 85  ? 4.60745   9.11827   4.62058   1.000 32.46121  ?  67  ARG A CD  1 
ATOM   557  N NE  . ARG A 1 85  ? 6.02325   8.92907   4.31108   1.000 32.83680  ?  67  ARG A NE  1 
ATOM   558  C CZ  . ARG A 1 85  ? 6.60241   9.31889   3.17858   1.000 38.78342  ?  67  ARG A CZ  1 
ATOM   559  N NH1 . ARG A 1 85  ? 5.88994   9.92619   2.23840   1.000 31.10358  ?  67  ARG A NH1 1 
ATOM   560  N NH2 . ARG A 1 85  ? 7.89677   9.10275   2.98544   1.000 36.24854  ?  67  ARG A NH2 1 
ATOM   561  N N   . GLY A 1 86  ? 4.32680   7.59505   9.76339   1.000 26.70818  ?  68  GLY A N   1 
ATOM   562  C CA  . GLY A 1 86  ? 4.77203   7.31533   11.11407  1.000 24.88571  ?  68  GLY A CA  1 
ATOM   563  C C   . GLY A 1 86  ? 4.96863   5.83656   11.37522  1.000 31.34649  ?  68  GLY A C   1 
ATOM   564  O O   . GLY A 1 86  ? 5.22827   5.42601   12.50987  1.000 25.42256  ?  68  GLY A O   1 
ATOM   565  N N   . GLY A 1 87  ? 4.84766   5.02406   10.32797  1.000 26.76453  ?  69  GLY A N   1 
ATOM   566  C CA  . GLY A 1 87  ? 4.99237   3.59128   10.45091  1.000 20.94275  ?  69  GLY A CA  1 
ATOM   567  C C   . GLY A 1 87  ? 3.71596   2.83652   10.74726  1.000 22.54404  ?  69  GLY A C   1 
ATOM   568  O O   . GLY A 1 87  ? 3.76210   1.60536   10.86933  1.000 22.07733  ?  69  GLY A O   1 
ATOM   569  N N   . VAL A 1 88  ? 2.57952   3.52790   10.86988  1.000 19.50770  ?  70  VAL A N   1 
ATOM   570  C CA  . VAL A 1 88  ? 1.32020   2.84602   11.16628  1.000 27.64878  ?  70  VAL A CA  1 
ATOM   571  C C   . VAL A 1 88  ? 0.96310   1.87892   10.04503  1.000 28.60275  ?  70  VAL A C   1 
ATOM   572  O O   . VAL A 1 88  ? 0.61995   0.71500   10.28926  1.000 20.56762  ?  70  VAL A O   1 
ATOM   573  C CB  . VAL A 1 88  ? 0.19420   3.86793   11.40482  1.000 27.77425  ?  70  VAL A CB  1 
ATOM   574  C CG1 . VAL A 1 88  ? -1.08588  3.15331   11.80493  1.000 22.50278  ?  70  VAL A CG1 1 
ATOM   575  C CG2 . VAL A 1 88  ? 0.60227   4.87430   12.47002  1.000 27.15977  ?  70  VAL A CG2 1 
ATOM   576  N N   . GLY A 1 89  ? 1.03329   2.35007   8.79775   1.000 23.37135  ?  71  GLY A N   1 
ATOM   577  C CA  . GLY A 1 89  ? 0.75155   1.47397   7.67175   1.000 22.10507  ?  71  GLY A CA  1 
ATOM   578  C C   . GLY A 1 89  ? 1.64909   0.25221   7.64523   1.000 21.05010  ?  71  GLY A C   1 
ATOM   579  O O   . GLY A 1 89  ? 1.19291   -0.85873  7.36339   1.000 22.83114  ?  71  GLY A O   1 
ATOM   580  N N   . ARG A 1 90  ? 2.93564   0.43788   7.95234   1.000 24.59455  ?  72  ARG A N   1 
ATOM   581  C CA  . ARG A 1 90  ? 3.85518   -0.69496  7.99739   1.000 27.22193  ?  72  ARG A CA  1 
ATOM   582  C C   . ARG A 1 90  ? 3.46351   -1.68117  9.09186   1.000 28.04066  ?  72  ARG A C   1 
ATOM   583  O O   . ARG A 1 90  ? 3.58599   -2.89933  8.91435   1.000 25.56095  ?  72  ARG A O   1 
ATOM   584  C CB  . ARG A 1 90  ? 5.28881   -0.20216  8.20367   1.000 32.37868  ?  72  ARG A CB  1 
ATOM   585  C CG  . ARG A 1 90  ? 6.32734   -1.31656  8.26558   1.000 35.56629  ?  72  ARG A CG  1 
ATOM   586  C CD  . ARG A 1 90  ? 7.74694   -0.76777  8.29277   1.000 37.81308  ?  72  ARG A CD  1 
ATOM   587  N NE  . ARG A 1 90  ? 7.95743   0.16705   9.39539   1.000 52.24789  ?  72  ARG A NE  1 
ATOM   588  C CZ  . ARG A 1 90  ? 8.30309   1.44237   9.24242   1.000 54.98660  ?  72  ARG A CZ  1 
ATOM   589  N NH1 . ARG A 1 90  ? 8.48174   1.94441   8.02742   1.000 50.45326  ?  72  ARG A NH1 1 
ATOM   590  N NH2 . ARG A 1 90  ? 8.47250   2.21721   10.30586  1.000 48.43081  ?  72  ARG A NH2 1 
ATOM   591  N N   . PHE A 1 91  ? 2.98177   -1.17386  10.22897  1.000 27.22202  ?  73  PHE A N   1 
ATOM   592  C CA  . PHE A 1 91  ? 2.58289   -2.05525  11.32200  1.000 23.92162  ?  73  PHE A CA  1 
ATOM   593  C C   . PHE A 1 91  ? 1.37120   -2.89936  10.94169  1.000 25.17738  ?  73  PHE A C   1 
ATOM   594  O O   . PHE A 1 91  ? 1.31591   -4.09347  11.25913  1.000 26.68427  ?  73  PHE A O   1 
ATOM   595  C CB  . PHE A 1 91  ? 2.29505   -1.23030  12.57806  1.000 21.87072  ?  73  PHE A CB  1 
ATOM   596  C CG  . PHE A 1 91  ? 1.97260   -2.05955  13.79343  1.000 26.45360  ?  73  PHE A CG  1 
ATOM   597  C CD1 . PHE A 1 91  ? 2.98312   -2.53082  14.61561  1.000 29.24510  ?  73  PHE A CD1 1 
ATOM   598  C CD2 . PHE A 1 91  ? 0.65842   -2.36230  14.11601  1.000 27.09384  ?  73  PHE A CD2 1 
ATOM   599  C CE1 . PHE A 1 91  ? 2.69016   -3.28965  15.73442  1.000 27.37599  ?  73  PHE A CE1 1 
ATOM   600  C CE2 . PHE A 1 91  ? 0.35943   -3.12024  15.23408  1.000 28.95623  ?  73  PHE A CE2 1 
ATOM   601  C CZ  . PHE A 1 91  ? 1.37687   -3.58414  16.04339  1.000 23.41512  ?  73  PHE A CZ  1 
ATOM   602  N N   . MET A 1 92  ? 0.39166   -2.29857  10.26141  1.000 21.11397  ?  74  MET A N   1 
ATOM   603  C CA  . MET A 1 92  ? -0.81074  -3.03665  9.88610   1.000 24.79272  ?  74  MET A CA  1 
ATOM   604  C C   . MET A 1 92  ? -0.50054  -4.13383  8.87480   1.000 27.37069  ?  74  MET A C   1 
ATOM   605  O O   . MET A 1 92  ? -1.04270  -5.24217  8.96673   1.000 24.11371  ?  74  MET A O   1 
ATOM   606  C CB  . MET A 1 92  ? -1.85785  -2.07906  9.32140   1.000 23.62106  ?  74  MET A CB  1 
ATOM   607  C CG  . MET A 1 92  ? -2.36552  -1.05117  10.31279  1.000 28.14848  ?  74  MET A CG  1 
ATOM   608  S SD  . MET A 1 92  ? -3.89826  -0.29378  9.74768   1.000 32.61044  ?  74  MET A SD  1 
ATOM   609  C CE  . MET A 1 92  ? -3.25908  1.12452   8.88184   1.000 28.48632  ?  74  MET A CE  1 
ATOM   610  N N   . LEU A 1 93  ? 0.35942   -3.84254  7.89552   1.000 24.98932  ?  75  LEU A N   1 
ATOM   611  C CA  . LEU A 1 93  ? 0.67522   -4.84010  6.87940   1.000 27.21759  ?  75  LEU A CA  1 
ATOM   612  C C   . LEU A 1 93  ? 1.46157   -6.00529  7.46588   1.000 27.70939  ?  75  LEU A C   1 
ATOM   613  O O   . LEU A 1 93  ? 1.28445   -7.14873  7.03266   1.000 29.92098  ?  75  LEU A O   1 
ATOM   614  C CB  . LEU A 1 93  ? 1.44535   -4.19270  5.72818   1.000 22.91631  ?  75  LEU A CB  1 
ATOM   615  C CG  . LEU A 1 93  ? 1.51697   -4.97187  4.41172   1.000 32.76606  ?  75  LEU A CG  1 
ATOM   616  C CD1 . LEU A 1 93  ? 0.12605   -5.34141  3.91587   1.000 22.16480  ?  75  LEU A CD1 1 
ATOM   617  C CD2 . LEU A 1 93  ? 2.26819   -4.17132  3.35710   1.000 27.14896  ?  75  LEU A CD2 1 
ATOM   618  N N   . LYS A 1 94  ? 2.32230   -5.74175  8.45280   1.000 27.61975  ?  76  LYS A N   1 
ATOM   619  C CA  . LYS A 1 94  ? 3.02905   -6.83069  9.12070   1.000 30.88151  ?  76  LYS A CA  1 
ATOM   620  C C   . LYS A 1 94  ? 2.07765   -7.66929  9.96459   1.000 30.13673  ?  76  LYS A C   1 
ATOM   621  O O   . LYS A 1 94  ? 2.21096   -8.89741  10.02306  1.000 35.66767  ?  76  LYS A O   1 
ATOM   622  C CB  . LYS A 1 94  ? 4.16397   -6.27481  9.97876   1.000 24.53945  ?  76  LYS A CB  1 
ATOM   623  C CG  . LYS A 1 94  ? 5.38462   -5.86829  9.17767   1.000 36.08985  ?  76  LYS A CG  1 
ATOM   624  C CD  . LYS A 1 94  ? 6.41302   -5.16529  10.04384  1.000 46.08091  ?  76  LYS A CD  1 
ATOM   625  C CE  . LYS A 1 94  ? 7.61450   -4.73550  9.21792   1.000 53.28058  ?  76  LYS A CE  1 
ATOM   626  N NZ  . LYS A 1 94  ? 7.78710   -5.59690  8.01467   1.000 55.84863  ?  76  LYS A NZ  1 
ATOM   627  N N   . TYR A 1 95  ? 1.11485   -7.02437  10.62947  1.000 25.97718  ?  77  TYR A N   1 
ATOM   628  C CA  . TYR A 1 95  ? 0.08068   -7.77067  11.33875  1.000 26.66585  ?  77  TYR A CA  1 
ATOM   629  C C   . TYR A 1 95  ? -0.71424  -8.64770  10.37914  1.000 31.56238  ?  77  TYR A C   1 
ATOM   630  O O   . TYR A 1 95  ? -1.11645  -9.76315  10.73006  1.000 29.89086  ?  77  TYR A O   1 
ATOM   631  C CB  . TYR A 1 95  ? -0.84571  -6.80519  12.07940  1.000 25.96909  ?  77  TYR A CB  1 
ATOM   632  C CG  . TYR A 1 95  ? -2.04159  -7.46740  12.72855  1.000 28.85899  ?  77  TYR A CG  1 
ATOM   633  C CD1 . TYR A 1 95  ? -1.94802  -8.02378  13.99816  1.000 28.40691  ?  77  TYR A CD1 1 
ATOM   634  C CD2 . TYR A 1 95  ? -3.26607  -7.53181  12.07366  1.000 28.15351  ?  77  TYR A CD2 1 
ATOM   635  C CE1 . TYR A 1 95  ? -3.03996  -8.62964  14.59696  1.000 27.68618  ?  77  TYR A CE1 1 
ATOM   636  C CE2 . TYR A 1 95  ? -4.36123  -8.13505  12.66281  1.000 31.47375  ?  77  TYR A CE2 1 
ATOM   637  C CZ  . TYR A 1 95  ? -4.24325  -8.68196  13.92413  1.000 33.53101  ?  77  TYR A CZ  1 
ATOM   638  O OH  . TYR A 1 95  ? -5.33450  -9.28184  14.51180  1.000 35.10872  ?  77  TYR A OH  1 
ATOM   639  N N   . LEU A 1 96  ? -0.95221  -8.15664  9.16127   1.000 32.68528  ?  78  LEU A N   1 
ATOM   640  C CA  . LEU A 1 96  ? -1.65617  -8.95394  8.16321   1.000 28.59618  ?  78  LEU A CA  1 
ATOM   641  C C   . LEU A 1 96  ? -0.81708  -10.14923 7.72593   1.000 31.69763  ?  78  LEU A C   1 
ATOM   642  O O   . LEU A 1 96  ? -1.34519  -11.25364 7.54843   1.000 30.05504  ?  78  LEU A O   1 
ATOM   643  C CB  . LEU A 1 96  ? -2.02719  -8.06835  6.97109   1.000 25.18893  ?  78  LEU A CB  1 
ATOM   644  C CG  . LEU A 1 96  ? -2.58646  -8.65239  5.67009   1.000 31.29891  ?  78  LEU A CG  1 
ATOM   645  C CD1 . LEU A 1 96  ? -3.61724  -9.73481  5.91420   1.000 25.26847  ?  78  LEU A CD1 1 
ATOM   646  C CD2 . LEU A 1 96  ? -3.18919  -7.54015  4.83349   1.000 25.78463  ?  78  LEU A CD2 1 
ATOM   647  N N   . GLN A 1 97  ? 0.49424   -9.95247  7.56428   1.000 27.42432  ?  79  GLN A N   1 
ATOM   648  C CA  . GLN A 1 97  ? 1.36190   -11.04927 7.14570   1.000 32.35422  ?  79  GLN A CA  1 
ATOM   649  C C   . GLN A 1 97  ? 1.44995   -12.12954 8.21638   1.000 35.87499  ?  79  GLN A C   1 
ATOM   650  O O   . GLN A 1 97  ? 1.44312   -13.32498 7.90011   1.000 30.13844  ?  79  GLN A O   1 
ATOM   651  C CB  . GLN A 1 97  ? 2.75537   -10.51950 6.80750   1.000 22.99354  ?  79  GLN A CB  1 
ATOM   652  C CG  . GLN A 1 97  ? 2.79555   -9.60096  5.60000   1.000 32.17229  ?  79  GLN A CG  1 
ATOM   653  C CD  . GLN A 1 97  ? 4.17308   -9.01832  5.36075   1.000 33.11663  ?  79  GLN A CD  1 
ATOM   654  O OE1 . GLN A 1 97  ? 5.14180   -9.39575  6.01877   1.000 43.77899  ?  79  GLN A OE1 1 
ATOM   655  N NE2 . GLN A 1 97  ? 4.26739   -8.09225  4.41580   1.000 41.30055  ?  79  GLN A NE2 1 
ATOM   656  N N   . GLN A 1 98  ? 1.53192   -11.73048 9.48869   1.000 33.57459  ?  80  GLN A N   1 
ATOM   657  C CA  . GLN A 1 98  ? 1.64180   -12.70417 10.56800  1.000 34.17650  ?  80  GLN A CA  1 
ATOM   658  C C   . GLN A 1 98  ? 0.37080   -13.52356 10.74128  1.000 34.61774  ?  80  GLN A C   1 
ATOM   659  O O   . GLN A 1 98  ? 0.40940   -14.57232 11.39238  1.000 39.51641  ?  80  GLN A O   1 
ATOM   660  C CB  . GLN A 1 98  ? 1.99963   -12.00058 11.87751  1.000 39.48174  ?  80  GLN A CB  1 
ATOM   661  C CG  . GLN A 1 98  ? 3.48280   -12.05958 12.21090  1.000 53.66823  ?  80  GLN A CG  1 
ATOM   662  C CD  . GLN A 1 98  ? 3.93256   -10.91104 13.09098  1.000 71.43731  ?  80  GLN A CD  1 
ATOM   663  O OE1 . GLN A 1 98  ? 3.11712   -10.11766 13.56319  1.000 64.14523  ?  80  GLN A OE1 1 
ATOM   664  N NE2 . GLN A 1 98  ? 5.23879   -10.81459 13.31493  1.000 81.29048  ?  80  GLN A NE2 1 
ATOM   665  N N   . ASN A 1 99  ? -0.74987  -13.07048 10.18138  1.000 32.51294  ?  81  ASN A N   1 
ATOM   666  C CA  . ASN A 1 99  ? -1.98055  -13.84941 10.13202  1.000 30.16808  ?  81  ASN A CA  1 
ATOM   667  C C   . ASN A 1 99  ? -2.24301  -14.38789 8.72827   1.000 30.67582  ?  81  ASN A C   1 
ATOM   668  O O   . ASN A 1 99  ? -3.39144  -14.62357 8.34784   1.000 29.79768  ?  81  ASN A O   1 
ATOM   669  C CB  . ASN A 1 99  ? -3.16333  -13.01406 10.61682  1.000 32.84837  ?  81  ASN A CB  1 
ATOM   670  C CG  . ASN A 1 99  ? -3.17011  -12.83428 12.12267  1.000 40.00406  ?  81  ASN A CG  1 
ATOM   671  O OD1 . ASN A 1 99  ? -3.79159  -13.61087 12.84742  1.000 51.83641  ?  81  ASN A OD1 1 
ATOM   672  N ND2 . ASN A 1 99  ? -2.47631  -11.80696 12.60148  1.000 29.43837  ?  81  ASN A ND2 1 
ATOM   673  N N   . SER A 1 100 ? -1.18144  -14.58280 7.94932   1.000 32.06787  ?  82  SER A N   1 
ATOM   674  C CA  . SER A 1 100 ? -1.28247  -15.04172 6.57198   1.000 31.60320  ?  82  SER A CA  1 
ATOM   675  C C   . SER A 1 100 ? -0.41693  -16.27671 6.37797   1.000 35.46040  ?  82  SER A C   1 
ATOM   676  O O   . SER A 1 100 ? 0.67387   -16.37839 6.94830   1.000 34.41820  ?  82  SER A O   1 
ATOM   677  C CB  . SER A 1 100 ? -0.84735  -13.94930 5.58490   1.000 30.99122  ?  82  SER A CB  1 
ATOM   678  O OG  . SER A 1 100 ? -1.86066  -12.97303 5.42323   1.000 33.12441  ?  82  SER A OG  1 
ATOM   679  N N   . ASP A 1 101 ? -0.91170  -17.20835 5.56669   1.000 41.96099  ?  83  ASP A N   1 
ATOM   680  C CA  . ASP A 1 101 ? -0.15218  -18.40344 5.22285   1.000 37.02372  ?  83  ASP A CA  1 
ATOM   681  C C   . ASP A 1 101 ? 1.15779   -18.01583 4.55111   1.000 36.35606  ?  83  ASP A C   1 
ATOM   682  O O   . ASP A 1 101 ? 1.15958   -17.29870 3.54537   1.000 43.42094  ?  83  ASP A O   1 
ATOM   683  C CB  . ASP A 1 101 ? -0.98296  -19.29790 4.30346   1.000 47.81207  ?  83  ASP A CB  1 
ATOM   684  C CG  . ASP A 1 101 ? -0.46208  -20.71886 4.24232   1.000 63.30011  ?  83  ASP A CG  1 
ATOM   685  O OD1 . ASP A 1 101 ? 0.56580   -20.94930 3.57065   1.000 58.46029  ?  83  ASP A OD1 1 
ATOM   686  O OD2 . ASP A 1 101 ? -1.08352  -21.60657 4.86391   1.000 75.51584  ?  83  ASP A OD2 1 
ATOM   687  N N   . ARG A 1 102 ? 2.27166   -18.47839 5.12053   1.000 37.07899  ?  84  ARG A N   1 
ATOM   688  C CA  . ARG A 1 102 ? 3.61830   -18.17274 4.63756   1.000 37.98939  ?  84  ARG A CA  1 
ATOM   689  C C   . ARG A 1 102 ? 3.89041   -16.67135 4.58428   1.000 37.11140  ?  84  ARG A C   1 
ATOM   690  O O   . ARG A 1 102 ? 4.81243   -16.23164 3.89014   1.000 38.30933  ?  84  ARG A O   1 
ATOM   691  C CB  . ARG A 1 102 ? 3.87514   -18.80397 3.26295   1.000 45.28946  ?  84  ARG A CB  1 
ATOM   692  C CG  . ARG A 1 102 ? 4.72341   -20.06444 3.30578   1.000 56.54249  ?  84  ARG A CG  1 
ATOM   693  C CD  . ARG A 1 102 ? 4.40829   -20.98719 2.13708   1.000 65.02413  ?  84  ARG A CD  1 
ATOM   694  N NE  . ARG A 1 102 ? 3.25829   -21.84469 2.41096   1.000 79.16787  ?  84  ARG A NE  1 
ATOM   695  C CZ  . ARG A 1 102 ? 3.06974   -23.04170 1.86366   1.000 90.16461  ?  84  ARG A CZ  1 
ATOM   696  N NH1 . ARG A 1 102 ? 3.95796   -23.53056 1.00775   1.000 83.75215  ?  84  ARG A NH1 1 
ATOM   697  N NH2 . ARG A 1 102 ? 1.99259   -23.75187 2.17277   1.000 89.10331  ?  84  ARG A NH2 1 
ATOM   698  N N   . LYS A 1 103 ? 3.09585   -15.87998 5.31079   1.000 39.27263  ?  85  LYS A N   1 
ATOM   699  C CA  . LYS A 1 103 ? 3.22436   -14.42164 5.34732   1.000 36.28634  ?  85  LYS A CA  1 
ATOM   700  C C   . LYS A 1 103 ? 3.14483   -13.80441 3.95331   1.000 32.16288  ?  85  LYS A C   1 
ATOM   701  O O   . LYS A 1 103 ? 3.74549   -12.75939 3.68912   1.000 34.30343  ?  85  LYS A O   1 
ATOM   702  C CB  . LYS A 1 103 ? 4.51329   -13.99747 6.05778   1.000 33.25505  ?  85  LYS A CB  1 
ATOM   703  C CG  . LYS A 1 103 ? 4.51745   -14.33814 7.53870   1.000 46.07812  ?  85  LYS A CG  1 
ATOM   704  C CD  . LYS A 1 103 ? 5.92051   -14.52895 8.08079   1.000 49.52422  ?  85  LYS A CD  1 
ATOM   705  C CE  . LYS A 1 103 ? 6.27585   -13.43004 9.06930   1.000 61.20044  ?  85  LYS A CE  1 
ATOM   706  N NZ  . LYS A 1 103 ? 6.85860   -13.97950 10.32605  1.000 62.18275  ?  85  LYS A NZ  1 
ATOM   707  N N   . HIS A 1 104 ? 2.39556   -14.44153 3.05733   1.000 30.53620  ?  86  HIS A N   1 
ATOM   708  C CA  . HIS A 1 104 ? 2.21259   -13.96563 1.69296   1.000 30.95751  ?  86  HIS A CA  1 
ATOM   709  C C   . HIS A 1 104 ? 0.87115   -13.25198 1.58496   1.000 32.18751  ?  86  HIS A C   1 
ATOM   710  O O   . HIS A 1 104 ? -0.14666  -13.76095 2.06622   1.000 28.48546  ?  86  HIS A O   1 
ATOM   711  C CB  . HIS A 1 104 ? 2.28337   -15.12661 0.69923   1.000 29.67492  ?  86  HIS A CB  1 
ATOM   712  C CG  . HIS A 1 104 ? 3.67676   -15.60104 0.42315   1.000 35.02260  ?  86  HIS A CG  1 
ATOM   713  N ND1 . HIS A 1 104 ? 3.95011   -16.85341 -0.08300  1.000 37.13847  ?  86  HIS A ND1 1 
ATOM   714  C CD2 . HIS A 1 104 ? 4.87514   -14.99066 0.58383   1.000 38.48574  ?  86  HIS A CD2 1 
ATOM   715  C CE1 . HIS A 1 104 ? 5.25614   -16.99382 -0.22332  1.000 36.86233  ?  86  HIS A CE1 1 
ATOM   716  N NE2 . HIS A 1 104 ? 5.84051   -15.87773 0.17362   1.000 32.74519  ?  86  HIS A NE2 1 
ATOM   717  N N   . VAL A 1 105 ? 0.87349   -12.07412 0.96091   1.000 25.44166  ?  87  VAL A N   1 
ATOM   718  C CA  . VAL A 1 105 ? -0.30754  -11.21911 0.88284   1.000 23.67609  ?  87  VAL A CA  1 
ATOM   719  C C   . VAL A 1 105 ? -0.43984  -10.68267 -0.53714  1.000 24.72051  ?  87  VAL A C   1 
ATOM   720  O O   . VAL A 1 105 ? 0.56136   -10.38588 -1.19723  1.000 21.05621  ?  87  VAL A O   1 
ATOM   721  C CB  . VAL A 1 105 ? -0.23223  -10.05884 1.90243   1.000 25.83636  ?  87  VAL A CB  1 
ATOM   722  C CG1 . VAL A 1 105 ? -1.42931  -9.12717  1.76034   1.000 23.82136  ?  87  VAL A CG1 1 
ATOM   723  C CG2 . VAL A 1 105 ? -0.14529  -10.59467 3.32500   1.000 22.91136  ?  87  VAL A CG2 1 
ATOM   724  N N   . SER A 1 106 ? -1.67930  -10.56730 -1.00864  1.000 22.71686  ?  88  SER A N   1 
ATOM   725  C CA  . SER A 1 106 ? -1.99388  -9.93062  -2.27845  1.000 24.76996  ?  88  SER A CA  1 
ATOM   726  C C   . SER A 1 106 ? -2.82221  -8.67714  -2.02660  1.000 21.89845  ?  88  SER A C   1 
ATOM   727  O O   . SER A 1 106 ? -3.51227  -8.56275  -1.01055  1.000 24.78239  ?  88  SER A O   1 
ATOM   728  C CB  . SER A 1 106 ? -2.76163  -10.88348 -3.20858  1.000 19.93091  ?  88  SER A CB  1 
ATOM   729  O OG  . SER A 1 106 ? -3.99972  -11.27005 -2.63608  1.000 24.46653  ?  88  SER A OG  1 
ATOM   730  N N   . CYS A 1 107 ? -2.75139  -7.73259  -2.95930  1.000 18.27203  ?  89  CYS A N   1 
ATOM   731  C CA  . CYS A 1 107 ? -3.55018  -6.51842  -2.86018  1.000 23.08709  ?  89  CYS A CA  1 
ATOM   732  C C   . CYS A 1 107 ? -3.81461  -5.97560  -4.26003  1.000 23.34586  ?  89  CYS A C   1 
ATOM   733  O O   . CYS A 1 107 ? -3.21381  -6.40934  -5.24625  1.000 20.60293  ?  89  CYS A O   1 
ATOM   734  C CB  . CYS A 1 107 ? -2.86761  -5.47612  -1.95924  1.000 19.13653  ?  89  CYS A CB  1 
ATOM   735  S SG  . CYS A 1 107 ? -1.50154  -4.56570  -2.68293  1.000 25.42742  ?  89  CYS A SG  1 
ATOM   736  N N   . ARG A 1 108 ? -4.75089  -5.03421  -4.33545  1.000 22.00732  ?  90  ARG A N   1 
ATOM   737  C CA  . ARG A 1 108 ? -5.12379  -4.36402  -5.57607  1.000 23.91617  ?  90  ARG A CA  1 
ATOM   738  C C   . ARG A 1 108 ? -4.93466  -2.86368  -5.40393  1.000 23.33579  ?  90  ARG A C   1 
ATOM   739  O O   . ARG A 1 108 ? -5.33823  -2.29725  -4.38178  1.000 24.39116  ?  90  ARG A O   1 
ATOM   740  C CB  . ARG A 1 108 ? -6.57518  -4.66353  -5.96060  1.000 22.89290  ?  90  ARG A CB  1 
ATOM   741  C CG  . ARG A 1 108 ? -6.84944  -6.10530  -6.33407  1.000 30.50793  ?  90  ARG A CG  1 
ATOM   742  C CD  . ARG A 1 108 ? -8.28205  -6.27609  -6.81566  1.000 31.77202  ?  90  ARG A CD  1 
ATOM   743  N NE  . ARG A 1 108 ? -8.53810  -7.63280  -7.28888  1.000 35.80527  ?  90  ARG A NE  1 
ATOM   744  C CZ  . ARG A 1 108 ? -9.74284  -8.10496  -7.59273  1.000 44.08343  ?  90  ARG A CZ  1 
ATOM   745  N NH1 . ARG A 1 108 ? -10.81213 -7.32880  -7.47291  1.000 39.79827  ?  90  ARG A NH1 1 
ATOM   746  N NH2 . ARG A 1 108 ? -9.87866  -9.35569  -8.01499  1.000 38.43669  ?  90  ARG A NH2 1 
ATOM   747  N N   . VAL A 1 109 ? -4.31464  -2.22621  -6.39416  1.000 19.47822  ?  91  VAL A N   1 
ATOM   748  C CA  . VAL A 1 109 ? -4.04102  -0.79289  -6.36165  1.000 21.96483  ?  91  VAL A CA  1 
ATOM   749  C C   . VAL A 1 109 ? -4.33800  -0.20864  -7.73572  1.000 24.38486  ?  91  VAL A C   1 
ATOM   750  O O   . VAL A 1 109 ? -3.89909  -0.75319  -8.75409  1.000 21.55800  ?  91  VAL A O   1 
ATOM   751  C CB  . VAL A 1 109 ? -2.58205  -0.48341  -5.96346  1.000 21.35405  ?  91  VAL A CB  1 
ATOM   752  C CG1 . VAL A 1 109 ? -2.39334  1.01543   -5.77727  1.000 19.40456  ?  91  VAL A CG1 1 
ATOM   753  C CG2 . VAL A 1 109 ? -2.18105  -1.23719  -4.69898  1.000 20.19334  ?  91  VAL A CG2 1 
ATOM   754  N N   . HIS A 1 110 ? -5.06982  0.90263   -7.76560  1.000 21.08085  ?  92  HIS A N   1 
ATOM   755  C CA  . HIS A 1 110 ? -5.31134  1.59182   -9.02483  1.000 25.83946  ?  92  HIS A CA  1 
ATOM   756  C C   . HIS A 1 110 ? -4.00989  2.20472   -9.54210  1.000 23.96752  ?  92  HIS A C   1 
ATOM   757  O O   . HIS A 1 110 ? -3.18323  2.66742   -8.74913  1.000 22.27578  ?  92  HIS A O   1 
ATOM   758  C CB  . HIS A 1 110 ? -6.37181  2.68051   -8.85079  1.000 25.22336  ?  92  HIS A CB  1 
ATOM   759  C CG  . HIS A 1 110 ? -6.96027  3.16113   -10.14135 1.000 41.87747  ?  92  HIS A CG  1 
ATOM   760  N ND1 . HIS A 1 110 ? -6.41491  4.19850   -10.86826 1.000 36.05691  ?  92  HIS A ND1 1 
ATOM   761  C CD2 . HIS A 1 110 ? -8.04110  2.73967   -10.84052 1.000 40.60944  ?  92  HIS A CD2 1 
ATOM   762  C CE1 . HIS A 1 110 ? -7.13614  4.39727   -11.95732 1.000 32.94377  ?  92  HIS A CE1 1 
ATOM   763  N NE2 . HIS A 1 110 ? -8.12913  3.52575   -11.96423 1.000 39.45287  ?  92  HIS A NE2 1 
ATOM   764  N N   . PRO A 1 111 ? -3.79184  2.21132   -10.86076 1.000 22.55012  ?  93  PRO A N   1 
ATOM   765  C CA  . PRO A 1 111 ? -2.54022  2.77545   -11.39383 1.000 21.50447  ?  93  PRO A CA  1 
ATOM   766  C C   . PRO A 1 111 ? -2.35065  4.25286   -11.09632 1.000 22.43114  ?  93  PRO A C   1 
ATOM   767  O O   . PRO A 1 111 ? -1.21294  4.73549   -11.16036 1.000 18.79311  ?  93  PRO A O   1 
ATOM   768  C CB  . PRO A 1 111 ? -2.65446  2.51734   -12.90281 1.000 19.17397  ?  93  PRO A CB  1 
ATOM   769  C CG  . PRO A 1 111 ? -3.57225  1.34346   -13.01013 1.000 23.78337  ?  93  PRO A CG  1 
ATOM   770  C CD  . PRO A 1 111 ? -4.57089  1.51889   -11.90257 1.000 25.80593  ?  93  PRO A CD  1 
ATOM   771  N N   . THR A 1 112 ? -3.41668  4.98964   -10.77660 1.000 22.14921  ?  94  THR A N   1 
ATOM   772  C CA  . THR A 1 112 ? -3.26132  6.39178   -10.40548 1.000 23.34822  ?  94  THR A CA  1 
ATOM   773  C C   . THR A 1 112 ? -2.82763  6.56833   -8.95643  1.000 23.69054  ?  94  THR A C   1 
ATOM   774  O O   . THR A 1 112 ? -2.34101  7.64605   -8.59670  1.000 17.74561  ?  94  THR A O   1 
ATOM   775  C CB  . THR A 1 112 ? -4.56476  7.15965   -10.63977 1.000 25.38395  ?  94  THR A CB  1 
ATOM   776  O OG1 . THR A 1 112 ? -5.63281  6.51744   -9.93384  1.000 29.08254  ?  94  THR A OG1 1 
ATOM   777  C CG2 . THR A 1 112 ? -4.89839  7.21384   -12.12868 1.000 23.85743  ?  94  THR A CG2 1 
ATOM   778  N N   . ASN A 1 113 ? -2.99072  5.54025   -8.12108  1.000 19.44232  ?  95  ASN A N   1 
ATOM   779  C CA  . ASN A 1 113 ? -2.59172  5.60355   -6.71539  1.000 18.31958  ?  95  ASN A CA  1 
ATOM   780  C C   . ASN A 1 113 ? -1.10702  5.26136   -6.57015  1.000 21.82646  ?  95  ASN A C   1 
ATOM   781  O O   . ASN A 1 113 ? -0.70799  4.30346   -5.90585  1.000 16.87686  ?  95  ASN A O   1 
ATOM   782  C CB  . ASN A 1 113 ? -3.46189  4.67820   -5.87559  1.000 19.05351  ?  95  ASN A CB  1 
ATOM   783  C CG  . ASN A 1 113 ? -3.40571  5.00986   -4.39607  1.000 27.83288  ?  95  ASN A CG  1 
ATOM   784  O OD1 . ASN A 1 113 ? -2.61680  5.85370   -3.96580  1.000 20.29045  ?  95  ASN A OD1 1 
ATOM   785  N ND2 . ASN A 1 113 ? -4.24145  4.34249   -3.60761  1.000 21.75764  ?  95  ASN A ND2 1 
ATOM   786  N N   . ILE A 1 114 ? -0.28080  6.08453   -7.21924  1.000 17.20178  ?  96  ILE A N   1 
ATOM   787  C CA  . ILE A 1 114 ? 1.16702   5.87023   -7.17395  1.000 20.39292  ?  96  ILE A CA  1 
ATOM   788  C C   . ILE A 1 114 ? 1.72520   6.02390   -5.76342  1.000 20.71807  ?  96  ILE A C   1 
ATOM   789  O O   . ILE A 1 114 ? 2.64705   5.27336   -5.40506  1.000 19.04986  ?  96  ILE A O   1 
ATOM   790  C CB  . ILE A 1 114 ? 1.86344   6.75561   -8.21387  1.000 24.02193  ?  96  ILE A CB  1 
ATOM   791  C CG1 . ILE A 1 114 ? 1.53074   6.24375   -9.62144  1.000 22.80366  ?  96  ILE A CG1 1 
ATOM   792  C CG2 . ILE A 1 114 ? 3.37066   6.78434   -8.00269  1.000 19.86149  ?  96  ILE A CG2 1 
ATOM   793  C CD1 . ILE A 1 114 ? 2.00464   7.13323   -10.74972 1.000 22.49306  ?  96  ILE A CD1 1 
ATOM   794  N N   . PRO A 1 115 ? 1.23805   6.94393   -4.91232  1.000 19.46627  ?  97  PRO A N   1 
ATOM   795  C CA  . PRO A 1 115 ? 1.69066   6.93041   -3.50642  1.000 21.08871  ?  97  PRO A CA  1 
ATOM   796  C C   . PRO A 1 115 ? 1.53227   5.58213   -2.81748  1.000 21.82262  ?  97  PRO A C   1 
ATOM   797  O O   . PRO A 1 115 ? 2.43678   5.15871   -2.08627  1.000 19.88547  ?  97  PRO A O   1 
ATOM   798  C CB  . PRO A 1 115 ? 0.81214   8.00480   -2.85381  1.000 16.99191  ?  97  PRO A CB  1 
ATOM   799  C CG  . PRO A 1 115 ? 0.56344   8.97730   -3.94668  1.000 21.84628  ?  97  PRO A CG  1 
ATOM   800  C CD  . PRO A 1 115 ? 0.46195   8.16394   -5.21498  1.000 20.32699  ?  97  PRO A CD  1 
ATOM   801  N N   . ALA A 1 116 ? 0.40673   4.89375   -3.02680  1.000 18.22316  ?  98  ALA A N   1 
ATOM   802  C CA  . ALA A 1 116 ? 0.23885   3.57028   -2.43424  1.000 18.44014  ?  98  ALA A CA  1 
ATOM   803  C C   . ALA A 1 116 ? 1.22554   2.57255   -3.02703  1.000 19.50004  ?  98  ALA A C   1 
ATOM   804  O O   . ALA A 1 116 ? 1.74534   1.70731   -2.31099  1.000 17.37521  ?  98  ALA A O   1 
ATOM   805  C CB  . ALA A 1 116 ? -1.19617  3.08150   -2.62160  1.000 20.74575  ?  98  ALA A CB  1 
ATOM   806  N N   . LEU A 1 117 ? 1.49357   2.67547   -4.33338  1.000 14.77163  ?  99  LEU A N   1 
ATOM   807  C CA  . LEU A 1 117 ? 2.51243   1.82950   -4.94714  1.000 17.34293  ?  99  LEU A CA  1 
ATOM   808  C C   . LEU A 1 117 ? 3.85792   2.00864   -4.25707  1.000 20.50132  ?  99  LEU A C   1 
ATOM   809  O O   . LEU A 1 117 ? 4.56942   1.02992   -4.00256  1.000 17.02211  ?  99  LEU A O   1 
ATOM   810  C CB  . LEU A 1 117 ? 2.63674   2.14232   -6.43931  1.000 15.01289  ?  99  LEU A CB  1 
ATOM   811  C CG  . LEU A 1 117 ? 1.41250   1.93168   -7.33407  1.000 20.04207  ?  99  LEU A CG  1 
ATOM   812  C CD1 . LEU A 1 117 ? 1.75088   2.27102   -8.77610  1.000 19.80124  ?  99  LEU A CD1 1 
ATOM   813  C CD2 . LEU A 1 117 ? 0.89461   0.50867   -7.22967  1.000 16.51598  ?  99  LEU A CD2 1 
ATOM   814  N N   . GLY A 1 118 ? 4.22157   3.25405   -3.94439  1.000 18.08436  ?  100 GLY A N   1 
ATOM   815  C CA  . GLY A 1 118 ? 5.47059   3.49323   -3.24035  1.000 17.99527  ?  100 GLY A CA  1 
ATOM   816  C C   . GLY A 1 118 ? 5.48607   2.87386   -1.85674  1.000 23.15391  ?  100 GLY A C   1 
ATOM   817  O O   . GLY A 1 118 ? 6.49832   2.31263   -1.42987  1.000 20.27777  ?  100 GLY A O   1 
ATOM   818  N N   . PHE A 1 119 ? 4.36194   2.96006   -1.14035  1.000 20.40030  ?  101 PHE A N   1 
ATOM   819  C CA  . PHE A 1 119 ? 4.27198   2.34475   0.17993   1.000 23.24801  ?  101 PHE A CA  1 
ATOM   820  C C   . PHE A 1 119 ? 4.49228   0.83863   0.09637   1.000 22.67078  ?  101 PHE A C   1 
ATOM   821  O O   . PHE A 1 119 ? 5.37296   0.28932   0.76643   1.000 20.74403  ?  101 PHE A O   1 
ATOM   822  C CB  . PHE A 1 119 ? 2.91696   2.65502   0.82067   1.000 20.07396  ?  101 PHE A CB  1 
ATOM   823  C CG  . PHE A 1 119 ? 2.59845   1.78752   2.01070   1.000 26.46172  ?  101 PHE A CG  1 
ATOM   824  C CD1 . PHE A 1 119 ? 3.26088   1.97005   3.21578   1.000 24.99386  ?  101 PHE A CD1 1 
ATOM   825  C CD2 . PHE A 1 119 ? 1.64368   0.78560   1.92255   1.000 22.91936  ?  101 PHE A CD2 1 
ATOM   826  C CE1 . PHE A 1 119 ? 2.97557   1.17204   4.31193   1.000 23.82895  ?  101 PHE A CE1 1 
ATOM   827  C CE2 . PHE A 1 119 ? 1.35266   -0.01520  3.01485   1.000 23.67334  ?  101 PHE A CE2 1 
ATOM   828  C CZ  . PHE A 1 119 ? 2.01993   0.17870   4.21107   1.000 21.86895  ?  101 PHE A CZ  1 
ATOM   829  N N   . PHE A 1 120 ? 3.70138   0.15414   -0.73553  1.000 14.08010  ?  102 PHE A N   1 
ATOM   830  C CA  . PHE A 1 120 ? 3.79882   -1.30104  -0.81951  1.000 21.19145  ?  102 PHE A CA  1 
ATOM   831  C C   . PHE A 1 120 ? 5.16639   -1.73857  -1.32983  1.000 19.70743  ?  102 PHE A C   1 
ATOM   832  O O   . PHE A 1 120 ? 5.72117   -2.73826  -0.85770  1.000 18.91108  ?  102 PHE A O   1 
ATOM   833  C CB  . PHE A 1 120 ? 2.68694   -1.85279  -1.71389  1.000 17.80958  ?  102 PHE A CB  1 
ATOM   834  C CG  . PHE A 1 120 ? 1.31082   -1.72658  -1.11873  1.000 21.28729  ?  102 PHE A CG  1 
ATOM   835  C CD1 . PHE A 1 120 ? 0.99231   -2.36822  0.06804   1.000 20.91140  ?  102 PHE A CD1 1 
ATOM   836  C CD2 . PHE A 1 120 ? 0.33662   -0.96586  -1.74517  1.000 21.86892  ?  102 PHE A CD2 1 
ATOM   837  C CE1 . PHE A 1 120 ? -0.27147  -2.25288  0.61887   1.000 19.51674  ?  102 PHE A CE1 1 
ATOM   838  C CE2 . PHE A 1 120 ? -0.92916  -0.84605  -1.19878  1.000 20.19059  ?  102 PHE A CE2 1 
ATOM   839  C CZ  . PHE A 1 120 ? -1.23268  -1.48957  -0.01517  1.000 21.27723  ?  102 PHE A CZ  1 
ATOM   840  N N   . HIS A 1 121 ? 5.72547   -1.00068  -2.29324  1.000 17.44335  ?  103 HIS A N   1 
ATOM   841  C CA  . HIS A 1 121 ? 7.05852   -1.31733  -2.79720  1.000 21.09390  ?  103 HIS A CA  1 
ATOM   842  C C   . HIS A 1 121 ? 8.09371   -1.27508  -1.68060  1.000 26.76095  ?  103 HIS A C   1 
ATOM   843  O O   . HIS A 1 121 ? 8.96535   -2.14793  -1.59694  1.000 22.21724  ?  103 HIS A O   1 
ATOM   844  C CB  . HIS A 1 121 ? 7.43638   -0.34492  -3.91430  1.000 18.96711  ?  103 HIS A CB  1 
ATOM   845  C CG  . HIS A 1 121 ? 8.86096   -0.45601  -4.36208  1.000 28.33402  ?  103 HIS A CG  1 
ATOM   846  N ND1 . HIS A 1 121 ? 9.30422   -1.46303  -5.19345  1.000 26.80141  ?  103 HIS A ND1 1 
ATOM   847  C CD2 . HIS A 1 121 ? 9.94071   0.31912   -4.10122  1.000 19.03345  ?  103 HIS A CD2 1 
ATOM   848  C CE1 . HIS A 1 121 ? 10.59608  -1.30619  -5.42158  1.000 23.15734  ?  103 HIS A CE1 1 
ATOM   849  N NE2 . HIS A 1 121 ? 11.00626  -0.23172  -4.77129  1.000 28.22216  ?  103 HIS A NE2 1 
ATOM   850  N N   . GLN A 1 122 ? 8.01042   -0.26705  -0.80992  1.000 20.74975  ?  104 GLN A N   1 
ATOM   851  C CA  . GLN A 1 122 ? 8.93074   -0.17191  0.31546   1.000 26.78855  ?  104 GLN A CA  1 
ATOM   852  C C   . GLN A 1 122 ? 8.75325   -1.31854  1.30250   1.000 27.45225  ?  104 GLN A C   1 
ATOM   853  O O   . GLN A 1 122 ? 9.67481   -1.60498  2.07392   1.000 34.27045  ?  104 GLN A O   1 
ATOM   854  C CB  . GLN A 1 122 ? 8.74596   1.17254   1.02535   1.000 27.27646  ?  104 GLN A CB  1 
ATOM   855  C CG  . GLN A 1 122 ? 9.91834   1.58496   1.90271   1.000 40.06891  ?  104 GLN A CG  1 
ATOM   856  C CD  . GLN A 1 122 ? 11.18047  1.86506   1.10589   1.000 46.64644  ?  104 GLN A CD  1 
ATOM   857  O OE1 . GLN A 1 122 ? 11.12587  2.15015   -0.09155  1.000 35.58105  ?  104 GLN A OE1 1 
ATOM   858  N NE2 . GLN A 1 122 ? 12.32751  1.78485   1.77093   1.000 52.25730  ?  104 GLN A NE2 1 
ATOM   859  N N   . GLN A 1 123 ? 7.59886   -1.98316  1.29342   1.000 20.82274  ?  105 GLN A N   1 
ATOM   860  C CA  . GLN A 1 123 ? 7.34067   -3.11829  2.16856   1.000 22.42778  ?  105 GLN A CA  1 
ATOM   861  C C   . GLN A 1 123 ? 7.66332   -4.45819  1.51549   1.000 25.65953  ?  105 GLN A C   1 
ATOM   862  O O   . GLN A 1 123 ? 7.31881   -5.50522  2.07656   1.000 25.93516  ?  105 GLN A O   1 
ATOM   863  C CB  . GLN A 1 123 ? 5.88092   -3.10715  2.63106   1.000 22.71986  ?  105 GLN A CB  1 
ATOM   864  C CG  . GLN A 1 123 ? 5.38356   -1.74322  3.07756   1.000 28.56085  ?  105 GLN A CG  1 
ATOM   865  C CD  . GLN A 1 123 ? 6.32941   -1.07009  4.05336   1.000 29.74489  ?  105 GLN A CD  1 
ATOM   866  O OE1 . GLN A 1 123 ? 6.72021   -1.65877  5.06085   1.000 26.66302  ?  105 GLN A OE1 1 
ATOM   867  N NE2 . GLN A 1 123 ? 6.70978   0.16761   3.75342   1.000 25.93413  ?  105 GLN A NE2 1 
ATOM   868  N N   . GLY A 1 124 ? 8.30443   -4.45187  0.35011   1.000 19.46500  ?  106 GLY A N   1 
ATOM   869  C CA  . GLY A 1 124 ? 8.69938   -5.67374  -0.31874  1.000 22.53273  ?  106 GLY A CA  1 
ATOM   870  C C   . GLY A 1 124 ? 7.72635   -6.21468  -1.34591  1.000 26.88044  ?  106 GLY A C   1 
ATOM   871  O O   . GLY A 1 124 ? 7.85128   -7.38280  -1.72950  1.000 26.71581  ?  106 GLY A O   1 
ATOM   872  N N   . PHE A 1 125 ? 6.77045   -5.41309  -1.80442  1.000 22.33852  ?  107 PHE A N   1 
ATOM   873  C CA  . PHE A 1 125 ? 5.77668   -5.85641  -2.77052  1.000 20.50897  ?  107 PHE A CA  1 
ATOM   874  C C   . PHE A 1 125 ? 6.14868   -5.38010  -4.17010  1.000 24.96084  ?  107 PHE A C   1 
ATOM   875  O O   . PHE A 1 125 ? 6.86333   -4.38857  -4.33952  1.000 24.27989  ?  107 PHE A O   1 
ATOM   876  C CB  . PHE A 1 125 ? 4.38152   -5.34330  -2.39861  1.000 20.81981  ?  107 PHE A CB  1 
ATOM   877  C CG  . PHE A 1 125 ? 3.76107   -6.05673  -1.22706  1.000 22.77927  ?  107 PHE A CG  1 
ATOM   878  C CD1 . PHE A 1 125 ? 4.31419   -5.95291  0.04065   1.000 24.64383  ?  107 PHE A CD1 1 
ATOM   879  C CD2 . PHE A 1 125 ? 2.62053   -6.82736  -1.39312  1.000 23.85776  ?  107 PHE A CD2 1 
ATOM   880  C CE1 . PHE A 1 125 ? 3.74425   -6.60809  1.12012   1.000 29.15540  ?  107 PHE A CE1 1 
ATOM   881  C CE2 . PHE A 1 125 ? 2.04517   -7.48521  -0.31797  1.000 24.79418  ?  107 PHE A CE2 1 
ATOM   882  C CZ  . PHE A 1 125 ? 2.60773   -7.37517  0.93959   1.000 26.59922  ?  107 PHE A CZ  1 
ATOM   883  N N   . GLN A 1 126 ? 5.66143   -6.10535  -5.17601  1.000 21.56449  ?  108 GLN A N   1 
ATOM   884  C CA  . GLN A 1 126 ? 5.89034   -5.75499  -6.56936  1.000 17.39118  ?  108 GLN A CA  1 
ATOM   885  C C   . GLN A 1 126 ? 4.61085   -5.97849  -7.36102  1.000 24.08012  ?  108 GLN A C   1 
ATOM   886  O O   . GLN A 1 126 ? 3.76885   -6.79988  -6.98927  1.000 20.11270  ?  108 GLN A O   1 
ATOM   887  C CB  . GLN A 1 126 ? 7.03175   -6.57917  -7.19261  1.000 20.24536  ?  108 GLN A CB  1 
ATOM   888  C CG  . GLN A 1 126 ? 8.41265   -6.32959  -6.59328  1.000 19.02740  ?  108 GLN A CG  1 
ATOM   889  C CD  . GLN A 1 126 ? 9.09435   -5.09165  -7.15884  1.000 28.40845  ?  108 GLN A CD  1 
ATOM   890  O OE1 . GLN A 1 126 ? 8.45806   -4.24803  -7.79139  1.000 27.21618  ?  108 GLN A OE1 1 
ATOM   891  N NE2 . GLN A 1 126 ? 10.39858  -4.98035  -6.93137  1.000 28.57107  ?  108 GLN A NE2 1 
ATOM   892  N N   . ILE A 1 127 ? 4.47249   -5.23480  -8.45769  1.000 20.83856  ?  109 ILE A N   1 
ATOM   893  C CA  . ILE A 1 127 ? 3.36853   -5.45323  -9.38664  1.000 20.88855  ?  109 ILE A CA  1 
ATOM   894  C C   . ILE A 1 127 ? 3.62367   -6.74764  -10.14841 1.000 21.06263  ?  109 ILE A C   1 
ATOM   895  O O   . ILE A 1 127 ? 4.62586   -6.87661  -10.86165 1.000 20.10519  ?  109 ILE A O   1 
ATOM   896  C CB  . ILE A 1 127 ? 3.21823   -4.26879  -10.35057 1.000 16.43388  ?  109 ILE A CB  1 
ATOM   897  C CG1 . ILE A 1 127 ? 2.99966   -2.96488  -9.58033  1.000 18.62193  ?  109 ILE A CG1 1 
ATOM   898  C CG2 . ILE A 1 127 ? 2.07616   -4.51523  -11.33102 1.000 14.59222  ?  109 ILE A CG2 1 
ATOM   899  C CD1 . ILE A 1 127 ? 3.06610   -1.72914  -10.45635 1.000 17.62224  ?  109 ILE A CD1 1 
ATOM   900  N N   . ASP A 1 128 ? 2.71933   -7.71648  -10.00357 1.000 20.39222  ?  110 ASP A N   1 
ATOM   901  C CA  . ASP A 1 128 ? 2.85102   -8.97415  -10.72469 1.000 22.86626  ?  110 ASP A CA  1 
ATOM   902  C C   . ASP A 1 128 ? 1.67876   -9.27524  -11.65007 1.000 19.70633  ?  110 ASP A C   1 
ATOM   903  O O   . ASP A 1 128 ? 1.73485   -10.26778 -12.38433 1.000 23.31061  ?  110 ASP A O   1 
ATOM   904  C CB  . ASP A 1 128 ? 3.06605   -10.14100 -9.74361  1.000 20.85954  ?  110 ASP A CB  1 
ATOM   905  C CG  . ASP A 1 128 ? 1.86015   -10.41093 -8.85417  1.000 22.14070  ?  110 ASP A CG  1 
ATOM   906  O OD1 . ASP A 1 128 ? 0.88138   -9.63581  -8.88716  1.000 21.20282  ?  110 ASP A OD1 1 
ATOM   907  O OD2 . ASP A 1 128 ? 1.90184   -11.41368 -8.10866  1.000 17.91499  ?  110 ASP A OD2 1 
ATOM   908  N N   . ARG A 1 129 ? 0.63177   -8.45094  -11.65118 1.000 17.30032  ?  111 ARG A N   1 
ATOM   909  C CA  . ARG A 1 129 ? -0.48172  -8.62412  -12.57432 1.000 19.08602  ?  111 ARG A CA  1 
ATOM   910  C C   . ARG A 1 129 ? -1.12462  -7.27115  -12.84361 1.000 23.50541  ?  111 ARG A C   1 
ATOM   911  O O   . ARG A 1 129 ? -1.16354  -6.40357  -11.96710 1.000 19.88885  ?  111 ARG A O   1 
ATOM   912  C CB  . ARG A 1 129 ? -1.53089  -9.60517  -12.02632 1.000 24.51583  ?  111 ARG A CB  1 
ATOM   913  C CG  . ARG A 1 129 ? -1.24988  -11.06683 -12.34333 1.000 25.28617  ?  111 ARG A CG  1 
ATOM   914  C CD  . ARG A 1 129 ? -2.12785  -12.01200 -11.53798 1.000 21.64103  ?  111 ARG A CD  1 
ATOM   915  N NE  . ARG A 1 129 ? -1.52233  -13.33711 -11.43421 1.000 21.38353  ?  111 ARG A NE  1 
ATOM   916  C CZ  . ARG A 1 129 ? -2.11172  -14.39243 -10.88154 1.000 21.00462  ?  111 ARG A CZ  1 
ATOM   917  N NH1 . ARG A 1 129 ? -3.33469  -14.28634 -10.37930 1.000 27.95591  ?  111 ARG A NH1 1 
ATOM   918  N NH2 . ARG A 1 129 ? -1.47774  -15.55639 -10.83276 1.000 16.85356  ?  111 ARG A NH2 1 
ATOM   919  N N   . TRP A 1 130 ? -1.62180  -7.09362  -14.06885 1.000 19.17171  ?  112 TRP A N   1 
ATOM   920  C CA  . TRP A 1 130 ? -2.43295  -5.93091  -14.40038 1.000 22.79221  ?  112 TRP A CA  1 
ATOM   921  C C   . TRP A 1 130 ? -3.61467  -6.37446  -15.25123 1.000 24.96743  ?  112 TRP A C   1 
ATOM   922  O O   . TRP A 1 130 ? -3.53712  -7.36730  -15.97972 1.000 25.52284  ?  112 TRP A O   1 
ATOM   923  C CB  . TRP A 1 130 ? -1.61314  -4.81656  -15.10136 1.000 24.11890  ?  112 TRP A CB  1 
ATOM   924  C CG  . TRP A 1 130 ? -1.00488  -5.11996  -16.46300 1.000 23.56189  ?  112 TRP A CG  1 
ATOM   925  C CD1 . TRP A 1 130 ? -1.58930  -5.77982  -17.50809 1.000 27.68729  ?  112 TRP A CD1 1 
ATOM   926  C CD2 . TRP A 1 130 ? 0.29723   -4.72446  -16.92341 1.000 21.95258  ?  112 TRP A CD2 1 
ATOM   927  N NE1 . TRP A 1 130 ? -0.72754  -5.83662  -18.57731 1.000 25.91837  ?  112 TRP A NE1 1 
ATOM   928  C CE2 . TRP A 1 130 ? 0.43614   -5.19527  -18.24536 1.000 22.08518  ?  112 TRP A CE2 1 
ATOM   929  C CE3 . TRP A 1 130 ? 1.36176   -4.02776  -16.34130 1.000 22.12504  ?  112 TRP A CE3 1 
ATOM   930  C CZ2 . TRP A 1 130 ? 1.59558   -4.99184  -18.99438 1.000 25.31910  ?  112 TRP A CZ2 1 
ATOM   931  C CZ3 . TRP A 1 130 ? 2.51420   -3.82807  -17.08798 1.000 24.99890  ?  112 TRP A CZ3 1 
ATOM   932  C CH2 . TRP A 1 130 ? 2.62029   -4.30743  -18.39932 1.000 22.62971  ?  112 TRP A CH2 1 
ATOM   933  N N   . TYR A 1 131 ? -4.71767  -5.63756  -15.13871 1.000 25.93854  ?  113 TYR A N   1 
ATOM   934  C CA  . TYR A 1 131 ? -5.94990  -6.00994  -15.82060 1.000 27.81179  ?  113 TYR A CA  1 
ATOM   935  C C   . TYR A 1 131 ? -6.88558  -4.81088  -15.86013 1.000 33.29459  ?  113 TYR A C   1 
ATOM   936  O O   . TYR A 1 131 ? -6.66439  -3.79639  -15.19315 1.000 26.56219  ?  113 TYR A O   1 
ATOM   937  C CB  . TYR A 1 131 ? -6.63128  -7.19727  -15.13265 1.000 25.71059  ?  113 TYR A CB  1 
ATOM   938  C CG  . TYR A 1 131 ? -7.24372  -6.86426  -13.78644 1.000 28.34937  ?  113 TYR A CG  1 
ATOM   939  C CD1 . TYR A 1 131 ? -6.48637  -6.92334  -12.62364 1.000 23.98934  ?  113 TYR A CD1 1 
ATOM   940  C CD2 . TYR A 1 131 ? -8.58218  -6.49868  -13.67801 1.000 29.47854  ?  113 TYR A CD2 1 
ATOM   941  C CE1 . TYR A 1 131 ? -7.04181  -6.62442  -11.39219 1.000 23.86175  ?  113 TYR A CE1 1 
ATOM   942  C CE2 . TYR A 1 131 ? -9.14440  -6.19398  -12.45093 1.000 26.54668  ?  113 TYR A CE2 1 
ATOM   943  C CZ  . TYR A 1 131 ? -8.37052  -6.26190  -11.31230 1.000 28.08986  ?  113 TYR A CZ  1 
ATOM   944  O OH  . TYR A 1 131 ? -8.92688  -5.96332  -10.08969 1.000 34.19876  ?  113 TYR A OH  1 
ATOM   945  N N   . ILE A 1 132 ? -7.94744  -4.95282  -16.64956 1.000 34.88276  ?  114 ILE A N   1 
ATOM   946  C CA  . ILE A 1 132 ? -9.02840  -3.97669  -16.72798 1.000 38.60549  ?  114 ILE A CA  1 
ATOM   947  C C   . ILE A 1 132 ? -10.30069 -4.66517  -16.25527 1.000 37.00927  ?  114 ILE A C   1 
ATOM   948  O O   . ILE A 1 132 ? -10.68067 -5.71332  -16.79223 1.000 36.07471  ?  114 ILE A O   1 
ATOM   949  C CB  . ILE A 1 132 ? -9.19839  -3.41960  -18.14984 1.000 40.13348  ?  114 ILE A CB  1 
ATOM   950  C CG1 . ILE A 1 132 ? -7.87801  -2.82990  -18.65092 1.000 33.78772  ?  114 ILE A CG1 1 
ATOM   951  C CG2 . ILE A 1 132 ? -10.30578 -2.37452  -18.18423 1.000 39.44559  ?  114 ILE A CG2 1 
ATOM   952  C CD1 . ILE A 1 132 ? -7.90273  -2.42922  -20.10918 1.000 41.65376  ?  114 ILE A CD1 1 
ATOM   953  N N   . ALA A 1 133 ? -10.95465 -4.08085  -15.25411 1.000 39.61167  ?  115 ALA A N   1 
ATOM   954  C CA  . ALA A 1 133 ? -12.12873 -4.69619  -14.65384 1.000 41.12507  ?  115 ALA A CA  1 
ATOM   955  C C   . ALA A 1 133 ? -13.32989 -4.58893  -15.59348 1.000 46.92670  ?  115 ALA A C   1 
ATOM   956  O O   . ALA A 1 133 ? -13.25745 -4.02182  -16.68822 1.000 49.36042  ?  115 ALA A O   1 
ATOM   957  C CB  . ALA A 1 133 ? -12.43132 -4.05405  -13.30204 1.000 40.88015  ?  115 ALA A CB  1 
ATOM   958  N N   . ALA A 1 134 ? -14.45962 -5.14436  -15.14435 1.000 57.70572  ?  116 ALA A N   1 
ATOM   959  C CA  . ALA A 1 134 ? -15.65622 -5.18279  -15.98039 1.000 52.94398  ?  116 ALA A CA  1 
ATOM   960  C C   . ALA A 1 134 ? -16.24302 -3.79126  -16.18328 1.000 49.90901  ?  116 ALA A C   1 
ATOM   961  O O   . ALA A 1 134 ? -16.75954 -3.48252  -17.26351 1.000 47.08903  ?  116 ALA A O   1 
ATOM   962  C CB  . ALA A 1 134 ? -16.69591 -6.11946  -15.36629 1.000 48.43195  ?  116 ALA A CB  1 
ATOM   963  N N   . ASP A 1 135 ? -16.17594 -2.93866  -15.16288 1.000 47.98185  ?  117 ASP A N   1 
ATOM   964  C CA  . ASP A 1 135 ? -16.69271 -1.58012  -15.27000 1.000 47.18044  ?  117 ASP A CA  1 
ATOM   965  C C   . ASP A 1 135 ? -15.70086 -0.61515  -15.91338 1.000 49.24532  ?  117 ASP A C   1 
ATOM   966  O O   . ASP A 1 135 ? -15.95821 0.59352   -15.92870 1.000 47.53170  ?  117 ASP A O   1 
ATOM   967  C CB  . ASP A 1 135 ? -17.10854 -1.06172  -13.88953 1.000 51.09535  ?  117 ASP A CB  1 
ATOM   968  C CG  . ASP A 1 135 ? -15.98686 -1.13807  -12.87218 1.000 57.36841  ?  117 ASP A CG  1 
ATOM   969  O OD1 . ASP A 1 135 ? -14.97135 -1.81152  -13.14829 1.000 56.17829  ?  117 ASP A OD1 1 
ATOM   970  O OD2 . ASP A 1 135 ? -16.12253 -0.52326  -11.79289 1.000 53.94182  ?  117 ASP A OD2 1 
ATOM   971  N N   . GLY A 1 136 ? -14.58145 -1.11456  -16.43867 1.000 45.48284  ?  118 GLY A N   1 
ATOM   972  C CA  . GLY A 1 136 ? -13.61965 -0.29591  -17.14438 1.000 44.76992  ?  118 GLY A CA  1 
ATOM   973  C C   . GLY A 1 136 ? -12.42501 0.15197   -16.32791 1.000 47.31291  ?  118 GLY A C   1 
ATOM   974  O O   . GLY A 1 136 ? -11.47190 0.68985   -16.90583 1.000 44.03833  ?  118 GLY A O   1 
ATOM   975  N N   . GLN A 1 137 ? -12.44186 -0.05085  -15.01312 1.000 43.66311  ?  119 GLN A N   1 
ATOM   976  C CA  . GLN A 1 137 ? -11.34011 0.39951   -14.17453 1.000 42.59475  ?  119 GLN A CA  1 
ATOM   977  C C   . GLN A 1 137 ? -10.10518 -0.47298  -14.37726 1.000 38.48594  ?  119 GLN A C   1 
ATOM   978  O O   . GLN A 1 137 ? -10.19851 -1.66499  -14.68207 1.000 38.46450  ?  119 GLN A O   1 
ATOM   979  C CB  . GLN A 1 137 ? -11.74734 0.38380   -12.70202 1.000 42.19680  ?  119 GLN A CB  1 
ATOM   980  C CG  . GLN A 1 137 ? -13.17553 0.82855   -12.44423 1.000 56.98206  ?  119 GLN A CG  1 
ATOM   981  C CD  . GLN A 1 137 ? -13.36416 1.39545   -11.05065 1.000 67.60202  ?  119 GLN A CD  1 
ATOM   982  O OE1 . GLN A 1 137 ? -12.47139 2.04662   -10.50766 1.000 67.26770  ?  119 GLN A OE1 1 
ATOM   983  N NE2 . GLN A 1 137 ? -14.52929 1.14707   -10.46210 1.000 60.95831  ?  119 GLN A NE2 1 
ATOM   984  N N   . ARG A 1 138 ? -8.93780  0.13812   -14.20115 1.000 35.53337  ?  120 ARG A N   1 
ATOM   985  C CA  . ARG A 1 138 ? -7.66107  -0.55248  -14.29578 1.000 32.75664  ?  120 ARG A CA  1 
ATOM   986  C C   . ARG A 1 138 ? -7.11438  -0.82829  -12.90199 1.000 28.72183  ?  120 ARG A C   1 
ATOM   987  O O   . ARG A 1 138 ? -7.37079  -0.07814  -11.95675 1.000 26.53565  ?  120 ARG A O   1 
ATOM   988  C CB  . ARG A 1 138 ? -6.65166  0.27343   -15.09192 1.000 32.81529  ?  120 ARG A CB  1 
ATOM   989  C CG  . ARG A 1 138 ? -7.18862  0.79940   -16.40670 1.000 37.14596  ?  120 ARG A CG  1 
ATOM   990  C CD  . ARG A 1 138 ? -6.29461  1.89129   -16.95255 1.000 33.29499  ?  120 ARG A CD  1 
ATOM   991  N NE  . ARG A 1 138 ? -6.91109  3.21292   -16.85808 1.000 43.27579  ?  120 ARG A NE  1 
ATOM   992  C CZ  . ARG A 1 138 ? -6.48968  4.18055   -16.04800 1.000 51.61064  ?  120 ARG A CZ  1 
ATOM   993  N NH1 . ARG A 1 138 ? -5.44373  3.98125   -15.25543 1.000 37.91795  ?  120 ARG A NH1 1 
ATOM   994  N NH2 . ARG A 1 138 ? -7.11334  5.35108   -16.03068 1.000 48.95947  ?  120 ARG A NH2 1 
ATOM   995  N N   . TYR A 1 139 ? -6.35122  -1.91279  -12.78091 1.000 23.39500  ?  121 TYR A N   1 
ATOM   996  C CA  . TYR A 1 139 ? -5.82584  -2.30945  -11.48393 1.000 20.84455  ?  121 TYR A CA  1 
ATOM   997  C C   . TYR A 1 139 ? -4.51574  -3.05971  -11.65607 1.000 26.83898  ?  121 TYR A C   1 
ATOM   998  O O   . TYR A 1 139 ? -4.31212  -3.77634  -12.64094 1.000 24.31865  ?  121 TYR A O   1 
ATOM   999  C CB  . TYR A 1 139 ? -6.81502  -3.19147  -10.71309 1.000 23.46255  ?  121 TYR A CB  1 
ATOM   1000 C CG  . TYR A 1 139 ? -8.02446  -2.45921  -10.18168 1.000 31.13573  ?  121 TYR A CG  1 
ATOM   1001 C CD1 . TYR A 1 139 ? -7.94304  -1.68679  -9.02994  1.000 30.82239  ?  121 TYR A CD1 1 
ATOM   1002 C CD2 . TYR A 1 139 ? -9.25052  -2.54484  -10.82896 1.000 34.20532  ?  121 TYR A CD2 1 
ATOM   1003 C CE1 . TYR A 1 139 ? -9.04863  -1.01682  -8.53994  1.000 39.76056  ?  121 TYR A CE1 1 
ATOM   1004 C CE2 . TYR A 1 139 ? -10.36127 -1.87916  -10.34666 1.000 35.90315  ?  121 TYR A CE2 1 
ATOM   1005 C CZ  . TYR A 1 139 ? -10.25560 -1.11647  -9.20298  1.000 44.00250  ?  121 TYR A CZ  1 
ATOM   1006 O OH  . TYR A 1 139 ? -11.36168 -0.45221  -8.72163  1.000 56.14199  ?  121 TYR A OH  1 
ATOM   1007 N N   . PHE A 1 140 ? -3.63000  -2.87806  -10.68200 1.000 18.12632  ?  122 PHE A N   1 
ATOM   1008 C CA  . PHE A 1 140 ? -2.45602  -3.71532  -10.50202 1.000 21.31219  ?  122 PHE A CA  1 
ATOM   1009 C C   . PHE A 1 140 ? -2.69423  -4.64050  -9.31788  1.000 25.36854  ?  122 PHE A C   1 
ATOM   1010 O O   . PHE A 1 140 ? -3.30719  -4.24078  -8.32273  1.000 20.66704  ?  122 PHE A O   1 
ATOM   1011 C CB  . PHE A 1 140 ? -1.19787  -2.87967  -10.23697 1.000 16.69964  ?  122 PHE A CB  1 
ATOM   1012 C CG  . PHE A 1 140 ? -0.83520  -1.93580  -11.34872 1.000 21.95530  ?  122 PHE A CG  1 
ATOM   1013 C CD1 . PHE A 1 140 ? -0.88800  -2.34040  -12.67198 1.000 19.57727  ?  122 PHE A CD1 1 
ATOM   1014 C CD2 . PHE A 1 140 ? -0.42075  -0.64413  -11.06396 1.000 18.81718  ?  122 PHE A CD2 1 
ATOM   1015 C CE1 . PHE A 1 140 ? -0.54329  -1.47077  -13.69160 1.000 19.90511  ?  122 PHE A CE1 1 
ATOM   1016 C CE2 . PHE A 1 140 ? -0.07272  0.23069   -12.07893 1.000 23.73362  ?  122 PHE A CE2 1 
ATOM   1017 C CZ  . PHE A 1 140 ? -0.13611  -0.18247  -13.39524 1.000 19.18241  ?  122 PHE A CZ  1 
ATOM   1018 N N   . ARG A 1 141 ? -2.21562  -5.87407  -9.42230  1.000 20.13499  ?  123 ARG A N   1 
ATOM   1019 C CA  . ARG A 1 141 ? -2.07666  -6.73797  -8.25957  1.000 23.44585  ?  123 ARG A CA  1 
ATOM   1020 C C   . ARG A 1 141 ? -0.64231  -6.63864  -7.76335  1.000 22.29508  ?  123 ARG A C   1 
ATOM   1021 O O   . ARG A 1 141 ? 0.30113   -6.73753  -8.55568  1.000 22.53316  ?  123 ARG A O   1 
ATOM   1022 C CB  . ARG A 1 141 ? -2.42904  -8.19282  -8.57749  1.000 21.91260  ?  123 ARG A CB  1 
ATOM   1023 C CG  . ARG A 1 141 ? -2.56475  -9.06492  -7.32946  1.000 20.11563  ?  123 ARG A CG  1 
ATOM   1024 C CD  . ARG A 1 141 ? -2.78854  -10.53527 -7.66572  1.000 19.54700  ?  123 ARG A CD  1 
ATOM   1025 N NE  . ARG A 1 141 ? -1.53246  -11.24241 -7.89884  1.000 19.80157  ?  123 ARG A NE  1 
ATOM   1026 C CZ  . ARG A 1 141 ? -1.37534  -12.55670 -7.76486  1.000 24.52181  ?  123 ARG A CZ  1 
ATOM   1027 N NH1 . ARG A 1 141 ? -2.39805  -13.31624 -7.39413  1.000 20.50878  ?  123 ARG A NH1 1 
ATOM   1028 N NH2 . ARG A 1 141 ? -0.19306  -13.11358 -7.99988  1.000 18.06998  ?  123 ARG A NH2 1 
ATOM   1029 N N   . MET A 1 142 ? -0.48168  -6.41955  -6.46251  1.000 20.09502  ?  124 MET A N   1 
ATOM   1030 C CA  . MET A 1 142 ? 0.82855   -6.37487  -5.82993  1.000 19.95939  ?  124 MET A CA  1 
ATOM   1031 C C   . MET A 1 142 ? 0.90789   -7.48794  -4.79702  1.000 23.23795  ?  124 MET A C   1 
ATOM   1032 O O   . MET A 1 142 ? -0.00612  -7.64795  -3.98096  1.000 24.66234  ?  124 MET A O   1 
ATOM   1033 C CB  . MET A 1 142 ? 1.08953   -5.01153  -5.17703  1.000 19.16644  ?  124 MET A CB  1 
ATOM   1034 C CG  . MET A 1 142 ? 1.30292   -3.87062  -6.16881  1.000 21.90093  ?  124 MET A CG  1 
ATOM   1035 S SD  . MET A 1 142 ? 1.95363   -2.36585  -5.40237  1.000 26.32684  ?  124 MET A SD  1 
ATOM   1036 C CE  . MET A 1 142 ? 3.70466   -2.73903  -5.32838  1.000 17.03196  ?  124 MET A CE  1 
ATOM   1037 N N   . THR A 1 143 ? 1.98604   -8.26720  -4.84901  1.000 20.16100  ?  125 THR A N   1 
ATOM   1038 C CA  . THR A 1 143 ? 2.21683   -9.35924  -3.91506  1.000 21.73337  ?  125 THR A CA  1 
ATOM   1039 C C   . THR A 1 143 ? 3.65308   -9.29947  -3.41480  1.000 24.37363  ?  125 THR A C   1 
ATOM   1040 O O   . THR A 1 143 ? 4.50418   -8.59958  -3.97043  1.000 20.74887  ?  125 THR A O   1 
ATOM   1041 C CB  . THR A 1 143 ? 1.95469   -10.73258 -4.55533  1.000 20.47099  ?  125 THR A CB  1 
ATOM   1042 O OG1 . THR A 1 143 ? 2.98171   -11.01612 -5.51497  1.000 20.58040  ?  125 THR A OG1 1 
ATOM   1043 C CG2 . THR A 1 143 ? 0.59201   -10.77214 -5.24176  1.000 15.31418  ?  125 THR A CG2 1 
ATOM   1044 N N   . ASN A 1 144 ? 3.91610   -10.04834 -2.34588  1.000 22.80243  ?  126 ASN A N   1 
ATOM   1045 C CA  . ASN A 1 144 ? 5.26710   -10.25615 -1.84307  1.000 27.57674  ?  126 ASN A CA  1 
ATOM   1046 C C   . ASN A 1 144 ? 5.73304   -11.68771 -2.09743  1.000 30.23982  ?  126 ASN A C   1 
ATOM   1047 O O   . ASN A 1 144 ? 6.48822   -12.25632 -1.30466  1.000 30.23380  ?  126 ASN A O   1 
ATOM   1048 C CB  . ASN A 1 144 ? 5.34998   -9.90983  -0.35558  1.000 25.11547  ?  126 ASN A CB  1 
ATOM   1049 C CG  . ASN A 1 144 ? 4.44076   -10.77483 0.50334   1.000 28.15874  ?  126 ASN A CG  1 
ATOM   1050 O OD1 . ASN A 1 144 ? 3.54273   -11.44995 -0.00087  1.000 23.37567  ?  126 ASN A OD1 1 
ATOM   1051 N ND2 . ASN A 1 144 ? 4.67303   -10.75641 1.81144   1.000 28.53561  ?  126 ASN A ND2 1 
ATOM   1052 N N   . TYR A 1 145 ? 5.28213   -12.27731 -3.20925  1.000 26.00335  ?  127 TYR A N   1 
ATOM   1053 C CA  . TYR A 1 145 ? 5.60059   -13.66620 -3.52251  1.000 29.39506  ?  127 TYR A CA  1 
ATOM   1054 C C   . TYR A 1 145 ? 7.04493   -13.84512 -3.96950  1.000 32.85069  ?  127 TYR A C   1 
ATOM   1055 O O   . TYR A 1 145 ? 7.54304   -14.97629 -3.96289  1.000 34.29981  ?  127 TYR A O   1 
ATOM   1056 C CB  . TYR A 1 145 ? 4.65975   -14.19400 -4.60997  1.000 26.22634  ?  127 TYR A CB  1 
ATOM   1057 C CG  . TYR A 1 145 ? 3.19260   -14.19568 -4.23263  1.000 27.40972  ?  127 TYR A CG  1 
ATOM   1058 C CD1 . TYR A 1 145 ? 2.78943   -14.04632 -2.90917  1.000 29.65646  ?  127 TYR A CD1 1 
ATOM   1059 C CD2 . TYR A 1 145 ? 2.20908   -14.35058 -5.20204  1.000 26.59563  ?  127 TYR A CD2 1 
ATOM   1060 C CE1 . TYR A 1 145 ? 1.45019   -14.04754 -2.56396  1.000 24.42988  ?  127 TYR A CE1 1 
ATOM   1061 C CE2 . TYR A 1 145 ? 0.86630   -14.35520 -4.86540  1.000 25.06876  ?  127 TYR A CE2 1 
ATOM   1062 C CZ  . TYR A 1 145 ? 0.49368   -14.20478 -3.54496  1.000 23.61780  ?  127 TYR A CZ  1 
ATOM   1063 O OH  . TYR A 1 145 ? -0.83945  -14.20801 -3.20361  1.000 23.53094  ?  127 TYR A OH  1 
ATOM   1064 N N   . ASN A 1 146 ? 7.71202   -12.76181 -4.37742  1.000 26.64225  ?  128 ASN A N   1 
ATOM   1065 C CA  . ASN A 1 146 ? 9.13393   -12.77350 -4.72955  1.000 29.54984  ?  128 ASN A CA  1 
ATOM   1066 C C   . ASN A 1 146 ? 9.41348   -13.63003 -5.96485  1.000 29.20706  ?  128 ASN A C   1 
ATOM   1067 O O   . ASN A 1 146 ? 10.39554  -14.37145 -6.01124  1.000 30.62016  ?  128 ASN A O   1 
ATOM   1068 C CB  . ASN A 1 146 ? 9.99668   -13.22779 -3.54853  1.000 33.71388  ?  128 ASN A CB  1 
ATOM   1069 C CG  . ASN A 1 146 ? 10.00783  -12.21900 -2.41637  1.000 44.17396  ?  128 ASN A CG  1 
ATOM   1070 O OD1 . ASN A 1 146 ? 10.22980  -11.02690 -2.63489  1.000 46.60336  ?  128 ASN A OD1 1 
ATOM   1071 N ND2 . ASN A 1 146 ? 9.76187   -12.69098 -1.19856  1.000 41.72292  ?  128 ASN A ND2 1 
ATOM   1072 N N   . VAL A 1 147 ? 8.55042   -13.52749 -6.97053  1.000 26.16266  ?  129 VAL A N   1 
ATOM   1073 C CA  . VAL A 1 147 ? 8.81236   -14.10886 -8.27990  1.000 24.87369  ?  129 VAL A CA  1 
ATOM   1074 C C   . VAL A 1 147 ? 9.30954   -13.05741 -9.26331  1.000 27.50525  ?  129 VAL A C   1 
ATOM   1075 O O   . VAL A 1 147 ? 10.21517  -13.32180 -10.05480 1.000 32.71927  ?  129 VAL A O   1 
ATOM   1076 C CB  . VAL A 1 147 ? 7.55141   -14.81869 -8.81946  1.000 28.26342  ?  129 VAL A CB  1 
ATOM   1077 C CG1 . VAL A 1 147 ? 7.81194   -15.38241 -10.21285 1.000 27.25300  ?  129 VAL A CG1 1 
ATOM   1078 C CG2 . VAL A 1 147 ? 7.10648   -15.91849 -7.86846  1.000 25.14891  ?  129 VAL A CG2 1 
ATOM   1079 N N   . ILE A 1 148 ? 8.72970   -11.85623 -9.20952  1.000 29.25262  ?  130 ILE A N   1 
ATOM   1080 C CA  . ILE A 1 148 ? 9.13090   -10.78087 -10.10653 1.000 30.90450  ?  130 ILE A CA  1 
ATOM   1081 C C   . ILE A 1 148 ? 10.58943  -10.42722 -9.86409  1.000 40.38342  ?  130 ILE A C   1 
ATOM   1082 O O   . ILE A 1 148 ? 11.02239  -10.24292 -8.71862  1.000 29.62267  ?  130 ILE A O   1 
ATOM   1083 C CB  . ILE A 1 148 ? 8.22052   -9.55868  -9.90767  1.000 33.48016  ?  130 ILE A CB  1 
ATOM   1084 C CG1 . ILE A 1 148 ? 6.81414   -9.83869  -10.44376 1.000 26.55608  ?  130 ILE A CG1 1 
ATOM   1085 C CG2 . ILE A 1 148 ? 8.82102   -8.32029  -10.56958 1.000 28.71621  ?  130 ILE A CG2 1 
ATOM   1086 C CD1 . ILE A 1 148 ? 6.73922   -9.91851  -11.95301 1.000 25.81854  ?  130 ILE A CD1 1 
ATOM   1087 N N   . SER A 1 149 ? 11.35819  -10.34510 -10.94663 1.000 43.56723  ?  131 SER A N   1 
ATOM   1088 C CA  . SER A 1 149 ? 12.72460  -9.84488  -10.89264 1.000 48.73683  ?  131 SER A CA  1 
ATOM   1089 C C   . SER A 1 149 ? 12.72612  -8.33727  -11.10674 1.000 48.88017  ?  131 SER A C   1 
ATOM   1090 O O   . SER A 1 149 ? 11.95485  -7.81362  -11.91590 1.000 55.72807  ?  131 SER A O   1 
ATOM   1091 C CB  . SER A 1 149 ? 13.59357  -10.51883 -11.95749 1.000 51.88309  ?  131 SER A CB  1 
ATOM   1092 O OG  . SER A 1 149 ? 14.24293  -11.66707 -11.44166 1.000 58.44506  ?  131 SER A OG  1 
ATOM   1093 N N   . SER A 1 150 ? 13.59068  -7.64330  -10.37455 1.000 52.44678  ?  132 SER A N   1 
ATOM   1094 C CA  . SER A 1 150 ? 13.78107  -6.21033  -10.54602 1.000 59.35941  ?  132 SER A CA  1 
ATOM   1095 C C   . SER A 1 150 ? 14.96739  -5.96660  -11.46962 1.000 56.49554  ?  132 SER A C   1 
ATOM   1096 O O   . SER A 1 150 ? 15.99454  -6.64549  -11.37208 1.000 54.59457  ?  132 SER A O   1 
ATOM   1097 C CB  . SER A 1 150 ? 14.00484  -5.51286  -9.20452  1.000 51.54360  ?  132 SER A CB  1 
ATOM   1098 O OG  . SER A 1 150 ? 14.46010  -4.18557  -9.40104  1.000 56.74360  ?  132 SER A OG  1 
ATOM   1099 N N   . HIS A 1 151 ? 14.82376  -4.98666  -12.35844 1.000 58.24327  ?  133 HIS A N   1 
ATOM   1100 C CA  . HIS A 1 151 ? 15.74592  -4.79805  -13.47045 1.000 70.40718  ?  133 HIS A CA  1 
ATOM   1101 C C   . HIS A 1 151 ? 16.22319  -3.35372  -13.50167 1.000 68.94013  ?  133 HIS A C   1 
ATOM   1102 O O   . HIS A 1 151 ? 15.41321  -2.43253  -13.65064 1.000 63.76741  ?  133 HIS A O   1 
ATOM   1103 C CB  . HIS A 1 151 ? 15.06897  -5.17920  -14.79196 1.000 67.07274  ?  133 HIS A CB  1 
ATOM   1104 C CG  . HIS A 1 151 ? 15.72039  -4.59047  -16.00353 1.000 73.48412  ?  133 HIS A CG  1 
ATOM   1105 N ND1 . HIS A 1 151 ? 15.19220  -3.51314  -16.68205 1.000 66.98447  ?  133 HIS A ND1 1 
ATOM   1106 C CD2 . HIS A 1 151 ? 16.84830  -4.93760  -16.66752 1.000 72.60238  ?  133 HIS A CD2 1 
ATOM   1107 C CE1 . HIS A 1 151 ? 15.97109  -3.21677  -17.70718 1.000 75.56039  ?  133 HIS A CE1 1 
ATOM   1108 N NE2 . HIS A 1 151 ? 16.98258  -4.06644  -17.72132 1.000 75.31400  ?  133 HIS A NE2 1 
ATOM   1109 N N   . THR A 1 152 ? 17.53745  -3.15922  -13.35774 1.000 60.61316  ?  134 THR A N   1 
ATOM   1110 C CA  . THR A 1 152 ? 18.14346  -1.84222  -13.49367 1.000 56.16819  ?  134 THR A CA  1 
ATOM   1111 C C   . THR A 1 152 ? 18.74595  -1.71476  -14.88271 1.000 52.97962  ?  134 THR A C   1 
ATOM   1112 O O   . THR A 1 152 ? 19.56517  -2.56372  -15.26913 1.000 50.74718  ?  134 THR A O   1 
ATOM   1113 C CB  . THR A 1 152 ? 19.21545  -1.62201  -12.43119 1.000 51.70404  ?  134 THR A CB  1 
ATOM   1114 O OG1 . THR A 1 152 ? 18.59261  -1.40640  -11.15860 1.000 59.96234  ?  134 THR A OG1 1 
ATOM   1115 C CG2 . THR A 1 152 ? 20.07008  -0.40793  -12.77618 1.000 44.73057  ?  134 THR A CG2 1 
ATOM   1116 N N   . PRO A 1 153 ? 18.37636  -0.69551  -15.66303 1.000 48.34635  ?  135 PRO A N   1 
ATOM   1117 C CA  . PRO A 1 153 ? 18.88986  -0.60088  -17.02738 1.000 42.04138  ?  135 PRO A CA  1 
ATOM   1118 C C   . PRO A 1 153 ? 20.38505  -0.34438  -17.02985 1.000 42.59132  ?  135 PRO A C   1 
ATOM   1119 O O   . PRO A 1 153 ? 20.92757  0.26558   -16.09246 1.000 41.79305  ?  135 PRO A O   1 
ATOM   1120 C CB  . PRO A 1 153 ? 18.11382  0.59285   -17.61563 1.000 41.50951  ?  135 PRO A CB  1 
ATOM   1121 C CG  . PRO A 1 153 ? 16.93490  0.77738   -16.71309 1.000 39.08304  ?  135 PRO A CG  1 
ATOM   1122 C CD  . PRO A 1 153 ? 17.40977  0.36873   -15.35716 1.000 43.57742  ?  135 PRO A CD  1 
ATOM   1123 N N   . PRO A 1 154 ? 21.09753  -0.79176  -18.06787 1.000 42.73579  ?  136 PRO A N   1 
ATOM   1124 C CA  . PRO A 1 154 ? 22.55505  -0.59229  -18.08316 1.000 39.68254  ?  136 PRO A CA  1 
ATOM   1125 C C   . PRO A 1 154 ? 22.96200  0.85484   -18.28894 1.000 32.29298  ?  136 PRO A C   1 
ATOM   1126 O O   . PRO A 1 154 ? 24.05830  1.24244   -17.86696 1.000 30.13422  ?  136 PRO A O   1 
ATOM   1127 C CB  . PRO A 1 154 ? 23.01468  -1.48149  -19.24590 1.000 35.45152  ?  136 PRO A CB  1 
ATOM   1128 C CG  . PRO A 1 154 ? 21.83343  -1.52899  -20.15952 1.000 33.16868  ?  136 PRO A CG  1 
ATOM   1129 C CD  . PRO A 1 154 ? 20.62008  -1.50504  -19.26612 1.000 32.29813  ?  136 PRO A CD  1 
ATOM   1130 N N   . GLU A 1 155 ? 22.11136  1.66983   -18.91708 1.000 30.69424  ?  137 GLU A N   1 
ATOM   1131 C CA  . GLU A 1 155 ? 22.47407  3.05559   -19.18838 1.000 35.86204  ?  137 GLU A CA  1 
ATOM   1132 C C   . GLU A 1 155 ? 22.56137  3.89667   -17.92109 1.000 32.72102  ?  137 GLU A C   1 
ATOM   1133 O O   . GLU A 1 155 ? 23.22735  4.93669   -17.93330 1.000 35.01948  ?  137 GLU A O   1 
ATOM   1134 C CB  . GLU A 1 155 ? 21.47499  3.68330   -20.16460 1.000 37.98829  ?  137 GLU A CB  1 
ATOM   1135 C CG  . GLU A 1 155 ? 20.03356  3.68318   -19.67918 1.000 40.10005  ?  137 GLU A CG  1 
ATOM   1136 C CD  . GLU A 1 155 ? 19.19600  2.60612   -20.34210 1.000 35.30014  ?  137 GLU A CD  1 
ATOM   1137 O OE1 . GLU A 1 155 ? 19.61951  1.43249   -20.33096 1.000 33.33469  ?  137 GLU A OE1 1 
ATOM   1138 O OE2 . GLU A 1 155 ? 18.11583  2.93371   -20.87644 1.000 44.71355  ?  137 GLU A OE2 1 
ATOM   1139 N N   . GLU A 1 156 ? 21.91052  3.47614   -16.83265 1.000 29.78987  ?  138 GLU A N   1 
ATOM   1140 C CA  . GLU A 1 156 ? 22.00719  4.22743   -15.58450 1.000 27.69743  ?  138 GLU A CA  1 
ATOM   1141 C C   . GLU A 1 156 ? 23.43746  4.23770   -15.05820 1.000 36.29546  ?  138 GLU A C   1 
ATOM   1142 O O   . GLU A 1 156 ? 23.92218  5.26767   -14.57289 1.000 29.87237  ?  138 GLU A O   1 
ATOM   1143 C CB  . GLU A 1 156 ? 21.05428  3.64376   -14.54102 1.000 30.35769  ?  138 GLU A CB  1 
ATOM   1144 C CG  . GLU A 1 156 ? 21.04761  4.40073   -13.22014 1.000 33.85233  ?  138 GLU A CG  1 
ATOM   1145 C CD  . GLU A 1 156 ? 19.91506  3.97658   -12.30112 1.000 40.60868  ?  138 GLU A CD  1 
ATOM   1146 O OE1 . GLU A 1 156 ? 18.79677  3.72623   -12.80229 1.000 38.72603  ?  138 GLU A OE1 1 
ATOM   1147 O OE2 . GLU A 1 156 ? 20.14422  3.89635   -11.07485 1.000 40.61503  ?  138 GLU A OE2 1 
ATOM   1148 N N   . LYS A 1 157 ? 24.13186  3.10064   -15.15361 1.000 31.64453  ?  139 LYS A N   1 
ATOM   1149 C CA  . LYS A 1 157 ? 25.52296  3.04251   -14.71626 1.000 32.23637  ?  139 LYS A CA  1 
ATOM   1150 C C   . LYS A 1 157 ? 26.43685  3.79578   -15.67759 1.000 35.69224  ?  139 LYS A C   1 
ATOM   1151 O O   . LYS A 1 157 ? 27.35778  4.49824   -15.24298 1.000 30.91111  ?  139 LYS A O   1 
ATOM   1152 C CB  . LYS A 1 157 ? 25.96657  1.58425   -14.57544 1.000 29.43439  ?  139 LYS A CB  1 
ATOM   1153 C CG  . LYS A 1 157 ? 27.37589  1.39781   -14.01735 1.000 40.76066  ?  139 LYS A CG  1 
ATOM   1154 C CD  . LYS A 1 157 ? 27.64903  2.33452   -12.84411 1.000 60.85783  ?  139 LYS A CD  1 
ATOM   1155 C CE  . LYS A 1 157 ? 29.04511  2.94459   -12.93031 1.000 55.73004  ?  139 LYS A CE  1 
ATOM   1156 N NZ  . LYS A 1 157 ? 29.18095  4.17014   -12.09112 1.000 45.72665  ?  139 LYS A NZ  1 
ATOM   1157 N N   . LEU A 1 158 ? 26.19716  3.66423   -16.98658 1.000 32.05452  ?  140 LEU A N   1 
ATOM   1158 C CA  . LEU A 1 158 ? 27.02821  4.35807   -17.96601 1.000 29.49334  ?  140 LEU A CA  1 
ATOM   1159 C C   . LEU A 1 158 ? 26.93483  5.86833   -17.79795 1.000 27.85326  ?  140 LEU A C   1 
ATOM   1160 O O   . LEU A 1 158 ? 27.95295  6.56903   -17.84191 1.000 24.54426  ?  140 LEU A O   1 
ATOM   1161 C CB  . LEU A 1 158 ? 26.62163  3.95731   -19.38408 1.000 30.72758  ?  140 LEU A CB  1 
ATOM   1162 C CG  . LEU A 1 158 ? 26.63200  2.46681   -19.72252 1.000 36.73625  ?  140 LEU A CG  1 
ATOM   1163 C CD1 . LEU A 1 158 ? 26.30386  2.26336   -21.19290 1.000 35.30462  ?  140 LEU A CD1 1 
ATOM   1164 C CD2 . LEU A 1 158 ? 27.97265  1.83610   -19.37262 1.000 40.35438  ?  140 LEU A CD2 1 
ATOM   1165 N N   . LEU A 1 159 ? 25.71982  6.38796   -17.60406 1.000 23.11715  ?  141 LEU A N   1 
ATOM   1166 C CA  . LEU A 1 159 ? 25.55100  7.82597   -17.42359 1.000 25.93776  ?  141 LEU A CA  1 
ATOM   1167 C C   . LEU A 1 159 ? 26.14470  8.29121   -16.09951 1.000 25.45719  ?  141 LEU A C   1 
ATOM   1168 O O   . LEU A 1 159 ? 26.73391  9.37612   -16.02514 1.000 22.15885  ?  141 LEU A O   1 
ATOM   1169 C CB  . LEU A 1 159 ? 24.06951  8.19656   -17.50410 1.000 24.04374  ?  141 LEU A CB  1 
ATOM   1170 C CG  . LEU A 1 159 ? 23.38390  8.03828   -18.86233 1.000 26.45643  ?  141 LEU A CG  1 
ATOM   1171 C CD1 . LEU A 1 159 ? 21.87787  8.22116   -18.72261 1.000 22.08129  ?  141 LEU A CD1 1 
ATOM   1172 C CD2 . LEU A 1 159 ? 23.95627  9.01733   -19.87364 1.000 20.29739  ?  141 LEU A CD2 1 
ATOM   1173 N N   . THR A 1 160 ? 25.99639  7.48716   -15.04301 1.000 22.12102  ?  142 THR A N   1 
ATOM   1174 C CA  . THR A 1 160 ? 26.52153  7.87817   -13.73861 1.000 23.01763  ?  142 THR A CA  1 
ATOM   1175 C C   . THR A 1 160 ? 28.04451  7.93713   -13.75026 1.000 22.54144  ?  142 THR A C   1 
ATOM   1176 O O   . THR A 1 160 ? 28.63658  8.89375   -13.23625 1.000 22.07993  ?  142 THR A O   1 
ATOM   1177 C CB  . THR A 1 160 ? 26.02558  6.91317   -12.65980 1.000 25.73074  ?  142 THR A CB  1 
ATOM   1178 O OG1 . THR A 1 160 ? 24.59600  6.97889   -12.58031 1.000 27.33455  ?  142 THR A OG1 1 
ATOM   1179 C CG2 . THR A 1 160 ? 26.61683  7.27307   -11.30145 1.000 24.67307  ?  142 THR A CG2 1 
ATOM   1180 N N   . HIS A 1 161 ? 28.69612  6.93129   -14.34147 1.000 26.52332  ?  143 HIS A N   1 
ATOM   1181 C CA  . HIS A 1 161 ? 30.15530  6.93188   -14.39792 1.000 24.66165  ?  143 HIS A CA  1 
ATOM   1182 C C   . HIS A 1 161 ? 30.67576  8.10215   -15.22361 1.000 24.56824  ?  143 HIS A C   1 
ATOM   1183 O O   . HIS A 1 161 ? 31.68021  8.72672   -14.86377 1.000 22.23102  ?  143 HIS A O   1 
ATOM   1184 C CB  . HIS A 1 161 ? 30.66385  5.60608   -14.96670 1.000 28.54274  ?  143 HIS A CB  1 
ATOM   1185 C CG  . HIS A 1 161 ? 32.14023  5.58441   -15.22158 1.000 34.51310  ?  143 HIS A CG  1 
ATOM   1186 N ND1 . HIS A 1 161 ? 32.67689  5.51932   -16.49017 1.000 37.96663  ?  143 HIS A ND1 1 
ATOM   1187 C CD2 . HIS A 1 161 ? 33.19308  5.62234   -14.37029 1.000 27.38073  ?  143 HIS A CD2 1 
ATOM   1188 C CE1 . HIS A 1 161 ? 33.99584  5.51730   -16.40937 1.000 28.50057  ?  143 HIS A CE1 1 
ATOM   1189 N NE2 . HIS A 1 161 ? 34.33472  5.57978   -15.13422 1.000 32.56081  ?  143 HIS A NE2 1 
ATOM   1190 N N   . TYR A 1 162 ? 30.00470  8.41616   -16.33442 1.000 22.27074  ?  144 TYR A N   1 
ATOM   1191 C CA  . TYR A 1 162 ? 30.43194  9.54240   -17.15674 1.000 18.13535  ?  144 TYR A CA  1 
ATOM   1192 C C   . TYR A 1 162 ? 30.27713  10.86025  -16.40773 1.000 25.40685  ?  144 TYR A C   1 
ATOM   1193 O O   . TYR A 1 162 ? 31.18627  11.69907  -16.42365 1.000 21.80311  ?  144 TYR A O   1 
ATOM   1194 C CB  . TYR A 1 162 ? 29.63956  9.56817   -18.46503 1.000 19.60738  ?  144 TYR A CB  1 
ATOM   1195 C CG  . TYR A 1 162 ? 29.92563  10.77080  -19.34030 1.000 18.59692  ?  144 TYR A CG  1 
ATOM   1196 C CD1 . TYR A 1 162 ? 31.01143  10.78094  -20.20878 1.000 19.92932  ?  144 TYR A CD1 1 
ATOM   1197 C CD2 . TYR A 1 162 ? 29.10755  11.89534  -19.30128 1.000 21.86323  ?  144 TYR A CD2 1 
ATOM   1198 C CE1 . TYR A 1 162 ? 31.27540  11.87859  -21.01363 1.000 19.39366  ?  144 TYR A CE1 1 
ATOM   1199 C CE2 . TYR A 1 162 ? 29.36446  12.99703  -20.10042 1.000 20.50612  ?  144 TYR A CE2 1 
ATOM   1200 C CZ  . TYR A 1 162 ? 30.44978  12.98260  -20.95413 1.000 18.03479  ?  144 TYR A CZ  1 
ATOM   1201 O OH  . TYR A 1 162 ? 30.70868  14.07586  -21.74944 1.000 19.11595  ?  144 TYR A OH  1 
ATOM   1202 N N   . ALA A 1 163 ? 29.13603  11.05377  -15.73877 1.000 16.92203  ?  145 ALA A N   1 
ATOM   1203 C CA  . ALA A 1 163 ? 28.88115  12.31013  -15.03996 1.000 21.36822  ?  145 ALA A CA  1 
ATOM   1204 C C   . ALA A 1 163 ? 29.91500  12.56274  -13.94854 1.000 19.89713  ?  145 ALA A C   1 
ATOM   1205 O O   . ALA A 1 163 ? 30.34207  13.70413  -13.73871 1.000 15.09506  ?  145 ALA A O   1 
ATOM   1206 C CB  . ALA A 1 163 ? 27.47008  12.30260  -14.45066 1.000 15.11777  ?  145 ALA A CB  1 
ATOM   1207 N N   . GLU A 1 164 ? 30.33478  11.50948  -13.24789 1.000 19.35978  ?  146 GLU A N   1 
ATOM   1208 C CA  . GLU A 1 164 ? 31.28961  11.67249  -12.15797 1.000 24.36400  ?  146 GLU A CA  1 
ATOM   1209 C C   . GLU A 1 164 ? 32.71960  11.84345  -12.65975 1.000 21.71725  ?  146 GLU A C   1 
ATOM   1210 O O   . GLU A 1 164 ? 33.51409  12.53955  -12.01844 1.000 21.77982  ?  146 GLU A O   1 
ATOM   1211 C CB  . GLU A 1 164 ? 31.19870  10.47206  -11.20852 1.000 19.50575  ?  146 GLU A CB  1 
ATOM   1212 C CG  . GLU A 1 164 ? 32.28403  10.40771  -10.13803 1.000 28.71872  ?  146 GLU A CG  1 
ATOM   1213 C CD  . GLU A 1 164 ? 32.12349  11.47727  -9.07069  1.000 32.52664  ?  146 GLU A CD  1 
ATOM   1214 O OE1 . GLU A 1 164 ? 30.97019  11.83697  -8.75373  1.000 40.59517  ?  146 GLU A OE1 1 
ATOM   1215 O OE2 . GLU A 1 164 ? 33.15131  11.95886  -8.54786  1.000 31.67671  ?  146 GLU A OE2 1 
ATOM   1216 N N   . SER A 1 165 ? 33.06031  11.24869  -13.80587 1.000 20.98330  ?  147 SER A N   1 
ATOM   1217 C CA  . SER A 1 165 ? 34.45648  11.10688  -14.20518 1.000 20.90519  ?  147 SER A CA  1 
ATOM   1218 C C   . SER A 1 165 ? 34.90384  12.06860  -15.29957 1.000 22.98412  ?  147 SER A C   1 
ATOM   1219 O O   . SER A 1 165 ? 36.11253  12.29096  -15.43633 1.000 18.44295  ?  147 SER A O   1 
ATOM   1220 C CB  . SER A 1 165 ? 34.72738  9.67144   -14.67798 1.000 21.40365  ?  147 SER A CB  1 
ATOM   1221 O OG  . SER A 1 165 ? 33.89141  9.32440   -15.76765 1.000 23.32122  ?  147 SER A OG  1 
ATOM   1222 N N   . VAL A 1 166 ? 33.98846  12.63503  -16.07755 1.000 18.03322  ?  148 VAL A N   1 
ATOM   1223 C CA  . VAL A 1 166 ? 34.41235  13.39498  -17.26171 1.000 18.31807  ?  148 VAL A CA  1 
ATOM   1224 C C   . VAL A 1 166 ? 35.05512  14.70941  -16.82434 1.000 19.49667  ?  148 VAL A C   1 
ATOM   1225 O O   . VAL A 1 166 ? 34.52632  15.39270  -15.92747 1.000 19.94965  ?  148 VAL A O   1 
ATOM   1226 C CB  . VAL A 1 166 ? 33.22351  13.63343  -18.20581 1.000 20.19939  ?  148 VAL A CB  1 
ATOM   1227 C CG1 . VAL A 1 166 ? 32.16420  14.53076  -17.57084 1.000 15.95895  ?  148 VAL A CG1 1 
ATOM   1228 C CG2 . VAL A 1 166 ? 33.70315  14.21731  -19.53004 1.000 19.50199  ?  148 VAL A CG2 1 
ATOM   1229 N N   . PRO A 1 167 ? 36.20277  15.08439  -17.38690 1.000 19.46582  ?  149 PRO A N   1 
ATOM   1230 C CA  . PRO A 1 167 ? 36.78680  16.39094  -17.05995 1.000 21.70290  ?  149 PRO A CA  1 
ATOM   1231 C C   . PRO A 1 167 ? 35.96127  17.52651  -17.64493 1.000 22.29147  ?  149 PRO A C   1 
ATOM   1232 O O   . PRO A 1 167 ? 35.47948  17.45051  -18.77818 1.000 22.50963  ?  149 PRO A O   1 
ATOM   1233 C CB  . PRO A 1 167 ? 38.18282  16.32864  -17.69398 1.000 22.65996  ?  149 PRO A CB  1 
ATOM   1234 C CG  . PRO A 1 167 ? 38.45561  14.86360  -17.88841 1.000 21.71558  ?  149 PRO A CG  1 
ATOM   1235 C CD  . PRO A 1 167 ? 37.12281  14.24864  -18.17576 1.000 19.79106  ?  149 PRO A CD  1 
ATOM   1236 N N   . ILE A 1 168 ? 35.79572  18.58380  -16.85303 1.000 19.28292  ?  150 ILE A N   1 
ATOM   1237 C CA  . ILE A 1 168 ? 35.02564  19.75886  -17.24403 1.000 24.28899  ?  150 ILE A CA  1 
ATOM   1238 C C   . ILE A 1 168 ? 35.83323  20.99597  -16.87799 1.000 26.05033  ?  150 ILE A C   1 
ATOM   1239 O O   . ILE A 1 168 ? 36.06762  21.25879  -15.69144 1.000 22.10261  ?  150 ILE A O   1 
ATOM   1240 C CB  . ILE A 1 168 ? 33.64243  19.80258  -16.56534 1.000 21.35492  ?  150 ILE A CB  1 
ATOM   1241 C CG1 . ILE A 1 168 ? 32.89276  18.48533  -16.77672 1.000 20.93974  ?  150 ILE A CG1 1 
ATOM   1242 C CG2 . ILE A 1 168 ? 32.82875  20.97384  -17.09781 1.000 18.86794  ?  150 ILE A CG2 1 
ATOM   1243 C CD1 . ILE A 1 168 ? 31.60780  18.38462  -15.98650 1.000 18.57194  ?  150 ILE A CD1 1 
ATOM   1244 N N   . PHE A 1 169 ? 36.24591  21.75621  -17.88618 1.000 22.18151  ?  151 PHE A N   1 
ATOM   1245 C CA  . PHE A 1 169 ? 37.04034  22.96913  -17.69858 1.000 25.35933  ?  151 PHE A CA  1 
ATOM   1246 C C   . PHE A 1 169 ? 36.25625  24.15774  -18.24923 1.000 29.28221  ?  151 PHE A C   1 
ATOM   1247 O O   . PHE A 1 169 ? 36.61109  24.73460  -19.28078 1.000 32.21405  ?  151 PHE A O   1 
ATOM   1248 C CB  . PHE A 1 169 ? 38.40967  22.82758  -18.37009 1.000 23.90451  ?  151 PHE A CB  1 
ATOM   1249 C CG  . PHE A 1 169 ? 39.23713  21.70416  -17.81511 1.000 26.59908  ?  151 PHE A CG  1 
ATOM   1250 C CD1 . PHE A 1 169 ? 39.93037  21.85902  -16.62490 1.000 23.83755  ?  151 PHE A CD1 1 
ATOM   1251 C CD2 . PHE A 1 169 ? 39.31294  20.48957  -18.47578 1.000 22.54015  ?  151 PHE A CD2 1 
ATOM   1252 C CE1 . PHE A 1 169 ? 40.68960  20.82405  -16.10935 1.000 24.75870  ?  151 PHE A CE1 1 
ATOM   1253 C CE2 . PHE A 1 169 ? 40.07061  19.45083  -17.96380 1.000 23.09390  ?  151 PHE A CE2 1 
ATOM   1254 C CZ  . PHE A 1 169 ? 40.76041  19.61943  -16.78136 1.000 18.95147  ?  151 PHE A CZ  1 
ATOM   1255 N N   . LEU A 1 170 ? 35.18419  24.52386  -17.55033 1.000 30.43702  ?  152 LEU A N   1 
ATOM   1256 C CA  . LEU A 1 170 ? 34.32578  25.63346  -17.94371 1.000 30.17812  ?  152 LEU A CA  1 
ATOM   1257 C C   . LEU A 1 170 ? 34.15797  26.56932  -16.75559 1.000 36.27799  ?  152 LEU A C   1 
ATOM   1258 O O   . LEU A 1 170 ? 33.76733  26.12774  -15.67096 1.000 36.26493  ?  152 LEU A O   1 
ATOM   1259 C CB  . LEU A 1 170 ? 32.96145  25.12673  -18.43015 1.000 38.82256  ?  152 LEU A CB  1 
ATOM   1260 C CG  . LEU A 1 170 ? 32.96892  24.33271  -19.73936 1.000 39.50220  ?  152 LEU A CG  1 
ATOM   1261 C CD1 . LEU A 1 170 ? 31.58561  23.77179  -20.03727 1.000 33.84010  ?  152 LEU A CD1 1 
ATOM   1262 C CD2 . LEU A 1 170 ? 33.46323  25.19288  -20.89473 1.000 45.44420  ?  152 LEU A CD2 1 
ATOM   1263 N N   . SER A 1 171 ? 34.45859  27.85373  -16.95463 1.000 40.58366  ?  153 SER A N   1 
ATOM   1264 C CA  . SER A 1 171 ? 34.43346  28.83561  -15.87411 1.000 43.99147  ?  153 SER A CA  1 
ATOM   1265 C C   . SER A 1 171 ? 33.86706  30.13871  -16.40910 1.000 48.31488  ?  153 SER A C   1 
ATOM   1266 O O   . SER A 1 171 ? 34.34061  30.66129  -17.42269 1.000 43.95254  ?  153 SER A O   1 
ATOM   1267 C CB  . SER A 1 171 ? 35.82632  29.05705  -15.29316 1.000 41.27371  ?  153 SER A CB  1 
ATOM   1268 O OG  . SER A 1 171 ? 35.97511  30.39603  -14.86605 1.000 51.68727  ?  153 SER A OG  1 
ATOM   1269 N N   . MET A 1 172 ? 32.88381  30.66694  -15.71373 1.000 54.65071  ?  154 MET A N   1 
ATOM   1270 C CA  . MET A 1 172 ? 31.95276  31.60840  -16.32534 1.000 56.98569  ?  154 MET A CA  1 
ATOM   1271 C C   . MET A 1 172 ? 31.32475  32.59642  -15.36135 1.000 68.48241  ?  154 MET A C   1 
ATOM   1272 O O   . MET A 1 172 ? 30.70780  33.56487  -15.82330 1.000 70.99523  ?  154 MET A O   1 
ATOM   1273 C CB  . MET A 1 172 ? 30.81223  30.87304  -17.05505 1.000 64.63802  ?  154 MET A CB  1 
ATOM   1274 C CG  . MET A 1 172 ? 31.17596  30.21480  -18.33200 1.000 78.78237  ?  154 MET A CG  1 
ATOM   1275 S SD  . MET A 1 172 ? 29.93443  30.90053  -19.42589 1.000 119.49485 ?  154 MET A SD  1 
ATOM   1276 C CE  . MET A 1 172 ? 30.65953  32.54299  -19.76894 1.000 90.64555  ?  154 MET A CE  1 
ATOM   1277 N N   . ALA A 1 173 ? 31.47882  32.40888  -14.05361 1.000 69.43503  ?  155 ALA A N   1 
ATOM   1278 C CA  . ALA A 1 173 ? 30.67577  33.13444  -13.08105 1.000 74.07493  ?  155 ALA A CA  1 
ATOM   1279 C C   . ALA A 1 173 ? 30.81372  34.63468  -13.28540 1.000 82.63580  ?  155 ALA A C   1 
ATOM   1280 O O   . ALA A 1 173 ? 31.87726  35.12986  -13.66168 1.000 74.61175  ?  155 ALA A O   1 
ATOM   1281 C CB  . ALA A 1 173 ? 31.08532  32.75330  -11.65495 1.000 65.34428  ?  155 ALA A CB  1 
ATOM   1282 N N   . GLU A 1 174 ? 29.72208  35.35809  -13.08150 1.000 80.67809  ?  156 GLU A N   1 
ATOM   1283 C CA  . GLU A 1 174 ? 29.79140  36.80397  -13.20635 1.000 72.17655  ?  156 GLU A CA  1 
ATOM   1284 C C   . GLU A 1 174 ? 30.24516  37.38625  -11.87582 1.000 68.81180  ?  156 GLU A C   1 
ATOM   1285 O O   . GLU A 1 174 ? 29.58355  37.21114  -10.84643 1.000 75.17150  ?  156 GLU A O   1 
ATOM   1286 C CB  . GLU A 1 174 ? 28.45470  37.38821  -13.66472 1.000 73.31478  ?  156 GLU A CB  1 
ATOM   1287 C CG  . GLU A 1 174 ? 27.92797  36.87082  -15.03279 1.000 75.92087  ?  156 GLU A CG  1 
ATOM   1288 C CD  . GLU A 1 174 ? 28.90764  36.90047  -16.23782 1.000 85.39944  ?  156 GLU A CD  1 
ATOM   1289 O OE1 . GLU A 1 174 ? 28.40974  36.66050  -17.35737 1.000 84.63967  ?  156 GLU A OE1 1 
ATOM   1290 O OE2 . GLU A 1 174 ? 30.12838  37.14454  -16.11429 1.000 88.11534  ?  156 GLU A OE2 1 
ATOM   1291 N N   . GLY A 1 175 ? 31.40742  38.02439  -11.89442 1.000 51.35559  ?  157 GLY A N   1 
ATOM   1292 C CA  . GLY A 1 175 ? 31.93103  38.71281  -10.73845 1.000 47.64412  ?  157 GLY A CA  1 
ATOM   1293 C C   . GLY A 1 175 ? 32.46168  40.06534  -11.15136 1.000 50.92155  ?  157 GLY A C   1 
ATOM   1294 O O   . GLY A 1 175 ? 31.71474  41.04748  -11.20099 1.000 48.75614  ?  157 GLY A O   1 
ATOM   1295 N N   . GLN A 1 176 ? 33.75320  40.12341  -11.46734 1.000 40.88714  ?  158 GLN A N   1 
ATOM   1296 C CA  . GLN A 1 176 ? 34.34933  41.34751  -11.97804 1.000 36.70988  ?  158 GLN A CA  1 
ATOM   1297 C C   . GLN A 1 176 ? 34.11929  41.53518  -13.46972 1.000 31.45349  ?  158 GLN A C   1 
ATOM   1298 O O   . GLN A 1 176 ? 34.32375  42.64377  -13.97484 1.000 33.45686  ?  158 GLN A O   1 
ATOM   1299 C CB  . GLN A 1 176 ? 35.84947  41.35911  -11.68437 1.000 36.90440  ?  158 GLN A CB  1 
ATOM   1300 C CG  . GLN A 1 176 ? 36.18400  41.45814  -10.21192 1.000 36.81955  ?  158 GLN A CG  1 
ATOM   1301 C CD  . GLN A 1 176 ? 37.66919  41.34138  -9.95001  1.000 47.88293  ?  158 GLN A CD  1 
ATOM   1302 O OE1 . GLN A 1 176 ? 38.49017  41.76067  -10.76746 1.000 40.18313  ?  158 GLN A OE1 1 
ATOM   1303 N NE2 . GLN A 1 176 ? 38.02522  40.76837  -8.80508  1.000 51.79454  ?  158 GLN A NE2 1 
ATOM   1304 N N   . PHE A 1 177 ? 33.69482  40.49189  -14.17809 1.000 25.35738  ?  159 PHE A N   1 
ATOM   1305 C CA  . PHE A 1 177 ? 33.51779  40.54350  -15.61979 1.000 35.31767  ?  159 PHE A CA  1 
ATOM   1306 C C   . PHE A 1 177 ? 32.14389  40.00335  -15.98713 1.000 37.55010  ?  159 PHE A C   1 
ATOM   1307 O O   . PHE A 1 177 ? 31.49189  39.31843  -15.19592 1.000 47.43663  ?  159 PHE A O   1 
ATOM   1308 C CB  . PHE A 1 177 ? 34.61494  39.74888  -16.34418 1.000 30.70093  ?  159 PHE A CB  1 
ATOM   1309 C CG  . PHE A 1 177 ? 35.99782  40.02779  -15.82999 1.000 30.01404  ?  159 PHE A CG  1 
ATOM   1310 C CD1 . PHE A 1 177 ? 36.58895  41.26400  -16.03595 1.000 27.40887  ?  159 PHE A CD1 1 
ATOM   1311 C CD2 . PHE A 1 177 ? 36.70119  39.06147  -15.13047 1.000 26.24455  ?  159 PHE A CD2 1 
ATOM   1312 C CE1 . PHE A 1 177 ? 37.85890  41.52927  -15.56195 1.000 27.99277  ?  159 PHE A CE1 1 
ATOM   1313 C CE2 . PHE A 1 177 ? 37.97208  39.32079  -14.65144 1.000 26.04031  ?  159 PHE A CE2 1 
ATOM   1314 C CZ  . PHE A 1 177 ? 38.55152  40.55650  -14.86790 1.000 30.17556  ?  159 PHE A CZ  1 
ATOM   1315 N N   . VAL A 1 178 ? 31.70669  40.33510  -17.19989 1.000 45.01084  ?  160 VAL A N   1 
ATOM   1316 C CA  . VAL A 1 178 ? 30.43228  39.85628  -17.72837 1.000 42.56833  ?  160 VAL A CA  1 
ATOM   1317 C C   . VAL A 1 178 ? 30.64016  39.23614  -19.10487 1.000 43.91627  ?  160 VAL A C   1 
ATOM   1318 O O   . VAL A 1 178 ? 31.06306  39.91278  -20.04248 1.000 44.36566  ?  160 VAL A O   1 
ATOM   1319 C CB  . VAL A 1 178 ? 29.38362  40.98259  -17.79941 1.000 44.15303  ?  160 VAL A CB  1 
ATOM   1320 C CG1 . VAL A 1 178 ? 28.13658  40.49569  -18.52156 1.000 39.89983  ?  160 VAL A CG1 1 
ATOM   1321 C CG2 . VAL A 1 178 ? 29.03130  41.47371  -16.40692 1.000 45.98441  ?  160 VAL A CG2 1 
HETATM 1322 N N1A . ACO B 2 .   ? 4.66695   7.94446   -1.26067  1.000 26.05316  ?  201 ACO A N1A 1 
HETATM 1323 C C2A . ACO B 2 .   ? 5.78208   7.24300   -1.42089  1.000 28.35527  ?  201 ACO A C2A 1 
HETATM 1324 N N3A . ACO B 2 .   ? 6.20152   6.38049   -0.50902  1.000 28.37578  ?  201 ACO A N3A 1 
HETATM 1325 C C4A . ACO B 2 .   ? 5.49992   6.18639   0.61919   1.000 33.09132  ?  201 ACO A C4A 1 
HETATM 1326 C C5A . ACO B 2 .   ? 4.33317   6.90303   0.81258   1.000 29.46227  ?  201 ACO A C5A 1 
HETATM 1327 C C6A . ACO B 2 .   ? 3.91527   7.81395   -0.17634  1.000 25.43881  ?  201 ACO A C6A 1 
HETATM 1328 N N6A . ACO B 2 .   ? 2.69750   8.58757   -0.00994  1.000 28.12556  ?  201 ACO A N6A 1 
HETATM 1329 N N7A . ACO B 2 .   ? 3.83125   6.53027   2.00047   1.000 28.04621  ?  201 ACO A N7A 1 
HETATM 1330 C C8A . ACO B 2 .   ? 4.63741   5.62351   2.52924   1.000 29.48110  ?  201 ACO A C8A 1 
HETATM 1331 N N9A . ACO B 2 .   ? 5.65048   5.40245   1.70487   1.000 31.82506  ?  201 ACO A N9A 1 
HETATM 1332 C C1B . ACO B 2 .   ? 6.65595   4.56662   1.91614   1.000 30.69680  ?  201 ACO A C1B 1 
HETATM 1333 C C2B . ACO B 2 .   ? 7.86611   5.38305   2.55605   1.000 34.55907  ?  201 ACO A C2B 1 
HETATM 1334 O O2B . ACO B 2 .   ? 9.18374   4.78104   2.13253   1.000 35.31295  ?  201 ACO A O2B 1 
HETATM 1335 C C3B . ACO B 2 .   ? 7.62403   5.13963   4.00623   1.000 33.05802  ?  201 ACO A C3B 1 
HETATM 1336 O O3B . ACO B 2 .   ? 8.87030   5.26393   4.79157   1.000 36.31283  ?  201 ACO A O3B 1 
HETATM 1337 P P3B . ACO B 2 .   ? 9.31702   6.77533   5.28484   1.000 39.46085  ?  201 ACO A P3B 1 
HETATM 1338 O O7A . ACO B 2 .   ? 9.76826   7.58383   4.09123   1.000 41.35598  ?  201 ACO A O7A 1 
HETATM 1339 O O8A . ACO B 2 .   ? 8.13600   7.46352   5.93220   1.000 29.22104  -1 201 ACO A O8A 1 
HETATM 1340 O O9A . ACO B 2 .   ? 10.45109  6.66596   6.27734   1.000 37.94635  ?  201 ACO A O9A 1 
HETATM 1341 C C4B . ACO B 2 .   ? 7.05992   3.57485   3.96210   1.000 34.86563  ?  201 ACO A C4B 1 
HETATM 1342 O O4B . ACO B 2 .   ? 6.28435   3.49182   2.93906   1.000 30.96026  ?  201 ACO A O4B 1 
HETATM 1343 C C5B . ACO B 2 .   ? 6.29162   3.26772   5.22944   1.000 27.76299  ?  201 ACO A C5B 1 
HETATM 1344 O O5B . ACO B 2 .   ? 5.50137   4.38469   5.52491   1.000 30.90183  ?  201 ACO A O5B 1 
HETATM 1345 P P1A . ACO B 2 .   ? 4.24329   4.25220   6.58548   1.000 25.52028  ?  201 ACO A P1A 1 
HETATM 1346 O O1A . ACO B 2 .   ? 4.29390   2.92786   7.31178   1.000 23.33295  -1 201 ACO A O1A 1 
HETATM 1347 O O2A . ACO B 2 .   ? 4.30972   5.38403   7.58455   1.000 25.08960  ?  201 ACO A O2A 1 
HETATM 1348 O O3A . ACO B 2 .   ? 2.83724   4.34583   5.73824   1.000 23.94069  ?  201 ACO A O3A 1 
HETATM 1349 P P2A . ACO B 2 .   ? 1.50300   5.15480   6.25461   1.000 23.11844  ?  201 ACO A P2A 1 
HETATM 1350 O O4A . ACO B 2 .   ? 1.66887   6.63655   6.02677   1.000 24.33116  -1 201 ACO A O4A 1 
HETATM 1351 O O5A . ACO B 2 .   ? 1.29449   4.88596   7.72549   1.000 21.36410  ?  201 ACO A O5A 1 
HETATM 1352 O O6A . ACO B 2 .   ? 0.21321   4.59269   5.39532   1.000 25.66769  ?  201 ACO A O6A 1 
HETATM 1353 C CBP . ACO B 2 .   ? -0.94003  4.39911   3.35406   1.000 26.50395  ?  201 ACO A CBP 1 
HETATM 1354 C CCP . ACO B 2 .   ? 0.40337   4.22328   4.05757   1.000 20.73058  ?  201 ACO A CCP 1 
HETATM 1355 C CDP . ACO B 2 .   ? -1.91145  3.34607   3.88637   1.000 24.79152  ?  201 ACO A CDP 1 
HETATM 1356 C CEP . ACO B 2 .   ? -0.75342  4.22103   1.84885   1.000 21.51257  ?  201 ACO A CEP 1 
HETATM 1357 C CAP . ACO B 2 .   ? -1.42954  5.81699   3.66202   1.000 24.41900  ?  201 ACO A CAP 1 
HETATM 1358 O OAP . ACO B 2 .   ? -0.62312  6.72684   2.97007   1.000 27.21972  ?  201 ACO A OAP 1 
HETATM 1359 C C9P . ACO B 2 .   ? -2.88751  6.06198   3.26431   1.000 25.76395  ?  201 ACO A C9P 1 
HETATM 1360 O O9P . ACO B 2 .   ? -3.76376  5.84188   4.03604   1.000 26.35821  ?  201 ACO A O9P 1 
HETATM 1361 N N8P . ACO B 2 .   ? -3.18513  6.59719   1.94460   1.000 24.34245  ?  201 ACO A N8P 1 
HETATM 1362 C C7P . ACO B 2 .   ? -4.55352  6.86219   1.53041   1.000 22.78975  ?  201 ACO A C7P 1 
HETATM 1363 C C6P . ACO B 2 .   ? -5.37395  5.57592   1.45549   1.000 25.13060  ?  201 ACO A C6P 1 
HETATM 1364 C C5P . ACO B 2 .   ? -4.77535  4.55772   0.48786   1.000 31.71326  ?  201 ACO A C5P 1 
HETATM 1365 O O5P . ACO B 2 .   ? -4.39819  4.90462   -0.58344  1.000 29.59775  ?  201 ACO A O5P 1 
HETATM 1366 N N4P . ACO B 2 .   ? -4.66947  3.16494   0.88521   1.000 24.24679  ?  201 ACO A N4P 1 
HETATM 1367 C C3P . ACO B 2 .   ? -4.11480  2.20251   -0.04932  1.000 24.72301  ?  201 ACO A C3P 1 
HETATM 1368 C C2P . ACO B 2 .   ? -5.24132  1.77192   -0.99188  1.000 26.87217  ?  201 ACO A C2P 1 
HETATM 1369 S S1P . ACO B 2 .   ? -4.79417  0.29386   -1.95098  1.000 26.85545  ?  201 ACO A S1P 1 
HETATM 1370 C C   . ACO B 2 .   ? -4.92508  -1.19030  -0.90995  1.000 32.68290  ?  201 ACO A C   1 
HETATM 1371 O O   . ACO B 2 .   ? -4.80091  -2.27105  -1.38466  1.000 34.24861  ?  201 ACO A O   1 
HETATM 1372 C CH3 . ACO B 2 .   ? -5.19615  -1.04402  0.58242   1.000 15.76213  ?  201 ACO A CH3 1 
HETATM 1373 O O   . HOH C 3 .   ? 22.89387  0.29791   -14.66065 1.000 34.78035  ?  301 HOH A O   1 
HETATM 1374 O O   . HOH C 3 .   ? 30.78825  14.27773  -8.21211  1.000 19.14831  ?  302 HOH A O   1 
HETATM 1375 O O   . HOH C 3 .   ? 2.01530   6.19006   9.76806   1.000 19.33035  ?  303 HOH A O   1 
HETATM 1376 O O   . HOH C 3 .   ? -11.17892 1.07420   -19.41456 1.000 42.04250  ?  304 HOH A O   1 
HETATM 1377 O O   . HOH C 3 .   ? 6.63138   -3.60521  -9.46530  1.000 16.14491  ?  305 HOH A O   1 
HETATM 1378 O O   . HOH C 3 .   ? -5.42559  8.96425   12.72998  1.000 24.66847  ?  306 HOH A O   1 
HETATM 1379 O O   . HOH C 3 .   ? 6.61201   -5.47600  -11.76567 1.000 19.16378  ?  307 HOH A O   1 
HETATM 1380 O O   . HOH C 3 .   ? -19.75355 -3.19485  15.38355  1.000 24.05688  ?  308 HOH A O   1 
HETATM 1381 O O   . HOH C 3 .   ? 1.67208   7.88413   3.37008   1.000 26.48182  ?  309 HOH A O   1 
HETATM 1382 O O   . HOH C 3 .   ? 10.10050  -9.83755  -6.31910  1.000 38.71405  ?  310 HOH A O   1 
HETATM 1383 O O   . HOH C 3 .   ? -7.05619  -5.20102  -2.63324  1.000 21.03010  ?  311 HOH A O   1 
HETATM 1384 O O   . HOH C 3 .   ? 33.03540  12.67816  -6.00346  1.000 31.20022  ?  312 HOH A O   1 
HETATM 1385 O O   . HOH C 3 .   ? 9.17217   -9.34848  -0.54101  1.000 33.34926  ?  313 HOH A O   1 
HETATM 1386 O O   . HOH C 3 .   ? -8.29807  -15.99519 3.30084   1.000 29.32432  ?  314 HOH A O   1 
HETATM 1387 O O   . HOH C 3 .   ? -1.88546  10.60157  21.79869  1.000 40.81739  ?  315 HOH A O   1 
HETATM 1388 O O   . HOH C 3 .   ? -9.53936  11.24716  18.20664  1.000 24.98799  ?  316 HOH A O   1 
HETATM 1389 O O   . HOH C 3 .   ? -15.43097 -10.30749 10.77462  1.000 34.22689  ?  317 HOH A O   1 
HETATM 1390 O O   . HOH C 3 .   ? -0.95727  -16.27841 1.69382   1.000 38.54897  ?  318 HOH A O   1 
HETATM 1391 O O   . HOH C 3 .   ? 6.98273   6.00474   7.86827   1.000 26.26247  ?  319 HOH A O   1 
HETATM 1392 O O   . HOH C 3 .   ? -3.32962  -16.94660 4.40698   1.000 35.69818  ?  320 HOH A O   1 
HETATM 1393 O O   . HOH C 3 .   ? -25.07590 -3.89272  11.02365  1.000 38.70002  ?  321 HOH A O   1 
HETATM 1394 O O   . HOH C 3 .   ? -23.29135 -10.61234 2.68390   1.000 34.25014  ?  322 HOH A O   1 
HETATM 1395 O O   . HOH C 3 .   ? 26.07025  -0.58828  -17.72029 1.000 38.51080  ?  323 HOH A O   1 
HETATM 1396 O O   . HOH C 3 .   ? 36.47654  16.29746  -21.04704 1.000 27.73438  ?  324 HOH A O   1 
HETATM 1397 O O   . HOH C 3 .   ? -1.65793  -14.49095 -0.60312  1.000 24.85053  ?  325 HOH A O   1 
HETATM 1398 O O   . HOH C 3 .   ? 30.22291  5.41465   -18.87748 1.000 23.06021  ?  326 HOH A O   1 
HETATM 1399 O O   . HOH C 3 .   ? -2.57331  6.82231   -1.33799  1.000 33.78892  ?  327 HOH A O   1 
HETATM 1400 O O   . HOH C 3 .   ? -22.85451 -5.61612  6.63227   1.000 32.64745  ?  328 HOH A O   1 
HETATM 1401 O O   . HOH C 3 .   ? 6.36485   -11.94515 -7.58481  1.000 23.36372  ?  329 HOH A O   1 
HETATM 1402 O O   . HOH C 3 .   ? 9.09042   1.14406   5.43742   1.000 37.80626  ?  330 HOH A O   1 
HETATM 1403 O O   . HOH C 3 .   ? 6.15608   0.38240   11.58077  1.000 32.42315  ?  331 HOH A O   1 
HETATM 1404 O O   . HOH C 3 .   ? -11.57517 -13.58599 6.72081   1.000 34.03903  ?  332 HOH A O   1 
HETATM 1405 O O   . HOH C 3 .   ? 4.31637   -2.87258  5.77652   1.000 46.53214  ?  333 HOH A O   1 
HETATM 1406 O O   . HOH C 3 .   ? 5.85292   -9.66703  -6.19215  1.000 26.63444  ?  334 HOH A O   1 
HETATM 1407 O O   . HOH C 3 .   ? 9.56237   -4.33225  -3.27706  1.000 26.88012  ?  335 HOH A O   1 
HETATM 1408 O O   . HOH C 3 .   ? -21.63575 1.35389   0.18160   1.000 31.79052  ?  336 HOH A O   1 
HETATM 1409 O O   . HOH C 3 .   ? -12.35751 -14.41535 4.59750   1.000 40.66816  ?  337 HOH A O   1 
HETATM 1410 O O   . HOH C 3 .   ? -7.38269  11.48925  6.12348   1.000 24.88116  ?  338 HOH A O   1 
HETATM 1411 O O   . HOH C 3 .   ? -14.04376 -8.08317  12.08733  1.000 23.49394  ?  339 HOH A O   1 
HETATM 1412 O O   . HOH C 3 .   ? 38.76557  12.71705  -14.50789 1.000 21.61859  ?  340 HOH A O   1 
HETATM 1413 O O   . HOH C 3 .   ? -9.75887  8.44948   15.52017  1.000 18.01936  ?  341 HOH A O   1 
HETATM 1414 O O   . HOH C 3 .   ? 32.81670  13.86906  -23.67205 1.000 27.50792  ?  342 HOH A O   1 
HETATM 1415 O O   . HOH C 3 .   ? -6.99877  3.14028   23.91887  1.000 35.57944  ?  343 HOH A O   1 
HETATM 1416 O O   . HOH C 3 .   ? 32.45266  27.39212  -13.35956 1.000 37.37449  ?  344 HOH A O   1 
HETATM 1417 O O   . HOH C 3 .   ? -9.29464  7.95082   12.88764  1.000 23.69522  ?  345 HOH A O   1 
HETATM 1418 O O   . HOH C 3 .   ? 6.74920   -8.64757  2.61679   1.000 30.67570  ?  346 HOH A O   1 
HETATM 1419 O O   . HOH C 3 .   ? 7.97301   -12.08829 1.39532   1.000 43.15418  ?  347 HOH A O   1 
HETATM 1420 O O   . HOH C 3 .   ? -27.87532 -1.88201  13.08343  1.000 41.96108  ?  348 HOH A O   1 
HETATM 1421 O O   . HOH C 3 .   ? 10.15309  -10.98500 -13.72648 1.000 41.09618  ?  349 HOH A O   1 
HETATM 1422 O O   . HOH C 3 .   ? 16.53306  2.18080   -11.33078 1.000 35.72682  ?  350 HOH A O   1 
HETATM 1423 O O   . HOH C 3 .   ? 14.52251  0.54273   -13.89063 1.000 35.40141  ?  351 HOH A O   1 
HETATM 1424 O O   . HOH C 3 .   ? -21.83538 -8.40946  6.81297   1.000 32.39842  ?  352 HOH A O   1 
HETATM 1425 O O   . HOH C 3 .   ? -6.29767  2.41897   -4.96637  1.000 16.79104  ?  353 HOH A O   1 
HETATM 1426 O O   . HOH C 3 .   ? -4.34149  -5.43887  21.39047  1.000 33.34436  ?  354 HOH A O   1 
HETATM 1427 O O   . HOH C 3 .   ? 1.40465   8.31024   13.67716  1.000 41.04570  ?  355 HOH A O   1 
HETATM 1428 O O   . HOH C 3 .   ? -14.03762 -17.29492 1.94205   1.000 44.53462  ?  356 HOH A O   1 
HETATM 1429 O O   . HOH C 3 .   ? 7.74882   -9.44200  -4.25800  1.000 30.20036  ?  357 HOH A O   1 
HETATM 1430 O O   . HOH C 3 .   ? -12.06949 -15.50667 0.37477   1.000 39.72474  ?  358 HOH A O   1 
HETATM 1431 O O   . HOH C 3 .   ? 41.18571  39.17427  -8.40786  1.000 39.94346  ?  359 HOH A O   1 
HETATM 1432 O O   . HOH C 3 .   ? 2.15150   10.88333  13.14732  1.000 44.24257  ?  360 HOH A O   1 
HETATM 1433 O O   . HOH C 3 .   ? 31.57942  9.53051   -5.36097  1.000 37.73787  ?  361 HOH A O   1 
HETATM 1434 O O   . HOH C 3 .   ? 26.50968  -1.36456  -20.70534 1.000 45.85711  ?  362 HOH A O   1 
HETATM 1435 O O   . HOH C 3 .   ? 28.29857  32.11540  -24.16280 1.000 64.31566  ?  363 HOH A O   1 
# 
loop_
_pdbx_poly_seq_scheme.asym_id 
_pdbx_poly_seq_scheme.entity_id 
_pdbx_poly_seq_scheme.seq_id 
_pdbx_poly_seq_scheme.mon_id 
_pdbx_poly_seq_scheme.ndb_seq_num 
_pdbx_poly_seq_scheme.pdb_seq_num 
_pdbx_poly_seq_scheme.auth_seq_num 
_pdbx_poly_seq_scheme.pdb_mon_id 
_pdbx_poly_seq_scheme.auth_mon_id 
_pdbx_poly_seq_scheme.pdb_strand_id 
_pdbx_poly_seq_scheme.pdb_ins_code 
_pdbx_poly_seq_scheme.hetero 
A 1 1   MET 1   -17 ?   ?   ?   A . n 
A 1 2   ALA 2   -16 ?   ?   ?   A . n 
A 1 3   SER 3   -15 ?   ?   ?   A . n 
A 1 4   MET 4   -14 ?   ?   ?   A . n 
A 1 5   THR 5   -13 ?   ?   ?   A . n 
A 1 6   GLY 6   -12 ?   ?   ?   A . n 
A 1 7   GLY 7   -11 ?   ?   ?   A . n 
A 1 8   GLN 8   -10 ?   ?   ?   A . n 
A 1 9   GLN 9   -9  ?   ?   ?   A . n 
A 1 10  MET 10  -8  ?   ?   ?   A . n 
A 1 11  GLY 11  -7  ?   ?   ?   A . n 
A 1 12  ARG 12  -6  ?   ?   ?   A . n 
A 1 13  GLY 13  -5  ?   ?   ?   A . n 
A 1 14  SER 14  -4  ?   ?   ?   A . n 
A 1 15  GLU 15  -3  ?   ?   ?   A . n 
A 1 16  PHE 16  -2  ?   ?   ?   A . n 
A 1 17  GLU 17  -1  ?   ?   ?   A . n 
A 1 18  LEU 18  0   0   LEU LEU A . n 
A 1 19  MET 19  1   1   MET MET A . n 
A 1 20  LEU 20  2   2   LEU LEU A . n 
A 1 21  VAL 21  3   3   VAL VAL A . n 
A 1 22  ILE 22  4   4   ILE ILE A . n 
A 1 23  ASN 23  5   5   ASN ASN A . n 
A 1 24  VAL 24  6   6   VAL VAL A . n 
A 1 25  VAL 25  7   7   VAL VAL A . n 
A 1 26  GLU 26  8   8   GLU GLU A . n 
A 1 27  ASP 27  9   9   ASP ASP A . n 
A 1 28  LYS 28  10  10  LYS LYS A . n 
A 1 29  ILE 29  11  11  ILE ILE A . n 
A 1 30  PRO 30  12  12  PRO PRO A . n 
A 1 31  ALA 31  13  13  ALA ALA A . n 
A 1 32  ASN 32  14  14  ASN ASN A . n 
A 1 33  VAL 33  15  15  VAL VAL A . n 
A 1 34  TYR 34  16  16  TYR TYR A . n 
A 1 35  PRO 35  17  17  PRO PRO A . n 
A 1 36  GLU 36  18  18  GLU GLU A . n 
A 1 37  LEU 37  19  19  LEU LEU A . n 
A 1 38  VAL 38  20  20  VAL VAL A . n 
A 1 39  GLU 39  21  21  GLU GLU A . n 
A 1 40  TRP 40  22  22  TRP TRP A . n 
A 1 41  VAL 41  23  23  VAL VAL A . n 
A 1 42  ARG 42  24  24  ARG ARG A . n 
A 1 43  ASP 43  25  25  ASP ASP A . n 
A 1 44  LEU 44  26  26  LEU LEU A . n 
A 1 45  ASN 45  27  27  ASN ASN A . n 
A 1 46  SER 46  28  28  SER SER A . n 
A 1 47  ILE 47  29  29  ILE ILE A . n 
A 1 48  ARG 48  30  30  ARG ARG A . n 
A 1 49  GLU 49  31  31  GLU GLU A . n 
A 1 50  GLU 50  32  32  GLU GLU A . n 
A 1 51  PRO 51  33  33  PRO PRO A . n 
A 1 52  ILE 52  34  34  ILE ILE A . n 
A 1 53  LYS 53  35  35  LYS LYS A . n 
A 1 54  LEU 54  36  36  LEU LEU A . n 
A 1 55  THR 55  37  37  THR THR A . n 
A 1 56  MET 56  38  38  MET MET A . n 
A 1 57  PHE 57  39  39  PHE PHE A . n 
A 1 58  VAL 58  40  40  VAL VAL A . n 
A 1 59  GLU 59  41  41  GLU GLU A . n 
A 1 60  ASP 60  42  42  ASP ASP A . n 
A 1 61  ASP 61  43  43  ASP ASP A . n 
A 1 62  ILE 62  44  44  ILE ILE A . n 
A 1 63  VAL 63  45  45  VAL VAL A . n 
A 1 64  ARG 64  46  46  ARG ARG A . n 
A 1 65  GLY 65  47  47  GLY GLY A . n 
A 1 66  ILE 66  48  48  ILE ILE A . n 
A 1 67  MET 67  49  49  MET MET A . n 
A 1 68  ALA 68  50  50  ALA ALA A . n 
A 1 69  TRP 69  51  51  TRP TRP A . n 
A 1 70  GLU 70  52  52  GLU GLU A . n 
A 1 71  PRO 71  53  53  PRO PRO A . n 
A 1 72  GLY 72  54  54  GLY GLY A . n 
A 1 73  HIS 73  55  55  HIS HIS A . n 
A 1 74  LEU 74  56  56  LEU LEU A . n 
A 1 75  VAL 75  57  57  VAL VAL A . n 
A 1 76  TYR 76  58  58  TYR TYR A . n 
A 1 77  MET 77  59  59  MET MET A . n 
A 1 78  VAL 78  60  60  VAL VAL A . n 
A 1 79  VAL 79  61  61  VAL VAL A . n 
A 1 80  PRO 80  62  62  PRO PRO A . n 
A 1 81  GLU 81  63  63  GLU GLU A . n 
A 1 82  GLU 82  64  64  GLU GLU A . n 
A 1 83  SER 83  65  65  SER SER A . n 
A 1 84  ARG 84  66  66  ARG ARG A . n 
A 1 85  ARG 85  67  67  ARG ARG A . n 
A 1 86  GLY 86  68  68  GLY GLY A . n 
A 1 87  GLY 87  69  69  GLY GLY A . n 
A 1 88  VAL 88  70  70  VAL VAL A . n 
A 1 89  GLY 89  71  71  GLY GLY A . n 
A 1 90  ARG 90  72  72  ARG ARG A . n 
A 1 91  PHE 91  73  73  PHE PHE A . n 
A 1 92  MET 92  74  74  MET MET A . n 
A 1 93  LEU 93  75  75  LEU LEU A . n 
A 1 94  LYS 94  76  76  LYS LYS A . n 
A 1 95  TYR 95  77  77  TYR TYR A . n 
A 1 96  LEU 96  78  78  LEU LEU A . n 
A 1 97  GLN 97  79  79  GLN GLN A . n 
A 1 98  GLN 98  80  80  GLN GLN A . n 
A 1 99  ASN 99  81  81  ASN ASN A . n 
A 1 100 SER 100 82  82  SER SER A . n 
A 1 101 ASP 101 83  83  ASP ASP A . n 
A 1 102 ARG 102 84  84  ARG ARG A . n 
A 1 103 LYS 103 85  85  LYS LYS A . n 
A 1 104 HIS 104 86  86  HIS HIS A . n 
A 1 105 VAL 105 87  87  VAL VAL A . n 
A 1 106 SER 106 88  88  SER SER A . n 
A 1 107 CYS 107 89  89  CYS CYS A . n 
A 1 108 ARG 108 90  90  ARG ARG A . n 
A 1 109 VAL 109 91  91  VAL VAL A . n 
A 1 110 HIS 110 92  92  HIS HIS A . n 
A 1 111 PRO 111 93  93  PRO PRO A . n 
A 1 112 THR 112 94  94  THR THR A . n 
A 1 113 ASN 113 95  95  ASN ASN A . n 
A 1 114 ILE 114 96  96  ILE ILE A . n 
A 1 115 PRO 115 97  97  PRO PRO A . n 
A 1 116 ALA 116 98  98  ALA ALA A . n 
A 1 117 LEU 117 99  99  LEU LEU A . n 
A 1 118 GLY 118 100 100 GLY GLY A . n 
A 1 119 PHE 119 101 101 PHE PHE A . n 
A 1 120 PHE 120 102 102 PHE PHE A . n 
A 1 121 HIS 121 103 103 HIS HIS A . n 
A 1 122 GLN 122 104 104 GLN GLN A . n 
A 1 123 GLN 123 105 105 GLN GLN A . n 
A 1 124 GLY 124 106 106 GLY GLY A . n 
A 1 125 PHE 125 107 107 PHE PHE A . n 
A 1 126 GLN 126 108 108 GLN GLN A . n 
A 1 127 ILE 127 109 109 ILE ILE A . n 
A 1 128 ASP 128 110 110 ASP ASP A . n 
A 1 129 ARG 129 111 111 ARG ARG A . n 
A 1 130 TRP 130 112 112 TRP TRP A . n 
A 1 131 TYR 131 113 113 TYR TYR A . n 
A 1 132 ILE 132 114 114 ILE ILE A . n 
A 1 133 ALA 133 115 115 ALA ALA A . n 
A 1 134 ALA 134 116 116 ALA ALA A . n 
A 1 135 ASP 135 117 117 ASP ASP A . n 
A 1 136 GLY 136 118 118 GLY GLY A . n 
A 1 137 GLN 137 119 119 GLN GLN A . n 
A 1 138 ARG 138 120 120 ARG ARG A . n 
A 1 139 TYR 139 121 121 TYR TYR A . n 
A 1 140 PHE 140 122 122 PHE PHE A . n 
A 1 141 ARG 141 123 123 ARG ARG A . n 
A 1 142 MET 142 124 124 MET MET A . n 
A 1 143 THR 143 125 125 THR THR A . n 
A 1 144 ASN 144 126 126 ASN ASN A . n 
A 1 145 TYR 145 127 127 TYR TYR A . n 
A 1 146 ASN 146 128 128 ASN ASN A . n 
A 1 147 VAL 147 129 129 VAL VAL A . n 
A 1 148 ILE 148 130 130 ILE ILE A . n 
A 1 149 SER 149 131 131 SER SER A . n 
A 1 150 SER 150 132 132 SER SER A . n 
A 1 151 HIS 151 133 133 HIS HIS A . n 
A 1 152 THR 152 134 134 THR THR A . n 
A 1 153 PRO 153 135 135 PRO PRO A . n 
A 1 154 PRO 154 136 136 PRO PRO A . n 
A 1 155 GLU 155 137 137 GLU GLU A . n 
A 1 156 GLU 156 138 138 GLU GLU A . n 
A 1 157 LYS 157 139 139 LYS LYS A . n 
A 1 158 LEU 158 140 140 LEU LEU A . n 
A 1 159 LEU 159 141 141 LEU LEU A . n 
A 1 160 THR 160 142 142 THR THR A . n 
A 1 161 HIS 161 143 143 HIS HIS A . n 
A 1 162 TYR 162 144 144 TYR TYR A . n 
A 1 163 ALA 163 145 145 ALA ALA A . n 
A 1 164 GLU 164 146 146 GLU GLU A . n 
A 1 165 SER 165 147 147 SER SER A . n 
A 1 166 VAL 166 148 148 VAL VAL A . n 
A 1 167 PRO 167 149 149 PRO PRO A . n 
A 1 168 ILE 168 150 150 ILE ILE A . n 
A 1 169 PHE 169 151 151 PHE PHE A . n 
A 1 170 LEU 170 152 152 LEU LEU A . n 
A 1 171 SER 171 153 153 SER SER A . n 
A 1 172 MET 172 154 154 MET MET A . n 
A 1 173 ALA 173 155 155 ALA ALA A . n 
A 1 174 GLU 174 156 156 GLU GLU A . n 
A 1 175 GLY 175 157 157 GLY GLY A . n 
A 1 176 GLN 176 158 158 GLN GLN A . n 
A 1 177 PHE 177 159 159 PHE PHE A . n 
A 1 178 VAL 178 160 160 VAL VAL A . n 
A 1 179 LEU 179 161 ?   ?   ?   A . n 
A 1 180 GLU 180 162 ?   ?   ?   A . n 
A 1 181 HIS 181 163 ?   ?   ?   A . n 
A 1 182 HIS 182 164 ?   ?   ?   A . n 
A 1 183 HIS 183 165 ?   ?   ?   A . n 
A 1 184 HIS 184 166 ?   ?   ?   A . n 
A 1 185 HIS 185 167 ?   ?   ?   A . n 
A 1 186 HIS 186 168 ?   ?   ?   A . n 
# 
loop_
_pdbx_nonpoly_scheme.asym_id 
_pdbx_nonpoly_scheme.entity_id 
_pdbx_nonpoly_scheme.mon_id 
_pdbx_nonpoly_scheme.ndb_seq_num 
_pdbx_nonpoly_scheme.pdb_seq_num 
_pdbx_nonpoly_scheme.auth_seq_num 
_pdbx_nonpoly_scheme.pdb_mon_id 
_pdbx_nonpoly_scheme.auth_mon_id 
_pdbx_nonpoly_scheme.pdb_strand_id 
_pdbx_nonpoly_scheme.pdb_ins_code 
B 2 ACO 1  201 162 ACO ACO A . 
C 3 HOH 1  301 66  HOH HOH A . 
C 3 HOH 2  302 10  HOH HOH A . 
C 3 HOH 3  303 1   HOH HOH A . 
C 3 HOH 4  304 63  HOH HOH A . 
C 3 HOH 5  305 2   HOH HOH A . 
C 3 HOH 6  306 6   HOH HOH A . 
C 3 HOH 7  307 25  HOH HOH A . 
C 3 HOH 8  308 3   HOH HOH A . 
C 3 HOH 9  309 112 HOH HOH A . 
C 3 HOH 10 310 54  HOH HOH A . 
C 3 HOH 11 311 116 HOH HOH A . 
C 3 HOH 12 312 17  HOH HOH A . 
C 3 HOH 13 313 49  HOH HOH A . 
C 3 HOH 14 314 18  HOH HOH A . 
C 3 HOH 15 315 41  HOH HOH A . 
C 3 HOH 16 316 14  HOH HOH A . 
C 3 HOH 17 317 29  HOH HOH A . 
C 3 HOH 18 318 40  HOH HOH A . 
C 3 HOH 19 319 19  HOH HOH A . 
C 3 HOH 20 320 55  HOH HOH A . 
C 3 HOH 21 321 70  HOH HOH A . 
C 3 HOH 22 322 72  HOH HOH A . 
C 3 HOH 23 323 47  HOH HOH A . 
C 3 HOH 24 324 20  HOH HOH A . 
C 3 HOH 25 325 9   HOH HOH A . 
C 3 HOH 26 326 30  HOH HOH A . 
C 3 HOH 27 327 65  HOH HOH A . 
C 3 HOH 28 328 34  HOH HOH A . 
C 3 HOH 29 329 12  HOH HOH A . 
C 3 HOH 30 330 28  HOH HOH A . 
C 3 HOH 31 331 53  HOH HOH A . 
C 3 HOH 32 332 33  HOH HOH A . 
C 3 HOH 33 333 114 HOH HOH A . 
C 3 HOH 34 334 42  HOH HOH A . 
C 3 HOH 35 335 38  HOH HOH A . 
C 3 HOH 36 336 68  HOH HOH A . 
C 3 HOH 37 337 80  HOH HOH A . 
C 3 HOH 38 338 26  HOH HOH A . 
C 3 HOH 39 339 13  HOH HOH A . 
C 3 HOH 40 340 7   HOH HOH A . 
C 3 HOH 41 341 5   HOH HOH A . 
C 3 HOH 42 342 8   HOH HOH A . 
C 3 HOH 43 343 43  HOH HOH A . 
C 3 HOH 44 344 82  HOH HOH A . 
C 3 HOH 45 345 27  HOH HOH A . 
C 3 HOH 46 346 51  HOH HOH A . 
C 3 HOH 47 347 110 HOH HOH A . 
C 3 HOH 48 348 59  HOH HOH A . 
C 3 HOH 49 349 86  HOH HOH A . 
C 3 HOH 50 350 61  HOH HOH A . 
C 3 HOH 51 351 81  HOH HOH A . 
C 3 HOH 52 352 16  HOH HOH A . 
C 3 HOH 53 353 115 HOH HOH A . 
C 3 HOH 54 354 92  HOH HOH A . 
C 3 HOH 55 355 60  HOH HOH A . 
C 3 HOH 56 356 36  HOH HOH A . 
C 3 HOH 57 357 46  HOH HOH A . 
C 3 HOH 58 358 106 HOH HOH A . 
C 3 HOH 59 359 83  HOH HOH A . 
C 3 HOH 60 360 71  HOH HOH A . 
C 3 HOH 61 361 113 HOH HOH A . 
C 3 HOH 62 362 105 HOH HOH A . 
C 3 HOH 63 363 111 HOH HOH A . 
# 
_pdbx_struct_assembly.id                   1 
_pdbx_struct_assembly.details              author_and_software_defined_assembly 
_pdbx_struct_assembly.method_details       PISA 
_pdbx_struct_assembly.oligomeric_details   dimeric 
_pdbx_struct_assembly.oligomeric_count     2 
# 
_pdbx_struct_assembly_gen.assembly_id       1 
_pdbx_struct_assembly_gen.oper_expression   1,2 
_pdbx_struct_assembly_gen.asym_id_list      A,B,C 
# 
loop_
_pdbx_struct_assembly_prop.biol_id 
_pdbx_struct_assembly_prop.type 
_pdbx_struct_assembly_prop.value 
_pdbx_struct_assembly_prop.details 
1 'ABSA (A^2)' 7490  ? 
1 MORE         -46   ? 
1 'SSA (A^2)'  19220 ? 
# 
loop_
_pdbx_struct_oper_list.id 
_pdbx_struct_oper_list.type 
_pdbx_struct_oper_list.name 
_pdbx_struct_oper_list.symmetry_operation 
_pdbx_struct_oper_list.matrix[1][1] 
_pdbx_struct_oper_list.matrix[1][2] 
_pdbx_struct_oper_list.matrix[1][3] 
_pdbx_struct_oper_list.vector[1] 
_pdbx_struct_oper_list.matrix[2][1] 
_pdbx_struct_oper_list.matrix[2][2] 
_pdbx_struct_oper_list.matrix[2][3] 
_pdbx_struct_oper_list.vector[2] 
_pdbx_struct_oper_list.matrix[3][1] 
_pdbx_struct_oper_list.matrix[3][2] 
_pdbx_struct_oper_list.matrix[3][3] 
_pdbx_struct_oper_list.vector[3] 
1 'identity operation'         1_555  x,y,z            1.0000000000  0.0000000000 0.0000000000 0.0000000000  0.0000000000 1.0000000000  0.0000000000 0.0000000000  0.0000000000 0.0000000000 1.0000000000 0.0000000000   
2 'crystal symmetry operation' 10_665 -y+1,-x+1,-z+5/6 -0.6903068224 0.4316302576 0.5806649736 10.7693371211 0.4316302576 -0.3984217516 0.8092931660 10.0786840592 0.5806649736 0.8092931660 0.0887285740 -13.2356101698 
# 
loop_
_pdbx_audit_revision_history.ordinal 
_pdbx_audit_revision_history.data_content_type 
_pdbx_audit_revision_history.major_revision 
_pdbx_audit_revision_history.minor_revision 
_pdbx_audit_revision_history.revision_date 
1 'Structure model' 1 0 2021-12-29 
2 'Structure model' 1 1 2023-11-29 
# 
_pdbx_audit_revision_details.ordinal             1 
_pdbx_audit_revision_details.revision_ordinal    1 
_pdbx_audit_revision_details.data_content_type   'Structure model' 
_pdbx_audit_revision_details.provider            repository 
_pdbx_audit_revision_details.type                'Initial release' 
_pdbx_audit_revision_details.description         ? 
_pdbx_audit_revision_details.details             ? 
# 
loop_
_pdbx_audit_revision_group.ordinal 
_pdbx_audit_revision_group.revision_ordinal 
_pdbx_audit_revision_group.data_content_type 
_pdbx_audit_revision_group.group 
1 2 'Structure model' 'Data collection'        
2 2 'Structure model' 'Refinement description' 
# 
loop_
_pdbx_audit_revision_category.ordinal 
_pdbx_audit_revision_category.revision_ordinal 
_pdbx_audit_revision_category.data_content_type 
_pdbx_audit_revision_category.category 
1 2 'Structure model' chem_comp_atom                
2 2 'Structure model' chem_comp_bond                
3 2 'Structure model' pdbx_initial_refinement_model 
# 
loop_
_space_group_symop.id 
_space_group_symop.operation_xyz 
1  x,y,z          
2  x-y,x,z+1/6    
3  y,-x+y,z+5/6   
4  -y,x-y,z+1/3   
5  -x+y,-x,z+2/3  
6  x-y,-y,-z      
7  -x,-x+y,-z+2/3 
8  -x,-y,z+1/2    
9  y,x,-z+1/3     
10 -y,-x,-z+5/6   
11 -x+y,y,-z+1/2  
12 x,x-y,-z+1/6   
# 
loop_
_software.citation_id 
_software.classification 
_software.compiler_name 
_software.compiler_version 
_software.contact_author 
_software.contact_author_email 
_software.date 
_software.description 
_software.dependencies 
_software.hardware 
_software.language 
_software.location 
_software.mods 
_software.name 
_software.os 
_software.os_version 
_software.type 
_software.version 
_software.pdbx_ordinal 
? refinement       ? ? ? ? ? ? ? ? ? ? ? PHENIX   ? ? ? 1.17.1_3660 1 
? 'data reduction' ? ? ? ? ? ? ? ? ? ? ? HKL-2000 ? ? ? .           2 
? 'data scaling'   ? ? ? ? ? ? ? ? ? ? ? HKL-2000 ? ? ? .           3 
? 'model building' ? ? ? ? ? ? ? ? ? ? ? PHENIX   ? ? ? .           4 
? phasing          ? ? ? ? ? ? ? ? ? ? ? PHENIX   ? ? ? .           5 
# 
_pdbx_entry_details.entry_id                 7DQG 
_pdbx_entry_details.has_ligand_of_interest   Y 
_pdbx_entry_details.compound_details         ? 
_pdbx_entry_details.source_details           ? 
_pdbx_entry_details.nonpolymer_details       ? 
_pdbx_entry_details.sequence_details         ? 
# 
loop_
_pdbx_validate_torsion.id 
_pdbx_validate_torsion.PDB_model_num 
_pdbx_validate_torsion.auth_comp_id 
_pdbx_validate_torsion.auth_asym_id 
_pdbx_validate_torsion.auth_seq_id 
_pdbx_validate_torsion.PDB_ins_code 
_pdbx_validate_torsion.label_alt_id 
_pdbx_validate_torsion.phi 
_pdbx_validate_torsion.psi 
1 1 ASP A 42  ? ? 58.95   -112.77 
2 1 ARG A 84  ? ? 57.01   18.98   
3 1 PHE A 151 ? ? -119.00 70.61   
4 1 MET A 154 ? ? -152.72 -10.78  
# 
_pdbx_distant_solvent_atoms.id                                1 
_pdbx_distant_solvent_atoms.PDB_model_num                     1 
_pdbx_distant_solvent_atoms.auth_atom_id                      O 
_pdbx_distant_solvent_atoms.label_alt_id                      ? 
_pdbx_distant_solvent_atoms.auth_asym_id                      A 
_pdbx_distant_solvent_atoms.auth_comp_id                      HOH 
_pdbx_distant_solvent_atoms.auth_seq_id                       363 
_pdbx_distant_solvent_atoms.PDB_ins_code                      ? 
_pdbx_distant_solvent_atoms.neighbor_macromolecule_distance   8.18 
_pdbx_distant_solvent_atoms.neighbor_ligand_distance          . 
# 
loop_
_pdbx_unobs_or_zero_occ_residues.id 
_pdbx_unobs_or_zero_occ_residues.PDB_model_num 
_pdbx_unobs_or_zero_occ_residues.polymer_flag 
_pdbx_unobs_or_zero_occ_residues.occupancy_flag 
_pdbx_unobs_or_zero_occ_residues.auth_asym_id 
_pdbx_unobs_or_zero_occ_residues.auth_comp_id 
_pdbx_unobs_or_zero_occ_residues.auth_seq_id 
_pdbx_unobs_or_zero_occ_residues.PDB_ins_code 
_pdbx_unobs_or_zero_occ_residues.label_asym_id 
_pdbx_unobs_or_zero_occ_residues.label_comp_id 
_pdbx_unobs_or_zero_occ_residues.label_seq_id 
1  1 Y 1 A MET -17 ? A MET 1   
2  1 Y 1 A ALA -16 ? A ALA 2   
3  1 Y 1 A SER -15 ? A SER 3   
4  1 Y 1 A MET -14 ? A MET 4   
5  1 Y 1 A THR -13 ? A THR 5   
6  1 Y 1 A GLY -12 ? A GLY 6   
7  1 Y 1 A GLY -11 ? A GLY 7   
8  1 Y 1 A GLN -10 ? A GLN 8   
9  1 Y 1 A GLN -9  ? A GLN 9   
10 1 Y 1 A MET -8  ? A MET 10  
11 1 Y 1 A GLY -7  ? A GLY 11  
12 1 Y 1 A ARG -6  ? A ARG 12  
13 1 Y 1 A GLY -5  ? A GLY 13  
14 1 Y 1 A SER -4  ? A SER 14  
15 1 Y 1 A GLU -3  ? A GLU 15  
16 1 Y 1 A PHE -2  ? A PHE 16  
17 1 Y 1 A GLU -1  ? A GLU 17  
18 1 Y 1 A LEU 161 ? A LEU 179 
19 1 Y 1 A GLU 162 ? A GLU 180 
20 1 Y 1 A HIS 163 ? A HIS 181 
21 1 Y 1 A HIS 164 ? A HIS 182 
22 1 Y 1 A HIS 165 ? A HIS 183 
23 1 Y 1 A HIS 166 ? A HIS 184 
24 1 Y 1 A HIS 167 ? A HIS 185 
25 1 Y 1 A HIS 168 ? A HIS 186 
# 
loop_
_chem_comp_atom.comp_id 
_chem_comp_atom.atom_id 
_chem_comp_atom.type_symbol 
_chem_comp_atom.pdbx_aromatic_flag 
_chem_comp_atom.pdbx_stereo_config 
_chem_comp_atom.pdbx_ordinal 
ACO N1A  N Y N 1   
ACO C2A  C Y N 2   
ACO N3A  N Y N 3   
ACO C4A  C Y N 4   
ACO C5A  C Y N 5   
ACO C6A  C Y N 6   
ACO N6A  N N N 7   
ACO N7A  N Y N 8   
ACO C8A  C Y N 9   
ACO N9A  N Y N 10  
ACO C1B  C N R 11  
ACO C2B  C N R 12  
ACO O2B  O N N 13  
ACO C3B  C N S 14  
ACO O3B  O N N 15  
ACO P3B  P N N 16  
ACO O7A  O N N 17  
ACO O8A  O N N 18  
ACO O9A  O N N 19  
ACO C4B  C N R 20  
ACO O4B  O N N 21  
ACO C5B  C N N 22  
ACO O5B  O N N 23  
ACO P1A  P N S 24  
ACO O1A  O N N 25  
ACO O2A  O N N 26  
ACO O3A  O N N 27  
ACO P2A  P N S 28  
ACO O4A  O N N 29  
ACO O5A  O N N 30  
ACO O6A  O N N 31  
ACO CBP  C N N 32  
ACO CCP  C N N 33  
ACO CDP  C N N 34  
ACO CEP  C N N 35  
ACO CAP  C N R 36  
ACO OAP  O N N 37  
ACO C9P  C N N 38  
ACO O9P  O N N 39  
ACO N8P  N N N 40  
ACO C7P  C N N 41  
ACO C6P  C N N 42  
ACO C5P  C N N 43  
ACO O5P  O N N 44  
ACO N4P  N N N 45  
ACO C3P  C N N 46  
ACO C2P  C N N 47  
ACO S1P  S N N 48  
ACO C    C N N 49  
ACO O    O N N 50  
ACO CH3  C N N 51  
ACO H2A  H N N 52  
ACO H61A H N N 53  
ACO H62A H N N 54  
ACO H8A  H N N 55  
ACO H1B  H N N 56  
ACO H2B  H N N 57  
ACO HO2A H N N 58  
ACO H3B  H N N 59  
ACO HOA8 H N N 60  
ACO HOA9 H N N 61  
ACO H4B  H N N 62  
ACO H51A H N N 63  
ACO H52A H N N 64  
ACO HOA2 H N N 65  
ACO HOA5 H N N 66  
ACO H121 H N N 67  
ACO H122 H N N 68  
ACO H131 H N N 69  
ACO H132 H N N 70  
ACO H133 H N N 71  
ACO H141 H N N 72  
ACO H142 H N N 73  
ACO H143 H N N 74  
ACO H10  H N N 75  
ACO HO1  H N N 76  
ACO HN8  H N N 77  
ACO H71  H N N 78  
ACO H72  H N N 79  
ACO H61  H N N 80  
ACO H62  H N N 81  
ACO HN4  H N N 82  
ACO H31  H N N 83  
ACO H32  H N N 84  
ACO H21  H N N 85  
ACO H22  H N N 86  
ACO HH31 H N N 87  
ACO HH32 H N N 88  
ACO HH33 H N N 89  
ALA N    N N N 90  
ALA CA   C N S 91  
ALA C    C N N 92  
ALA O    O N N 93  
ALA CB   C N N 94  
ALA OXT  O N N 95  
ALA H    H N N 96  
ALA H2   H N N 97  
ALA HA   H N N 98  
ALA HB1  H N N 99  
ALA HB2  H N N 100 
ALA HB3  H N N 101 
ALA HXT  H N N 102 
ARG N    N N N 103 
ARG CA   C N S 104 
ARG C    C N N 105 
ARG O    O N N 106 
ARG CB   C N N 107 
ARG CG   C N N 108 
ARG CD   C N N 109 
ARG NE   N N N 110 
ARG CZ   C N N 111 
ARG NH1  N N N 112 
ARG NH2  N N N 113 
ARG OXT  O N N 114 
ARG H    H N N 115 
ARG H2   H N N 116 
ARG HA   H N N 117 
ARG HB2  H N N 118 
ARG HB3  H N N 119 
ARG HG2  H N N 120 
ARG HG3  H N N 121 
ARG HD2  H N N 122 
ARG HD3  H N N 123 
ARG HE   H N N 124 
ARG HH11 H N N 125 
ARG HH12 H N N 126 
ARG HH21 H N N 127 
ARG HH22 H N N 128 
ARG HXT  H N N 129 
ASN N    N N N 130 
ASN CA   C N S 131 
ASN C    C N N 132 
ASN O    O N N 133 
ASN CB   C N N 134 
ASN CG   C N N 135 
ASN OD1  O N N 136 
ASN ND2  N N N 137 
ASN OXT  O N N 138 
ASN H    H N N 139 
ASN H2   H N N 140 
ASN HA   H N N 141 
ASN HB2  H N N 142 
ASN HB3  H N N 143 
ASN HD21 H N N 144 
ASN HD22 H N N 145 
ASN HXT  H N N 146 
ASP N    N N N 147 
ASP CA   C N S 148 
ASP C    C N N 149 
ASP O    O N N 150 
ASP CB   C N N 151 
ASP CG   C N N 152 
ASP OD1  O N N 153 
ASP OD2  O N N 154 
ASP OXT  O N N 155 
ASP H    H N N 156 
ASP H2   H N N 157 
ASP HA   H N N 158 
ASP HB2  H N N 159 
ASP HB3  H N N 160 
ASP HD2  H N N 161 
ASP HXT  H N N 162 
CYS N    N N N 163 
CYS CA   C N R 164 
CYS C    C N N 165 
CYS O    O N N 166 
CYS CB   C N N 167 
CYS SG   S N N 168 
CYS OXT  O N N 169 
CYS H    H N N 170 
CYS H2   H N N 171 
CYS HA   H N N 172 
CYS HB2  H N N 173 
CYS HB3  H N N 174 
CYS HG   H N N 175 
CYS HXT  H N N 176 
GLN N    N N N 177 
GLN CA   C N S 178 
GLN C    C N N 179 
GLN O    O N N 180 
GLN CB   C N N 181 
GLN CG   C N N 182 
GLN CD   C N N 183 
GLN OE1  O N N 184 
GLN NE2  N N N 185 
GLN OXT  O N N 186 
GLN H    H N N 187 
GLN H2   H N N 188 
GLN HA   H N N 189 
GLN HB2  H N N 190 
GLN HB3  H N N 191 
GLN HG2  H N N 192 
GLN HG3  H N N 193 
GLN HE21 H N N 194 
GLN HE22 H N N 195 
GLN HXT  H N N 196 
GLU N    N N N 197 
GLU CA   C N S 198 
GLU C    C N N 199 
GLU O    O N N 200 
GLU CB   C N N 201 
GLU CG   C N N 202 
GLU CD   C N N 203 
GLU OE1  O N N 204 
GLU OE2  O N N 205 
GLU OXT  O N N 206 
GLU H    H N N 207 
GLU H2   H N N 208 
GLU HA   H N N 209 
GLU HB2  H N N 210 
GLU HB3  H N N 211 
GLU HG2  H N N 212 
GLU HG3  H N N 213 
GLU HE2  H N N 214 
GLU HXT  H N N 215 
GLY N    N N N 216 
GLY CA   C N N 217 
GLY C    C N N 218 
GLY O    O N N 219 
GLY OXT  O N N 220 
GLY H    H N N 221 
GLY H2   H N N 222 
GLY HA2  H N N 223 
GLY HA3  H N N 224 
GLY HXT  H N N 225 
HIS N    N N N 226 
HIS CA   C N S 227 
HIS C    C N N 228 
HIS O    O N N 229 
HIS CB   C N N 230 
HIS CG   C Y N 231 
HIS ND1  N Y N 232 
HIS CD2  C Y N 233 
HIS CE1  C Y N 234 
HIS NE2  N Y N 235 
HIS OXT  O N N 236 
HIS H    H N N 237 
HIS H2   H N N 238 
HIS HA   H N N 239 
HIS HB2  H N N 240 
HIS HB3  H N N 241 
HIS HD1  H N N 242 
HIS HD2  H N N 243 
HIS HE1  H N N 244 
HIS HE2  H N N 245 
HIS HXT  H N N 246 
HOH O    O N N 247 
HOH H1   H N N 248 
HOH H2   H N N 249 
ILE N    N N N 250 
ILE CA   C N S 251 
ILE C    C N N 252 
ILE O    O N N 253 
ILE CB   C N S 254 
ILE CG1  C N N 255 
ILE CG2  C N N 256 
ILE CD1  C N N 257 
ILE OXT  O N N 258 
ILE H    H N N 259 
ILE H2   H N N 260 
ILE HA   H N N 261 
ILE HB   H N N 262 
ILE HG12 H N N 263 
ILE HG13 H N N 264 
ILE HG21 H N N 265 
ILE HG22 H N N 266 
ILE HG23 H N N 267 
ILE HD11 H N N 268 
ILE HD12 H N N 269 
ILE HD13 H N N 270 
ILE HXT  H N N 271 
LEU N    N N N 272 
LEU CA   C N S 273 
LEU C    C N N 274 
LEU O    O N N 275 
LEU CB   C N N 276 
LEU CG   C N N 277 
LEU CD1  C N N 278 
LEU CD2  C N N 279 
LEU OXT  O N N 280 
LEU H    H N N 281 
LEU H2   H N N 282 
LEU HA   H N N 283 
LEU HB2  H N N 284 
LEU HB3  H N N 285 
LEU HG   H N N 286 
LEU HD11 H N N 287 
LEU HD12 H N N 288 
LEU HD13 H N N 289 
LEU HD21 H N N 290 
LEU HD22 H N N 291 
LEU HD23 H N N 292 
LEU HXT  H N N 293 
LYS N    N N N 294 
LYS CA   C N S 295 
LYS C    C N N 296 
LYS O    O N N 297 
LYS CB   C N N 298 
LYS CG   C N N 299 
LYS CD   C N N 300 
LYS CE   C N N 301 
LYS NZ   N N N 302 
LYS OXT  O N N 303 
LYS H    H N N 304 
LYS H2   H N N 305 
LYS HA   H N N 306 
LYS HB2  H N N 307 
LYS HB3  H N N 308 
LYS HG2  H N N 309 
LYS HG3  H N N 310 
LYS HD2  H N N 311 
LYS HD3  H N N 312 
LYS HE2  H N N 313 
LYS HE3  H N N 314 
LYS HZ1  H N N 315 
LYS HZ2  H N N 316 
LYS HZ3  H N N 317 
LYS HXT  H N N 318 
MET N    N N N 319 
MET CA   C N S 320 
MET C    C N N 321 
MET O    O N N 322 
MET CB   C N N 323 
MET CG   C N N 324 
MET SD   S N N 325 
MET CE   C N N 326 
MET OXT  O N N 327 
MET H    H N N 328 
MET H2   H N N 329 
MET HA   H N N 330 
MET HB2  H N N 331 
MET HB3  H N N 332 
MET HG2  H N N 333 
MET HG3  H N N 334 
MET HE1  H N N 335 
MET HE2  H N N 336 
MET HE3  H N N 337 
MET HXT  H N N 338 
PHE N    N N N 339 
PHE CA   C N S 340 
PHE C    C N N 341 
PHE O    O N N 342 
PHE CB   C N N 343 
PHE CG   C Y N 344 
PHE CD1  C Y N 345 
PHE CD2  C Y N 346 
PHE CE1  C Y N 347 
PHE CE2  C Y N 348 
PHE CZ   C Y N 349 
PHE OXT  O N N 350 
PHE H    H N N 351 
PHE H2   H N N 352 
PHE HA   H N N 353 
PHE HB2  H N N 354 
PHE HB3  H N N 355 
PHE HD1  H N N 356 
PHE HD2  H N N 357 
PHE HE1  H N N 358 
PHE HE2  H N N 359 
PHE HZ   H N N 360 
PHE HXT  H N N 361 
PRO N    N N N 362 
PRO CA   C N S 363 
PRO C    C N N 364 
PRO O    O N N 365 
PRO CB   C N N 366 
PRO CG   C N N 367 
PRO CD   C N N 368 
PRO OXT  O N N 369 
PRO H    H N N 370 
PRO HA   H N N 371 
PRO HB2  H N N 372 
PRO HB3  H N N 373 
PRO HG2  H N N 374 
PRO HG3  H N N 375 
PRO HD2  H N N 376 
PRO HD3  H N N 377 
PRO HXT  H N N 378 
SER N    N N N 379 
SER CA   C N S 380 
SER C    C N N 381 
SER O    O N N 382 
SER CB   C N N 383 
SER OG   O N N 384 
SER OXT  O N N 385 
SER H    H N N 386 
SER H2   H N N 387 
SER HA   H N N 388 
SER HB2  H N N 389 
SER HB3  H N N 390 
SER HG   H N N 391 
SER HXT  H N N 392 
THR N    N N N 393 
THR CA   C N S 394 
THR C    C N N 395 
THR O    O N N 396 
THR CB   C N R 397 
THR OG1  O N N 398 
THR CG2  C N N 399 
THR OXT  O N N 400 
THR H    H N N 401 
THR H2   H N N 402 
THR HA   H N N 403 
THR HB   H N N 404 
THR HG1  H N N 405 
THR HG21 H N N 406 
THR HG22 H N N 407 
THR HG23 H N N 408 
THR HXT  H N N 409 
TRP N    N N N 410 
TRP CA   C N S 411 
TRP C    C N N 412 
TRP O    O N N 413 
TRP CB   C N N 414 
TRP CG   C Y N 415 
TRP CD1  C Y N 416 
TRP CD2  C Y N 417 
TRP NE1  N Y N 418 
TRP CE2  C Y N 419 
TRP CE3  C Y N 420 
TRP CZ2  C Y N 421 
TRP CZ3  C Y N 422 
TRP CH2  C Y N 423 
TRP OXT  O N N 424 
TRP H    H N N 425 
TRP H2   H N N 426 
TRP HA   H N N 427 
TRP HB2  H N N 428 
TRP HB3  H N N 429 
TRP HD1  H N N 430 
TRP HE1  H N N 431 
TRP HE3  H N N 432 
TRP HZ2  H N N 433 
TRP HZ3  H N N 434 
TRP HH2  H N N 435 
TRP HXT  H N N 436 
TYR N    N N N 437 
TYR CA   C N S 438 
TYR C    C N N 439 
TYR O    O N N 440 
TYR CB   C N N 441 
TYR CG   C Y N 442 
TYR CD1  C Y N 443 
TYR CD2  C Y N 444 
TYR CE1  C Y N 445 
TYR CE2  C Y N 446 
TYR CZ   C Y N 447 
TYR OH   O N N 448 
TYR OXT  O N N 449 
TYR H    H N N 450 
TYR H2   H N N 451 
TYR HA   H N N 452 
TYR HB2  H N N 453 
TYR HB3  H N N 454 
TYR HD1  H N N 455 
TYR HD2  H N N 456 
TYR HE1  H N N 457 
TYR HE2  H N N 458 
TYR HH   H N N 459 
TYR HXT  H N N 460 
VAL N    N N N 461 
VAL CA   C N S 462 
VAL C    C N N 463 
VAL O    O N N 464 
VAL CB   C N N 465 
VAL CG1  C N N 466 
VAL CG2  C N N 467 
VAL OXT  O N N 468 
VAL H    H N N 469 
VAL H2   H N N 470 
VAL HA   H N N 471 
VAL HB   H N N 472 
VAL HG11 H N N 473 
VAL HG12 H N N 474 
VAL HG13 H N N 475 
VAL HG21 H N N 476 
VAL HG22 H N N 477 
VAL HG23 H N N 478 
VAL HXT  H N N 479 
# 
loop_
_chem_comp_bond.comp_id 
_chem_comp_bond.atom_id_1 
_chem_comp_bond.atom_id_2 
_chem_comp_bond.value_order 
_chem_comp_bond.pdbx_aromatic_flag 
_chem_comp_bond.pdbx_stereo_config 
_chem_comp_bond.pdbx_ordinal 
ACO N1A C2A  sing Y N 1   
ACO N1A C6A  doub Y N 2   
ACO C2A N3A  doub Y N 3   
ACO C2A H2A  sing N N 4   
ACO N3A C4A  sing Y N 5   
ACO C4A C5A  doub Y N 6   
ACO C4A N9A  sing Y N 7   
ACO C5A C6A  sing Y N 8   
ACO C5A N7A  sing Y N 9   
ACO C6A N6A  sing N N 10  
ACO N6A H61A sing N N 11  
ACO N6A H62A sing N N 12  
ACO N7A C8A  doub Y N 13  
ACO C8A N9A  sing Y N 14  
ACO C8A H8A  sing N N 15  
ACO N9A C1B  sing N N 16  
ACO C1B C2B  sing N N 17  
ACO C1B O4B  sing N N 18  
ACO C1B H1B  sing N N 19  
ACO C2B O2B  sing N N 20  
ACO C2B C3B  sing N N 21  
ACO C2B H2B  sing N N 22  
ACO O2B HO2A sing N N 23  
ACO C3B O3B  sing N N 24  
ACO C3B C4B  sing N N 25  
ACO C3B H3B  sing N N 26  
ACO O3B P3B  sing N N 27  
ACO P3B O7A  doub N N 28  
ACO P3B O8A  sing N N 29  
ACO P3B O9A  sing N N 30  
ACO O8A HOA8 sing N N 31  
ACO O9A HOA9 sing N N 32  
ACO C4B O4B  sing N N 33  
ACO C4B C5B  sing N N 34  
ACO C4B H4B  sing N N 35  
ACO C5B O5B  sing N N 36  
ACO C5B H51A sing N N 37  
ACO C5B H52A sing N N 38  
ACO O5B P1A  sing N N 39  
ACO P1A O1A  doub N N 40  
ACO P1A O2A  sing N N 41  
ACO P1A O3A  sing N N 42  
ACO O2A HOA2 sing N N 43  
ACO O3A P2A  sing N N 44  
ACO P2A O4A  doub N N 45  
ACO P2A O5A  sing N N 46  
ACO P2A O6A  sing N N 47  
ACO O5A HOA5 sing N N 48  
ACO O6A CCP  sing N N 49  
ACO CBP CCP  sing N N 50  
ACO CBP CDP  sing N N 51  
ACO CBP CEP  sing N N 52  
ACO CBP CAP  sing N N 53  
ACO CCP H121 sing N N 54  
ACO CCP H122 sing N N 55  
ACO CDP H131 sing N N 56  
ACO CDP H132 sing N N 57  
ACO CDP H133 sing N N 58  
ACO CEP H141 sing N N 59  
ACO CEP H142 sing N N 60  
ACO CEP H143 sing N N 61  
ACO CAP OAP  sing N N 62  
ACO CAP C9P  sing N N 63  
ACO CAP H10  sing N N 64  
ACO OAP HO1  sing N N 65  
ACO C9P O9P  doub N N 66  
ACO C9P N8P  sing N N 67  
ACO N8P C7P  sing N N 68  
ACO N8P HN8  sing N N 69  
ACO C7P C6P  sing N N 70  
ACO C7P H71  sing N N 71  
ACO C7P H72  sing N N 72  
ACO C6P C5P  sing N N 73  
ACO C6P H61  sing N N 74  
ACO C6P H62  sing N N 75  
ACO C5P O5P  doub N N 76  
ACO C5P N4P  sing N N 77  
ACO N4P C3P  sing N N 78  
ACO N4P HN4  sing N N 79  
ACO C3P C2P  sing N N 80  
ACO C3P H31  sing N N 81  
ACO C3P H32  sing N N 82  
ACO C2P S1P  sing N N 83  
ACO C2P H21  sing N N 84  
ACO C2P H22  sing N N 85  
ACO S1P C    sing N N 86  
ACO C   O    doub N N 87  
ACO C   CH3  sing N N 88  
ACO CH3 HH31 sing N N 89  
ACO CH3 HH32 sing N N 90  
ACO CH3 HH33 sing N N 91  
ALA N   CA   sing N N 92  
ALA N   H    sing N N 93  
ALA N   H2   sing N N 94  
ALA CA  C    sing N N 95  
ALA CA  CB   sing N N 96  
ALA CA  HA   sing N N 97  
ALA C   O    doub N N 98  
ALA C   OXT  sing N N 99  
ALA CB  HB1  sing N N 100 
ALA CB  HB2  sing N N 101 
ALA CB  HB3  sing N N 102 
ALA OXT HXT  sing N N 103 
ARG N   CA   sing N N 104 
ARG N   H    sing N N 105 
ARG N   H2   sing N N 106 
ARG CA  C    sing N N 107 
ARG CA  CB   sing N N 108 
ARG CA  HA   sing N N 109 
ARG C   O    doub N N 110 
ARG C   OXT  sing N N 111 
ARG CB  CG   sing N N 112 
ARG CB  HB2  sing N N 113 
ARG CB  HB3  sing N N 114 
ARG CG  CD   sing N N 115 
ARG CG  HG2  sing N N 116 
ARG CG  HG3  sing N N 117 
ARG CD  NE   sing N N 118 
ARG CD  HD2  sing N N 119 
ARG CD  HD3  sing N N 120 
ARG NE  CZ   sing N N 121 
ARG NE  HE   sing N N 122 
ARG CZ  NH1  sing N N 123 
ARG CZ  NH2  doub N N 124 
ARG NH1 HH11 sing N N 125 
ARG NH1 HH12 sing N N 126 
ARG NH2 HH21 sing N N 127 
ARG NH2 HH22 sing N N 128 
ARG OXT HXT  sing N N 129 
ASN N   CA   sing N N 130 
ASN N   H    sing N N 131 
ASN N   H2   sing N N 132 
ASN CA  C    sing N N 133 
ASN CA  CB   sing N N 134 
ASN CA  HA   sing N N 135 
ASN C   O    doub N N 136 
ASN C   OXT  sing N N 137 
ASN CB  CG   sing N N 138 
ASN CB  HB2  sing N N 139 
ASN CB  HB3  sing N N 140 
ASN CG  OD1  doub N N 141 
ASN CG  ND2  sing N N 142 
ASN ND2 HD21 sing N N 143 
ASN ND2 HD22 sing N N 144 
ASN OXT HXT  sing N N 145 
ASP N   CA   sing N N 146 
ASP N   H    sing N N 147 
ASP N   H2   sing N N 148 
ASP CA  C    sing N N 149 
ASP CA  CB   sing N N 150 
ASP CA  HA   sing N N 151 
ASP C   O    doub N N 152 
ASP C   OXT  sing N N 153 
ASP CB  CG   sing N N 154 
ASP CB  HB2  sing N N 155 
ASP CB  HB3  sing N N 156 
ASP CG  OD1  doub N N 157 
ASP CG  OD2  sing N N 158 
ASP OD2 HD2  sing N N 159 
ASP OXT HXT  sing N N 160 
CYS N   CA   sing N N 161 
CYS N   H    sing N N 162 
CYS N   H2   sing N N 163 
CYS CA  C    sing N N 164 
CYS CA  CB   sing N N 165 
CYS CA  HA   sing N N 166 
CYS C   O    doub N N 167 
CYS C   OXT  sing N N 168 
CYS CB  SG   sing N N 169 
CYS CB  HB2  sing N N 170 
CYS CB  HB3  sing N N 171 
CYS SG  HG   sing N N 172 
CYS OXT HXT  sing N N 173 
GLN N   CA   sing N N 174 
GLN N   H    sing N N 175 
GLN N   H2   sing N N 176 
GLN CA  C    sing N N 177 
GLN CA  CB   sing N N 178 
GLN CA  HA   sing N N 179 
GLN C   O    doub N N 180 
GLN C   OXT  sing N N 181 
GLN CB  CG   sing N N 182 
GLN CB  HB2  sing N N 183 
GLN CB  HB3  sing N N 184 
GLN CG  CD   sing N N 185 
GLN CG  HG2  sing N N 186 
GLN CG  HG3  sing N N 187 
GLN CD  OE1  doub N N 188 
GLN CD  NE2  sing N N 189 
GLN NE2 HE21 sing N N 190 
GLN NE2 HE22 sing N N 191 
GLN OXT HXT  sing N N 192 
GLU N   CA   sing N N 193 
GLU N   H    sing N N 194 
GLU N   H2   sing N N 195 
GLU CA  C    sing N N 196 
GLU CA  CB   sing N N 197 
GLU CA  HA   sing N N 198 
GLU C   O    doub N N 199 
GLU C   OXT  sing N N 200 
GLU CB  CG   sing N N 201 
GLU CB  HB2  sing N N 202 
GLU CB  HB3  sing N N 203 
GLU CG  CD   sing N N 204 
GLU CG  HG2  sing N N 205 
GLU CG  HG3  sing N N 206 
GLU CD  OE1  doub N N 207 
GLU CD  OE2  sing N N 208 
GLU OE2 HE2  sing N N 209 
GLU OXT HXT  sing N N 210 
GLY N   CA   sing N N 211 
GLY N   H    sing N N 212 
GLY N   H2   sing N N 213 
GLY CA  C    sing N N 214 
GLY CA  HA2  sing N N 215 
GLY CA  HA3  sing N N 216 
GLY C   O    doub N N 217 
GLY C   OXT  sing N N 218 
GLY OXT HXT  sing N N 219 
HIS N   CA   sing N N 220 
HIS N   H    sing N N 221 
HIS N   H2   sing N N 222 
HIS CA  C    sing N N 223 
HIS CA  CB   sing N N 224 
HIS CA  HA   sing N N 225 
HIS C   O    doub N N 226 
HIS C   OXT  sing N N 227 
HIS CB  CG   sing N N 228 
HIS CB  HB2  sing N N 229 
HIS CB  HB3  sing N N 230 
HIS CG  ND1  sing Y N 231 
HIS CG  CD2  doub Y N 232 
HIS ND1 CE1  doub Y N 233 
HIS ND1 HD1  sing N N 234 
HIS CD2 NE2  sing Y N 235 
HIS CD2 HD2  sing N N 236 
HIS CE1 NE2  sing Y N 237 
HIS CE1 HE1  sing N N 238 
HIS NE2 HE2  sing N N 239 
HIS OXT HXT  sing N N 240 
HOH O   H1   sing N N 241 
HOH O   H2   sing N N 242 
ILE N   CA   sing N N 243 
ILE N   H    sing N N 244 
ILE N   H2   sing N N 245 
ILE CA  C    sing N N 246 
ILE CA  CB   sing N N 247 
ILE CA  HA   sing N N 248 
ILE C   O    doub N N 249 
ILE C   OXT  sing N N 250 
ILE CB  CG1  sing N N 251 
ILE CB  CG2  sing N N 252 
ILE CB  HB   sing N N 253 
ILE CG1 CD1  sing N N 254 
ILE CG1 HG12 sing N N 255 
ILE CG1 HG13 sing N N 256 
ILE CG2 HG21 sing N N 257 
ILE CG2 HG22 sing N N 258 
ILE CG2 HG23 sing N N 259 
ILE CD1 HD11 sing N N 260 
ILE CD1 HD12 sing N N 261 
ILE CD1 HD13 sing N N 262 
ILE OXT HXT  sing N N 263 
LEU N   CA   sing N N 264 
LEU N   H    sing N N 265 
LEU N   H2   sing N N 266 
LEU CA  C    sing N N 267 
LEU CA  CB   sing N N 268 
LEU CA  HA   sing N N 269 
LEU C   O    doub N N 270 
LEU C   OXT  sing N N 271 
LEU CB  CG   sing N N 272 
LEU CB  HB2  sing N N 273 
LEU CB  HB3  sing N N 274 
LEU CG  CD1  sing N N 275 
LEU CG  CD2  sing N N 276 
LEU CG  HG   sing N N 277 
LEU CD1 HD11 sing N N 278 
LEU CD1 HD12 sing N N 279 
LEU CD1 HD13 sing N N 280 
LEU CD2 HD21 sing N N 281 
LEU CD2 HD22 sing N N 282 
LEU CD2 HD23 sing N N 283 
LEU OXT HXT  sing N N 284 
LYS N   CA   sing N N 285 
LYS N   H    sing N N 286 
LYS N   H2   sing N N 287 
LYS CA  C    sing N N 288 
LYS CA  CB   sing N N 289 
LYS CA  HA   sing N N 290 
LYS C   O    doub N N 291 
LYS C   OXT  sing N N 292 
LYS CB  CG   sing N N 293 
LYS CB  HB2  sing N N 294 
LYS CB  HB3  sing N N 295 
LYS CG  CD   sing N N 296 
LYS CG  HG2  sing N N 297 
LYS CG  HG3  sing N N 298 
LYS CD  CE   sing N N 299 
LYS CD  HD2  sing N N 300 
LYS CD  HD3  sing N N 301 
LYS CE  NZ   sing N N 302 
LYS CE  HE2  sing N N 303 
LYS CE  HE3  sing N N 304 
LYS NZ  HZ1  sing N N 305 
LYS NZ  HZ2  sing N N 306 
LYS NZ  HZ3  sing N N 307 
LYS OXT HXT  sing N N 308 
MET N   CA   sing N N 309 
MET N   H    sing N N 310 
MET N   H2   sing N N 311 
MET CA  C    sing N N 312 
MET CA  CB   sing N N 313 
MET CA  HA   sing N N 314 
MET C   O    doub N N 315 
MET C   OXT  sing N N 316 
MET CB  CG   sing N N 317 
MET CB  HB2  sing N N 318 
MET CB  HB3  sing N N 319 
MET CG  SD   sing N N 320 
MET CG  HG2  sing N N 321 
MET CG  HG3  sing N N 322 
MET SD  CE   sing N N 323 
MET CE  HE1  sing N N 324 
MET CE  HE2  sing N N 325 
MET CE  HE3  sing N N 326 
MET OXT HXT  sing N N 327 
PHE N   CA   sing N N 328 
PHE N   H    sing N N 329 
PHE N   H2   sing N N 330 
PHE CA  C    sing N N 331 
PHE CA  CB   sing N N 332 
PHE CA  HA   sing N N 333 
PHE C   O    doub N N 334 
PHE C   OXT  sing N N 335 
PHE CB  CG   sing N N 336 
PHE CB  HB2  sing N N 337 
PHE CB  HB3  sing N N 338 
PHE CG  CD1  doub Y N 339 
PHE CG  CD2  sing Y N 340 
PHE CD1 CE1  sing Y N 341 
PHE CD1 HD1  sing N N 342 
PHE CD2 CE2  doub Y N 343 
PHE CD2 HD2  sing N N 344 
PHE CE1 CZ   doub Y N 345 
PHE CE1 HE1  sing N N 346 
PHE CE2 CZ   sing Y N 347 
PHE CE2 HE2  sing N N 348 
PHE CZ  HZ   sing N N 349 
PHE OXT HXT  sing N N 350 
PRO N   CA   sing N N 351 
PRO N   CD   sing N N 352 
PRO N   H    sing N N 353 
PRO CA  C    sing N N 354 
PRO CA  CB   sing N N 355 
PRO CA  HA   sing N N 356 
PRO C   O    doub N N 357 
PRO C   OXT  sing N N 358 
PRO CB  CG   sing N N 359 
PRO CB  HB2  sing N N 360 
PRO CB  HB3  sing N N 361 
PRO CG  CD   sing N N 362 
PRO CG  HG2  sing N N 363 
PRO CG  HG3  sing N N 364 
PRO CD  HD2  sing N N 365 
PRO CD  HD3  sing N N 366 
PRO OXT HXT  sing N N 367 
SER N   CA   sing N N 368 
SER N   H    sing N N 369 
SER N   H2   sing N N 370 
SER CA  C    sing N N 371 
SER CA  CB   sing N N 372 
SER CA  HA   sing N N 373 
SER C   O    doub N N 374 
SER C   OXT  sing N N 375 
SER CB  OG   sing N N 376 
SER CB  HB2  sing N N 377 
SER CB  HB3  sing N N 378 
SER OG  HG   sing N N 379 
SER OXT HXT  sing N N 380 
THR N   CA   sing N N 381 
THR N   H    sing N N 382 
THR N   H2   sing N N 383 
THR CA  C    sing N N 384 
THR CA  CB   sing N N 385 
THR CA  HA   sing N N 386 
THR C   O    doub N N 387 
THR C   OXT  sing N N 388 
THR CB  OG1  sing N N 389 
THR CB  CG2  sing N N 390 
THR CB  HB   sing N N 391 
THR OG1 HG1  sing N N 392 
THR CG2 HG21 sing N N 393 
THR CG2 HG22 sing N N 394 
THR CG2 HG23 sing N N 395 
THR OXT HXT  sing N N 396 
TRP N   CA   sing N N 397 
TRP N   H    sing N N 398 
TRP N   H2   sing N N 399 
TRP CA  C    sing N N 400 
TRP CA  CB   sing N N 401 
TRP CA  HA   sing N N 402 
TRP C   O    doub N N 403 
TRP C   OXT  sing N N 404 
TRP CB  CG   sing N N 405 
TRP CB  HB2  sing N N 406 
TRP CB  HB3  sing N N 407 
TRP CG  CD1  doub Y N 408 
TRP CG  CD2  sing Y N 409 
TRP CD1 NE1  sing Y N 410 
TRP CD1 HD1  sing N N 411 
TRP CD2 CE2  doub Y N 412 
TRP CD2 CE3  sing Y N 413 
TRP NE1 CE2  sing Y N 414 
TRP NE1 HE1  sing N N 415 
TRP CE2 CZ2  sing Y N 416 
TRP CE3 CZ3  doub Y N 417 
TRP CE3 HE3  sing N N 418 
TRP CZ2 CH2  doub Y N 419 
TRP CZ2 HZ2  sing N N 420 
TRP CZ3 CH2  sing Y N 421 
TRP CZ3 HZ3  sing N N 422 
TRP CH2 HH2  sing N N 423 
TRP OXT HXT  sing N N 424 
TYR N   CA   sing N N 425 
TYR N   H    sing N N 426 
TYR N   H2   sing N N 427 
TYR CA  C    sing N N 428 
TYR CA  CB   sing N N 429 
TYR CA  HA   sing N N 430 
TYR C   O    doub N N 431 
TYR C   OXT  sing N N 432 
TYR CB  CG   sing N N 433 
TYR CB  HB2  sing N N 434 
TYR CB  HB3  sing N N 435 
TYR CG  CD1  doub Y N 436 
TYR CG  CD2  sing Y N 437 
TYR CD1 CE1  sing Y N 438 
TYR CD1 HD1  sing N N 439 
TYR CD2 CE2  doub Y N 440 
TYR CD2 HD2  sing N N 441 
TYR CE1 CZ   doub Y N 442 
TYR CE1 HE1  sing N N 443 
TYR CE2 CZ   sing Y N 444 
TYR CE2 HE2  sing N N 445 
TYR CZ  OH   sing N N 446 
TYR OH  HH   sing N N 447 
TYR OXT HXT  sing N N 448 
VAL N   CA   sing N N 449 
VAL N   H    sing N N 450 
VAL N   H2   sing N N 451 
VAL CA  C    sing N N 452 
VAL CA  CB   sing N N 453 
VAL CA  HA   sing N N 454 
VAL C   O    doub N N 455 
VAL C   OXT  sing N N 456 
VAL CB  CG1  sing N N 457 
VAL CB  CG2  sing N N 458 
VAL CB  HB   sing N N 459 
VAL CG1 HG11 sing N N 460 
VAL CG1 HG12 sing N N 461 
VAL CG1 HG13 sing N N 462 
VAL CG2 HG21 sing N N 463 
VAL CG2 HG22 sing N N 464 
VAL CG2 HG23 sing N N 465 
VAL OXT HXT  sing N N 466 
# 
_pdbx_entity_instance_feature.ordinal        1 
_pdbx_entity_instance_feature.comp_id        ACO 
_pdbx_entity_instance_feature.asym_id        ? 
_pdbx_entity_instance_feature.seq_num        ? 
_pdbx_entity_instance_feature.auth_comp_id   ACO 
_pdbx_entity_instance_feature.auth_asym_id   ? 
_pdbx_entity_instance_feature.auth_seq_num   ? 
_pdbx_entity_instance_feature.feature_type   'SUBJECT OF INVESTIGATION' 
_pdbx_entity_instance_feature.details        ? 
# 
loop_
_pdbx_entity_nonpoly.entity_id 
_pdbx_entity_nonpoly.name 
_pdbx_entity_nonpoly.comp_id 
2 'ACETYL COENZYME *A' ACO 
3 water                HOH 
# 
_pdbx_initial_refinement_model.id               1 
_pdbx_initial_refinement_model.entity_id_list   ? 
_pdbx_initial_refinement_model.type             'experimental model' 
_pdbx_initial_refinement_model.source_name      PDB 
_pdbx_initial_refinement_model.accession_code   5HGZ 
_pdbx_initial_refinement_model.details          ? 
# 
_pdbx_struct_assembly_auth_evidence.id                     1 
_pdbx_struct_assembly_auth_evidence.assembly_id            1 
_pdbx_struct_assembly_auth_evidence.experimental_support   'gel filtration' 
_pdbx_struct_assembly_auth_evidence.details                ? 
# 
_space_group.name_H-M_alt     'P 61 2 2' 
_space_group.name_Hall        'P 61 2 (x,y,z+5/12)' 
_space_group.IT_number        178 
_space_group.crystal_system   hexagonal 
_space_group.id               1 
# 
